data_5EHD
#
_entry.id   5EHD
#
_cell.length_a   58.799
_cell.length_b   179.720
_cell.length_c   104.300
_cell.angle_alpha   90.00
_cell.angle_beta   94.32
_cell.angle_gamma   90.00
#
_symmetry.space_group_name_H-M   'P 1 21 1'
#
loop_
_entity.id
_entity.type
_entity.pdbx_description
1 polymer Nucleophosmin
2 non-polymer 'CHLORIDE ION'
3 water water
#
_entity_poly.entity_id   1
_entity_poly.type   'polypeptide(L)'
_entity_poly.pdbx_seq_one_letter_code
;MSPLRPQNYLFGCELKADKDYHFKVDNDENEHQLSLRTVSLGAGAKDELHIVEAEAMNYEGSPIKVTLATLKMSVQPTVS
LGGFEITPPVVLRLKCGSGPVHISGQHLVAVEEDAE
;
_entity_poly.pdbx_strand_id   A,B,C,D,E,F,G,H,I,J,a,b,c,d,e,f,g,h,i,j
#
loop_
_chem_comp.id
_chem_comp.type
_chem_comp.name
_chem_comp.formula
CL non-polymer 'CHLORIDE ION' 'Cl -1'
#
# COMPACT_ATOMS: atom_id res chain seq x y z
N PRO A 6 66.10 6.92 -14.48
CA PRO A 6 65.12 5.89 -14.82
C PRO A 6 64.47 6.21 -16.15
N GLN A 7 65.15 5.92 -17.25
CA GLN A 7 64.71 6.41 -18.54
C GLN A 7 63.53 5.60 -19.06
N ASN A 8 62.67 6.25 -19.82
CA ASN A 8 61.32 5.74 -20.03
C ASN A 8 60.87 5.91 -21.48
N TYR A 9 60.49 4.80 -22.11
CA TYR A 9 60.02 4.76 -23.49
C TYR A 9 58.63 4.16 -23.61
N LEU A 10 57.95 4.53 -24.69
CA LEU A 10 56.67 3.93 -24.99
C LEU A 10 56.83 2.47 -25.36
N PHE A 11 55.91 1.64 -24.88
CA PHE A 11 55.82 0.24 -25.23
C PHE A 11 54.39 -0.11 -25.61
N GLY A 12 54.24 -0.95 -26.64
CA GLY A 12 52.94 -1.45 -26.98
C GLY A 12 53.02 -2.68 -27.86
N CYS A 13 51.96 -3.46 -27.81
CA CYS A 13 51.84 -4.61 -28.70
C CYS A 13 50.37 -4.95 -28.88
N GLU A 14 50.14 -5.81 -29.84
CA GLU A 14 48.82 -6.32 -30.18
C GLU A 14 48.87 -7.84 -30.13
N LEU A 15 47.91 -8.45 -29.46
CA LEU A 15 47.84 -9.89 -29.36
C LEU A 15 46.62 -10.41 -30.11
N LYS A 16 46.80 -11.55 -30.78
CA LYS A 16 45.71 -12.31 -31.36
C LYS A 16 45.88 -13.77 -30.98
N ALA A 17 44.84 -14.57 -31.26
CA ALA A 17 44.86 -15.98 -30.85
C ALA A 17 46.09 -16.72 -31.39
N ASP A 18 46.56 -16.35 -32.57
CA ASP A 18 47.75 -16.95 -33.17
C ASP A 18 48.86 -15.92 -33.27
N LYS A 19 49.02 -15.09 -32.23
CA LYS A 19 50.02 -14.02 -32.26
C LYS A 19 50.31 -13.59 -30.82
N ASP A 20 51.42 -14.05 -30.28
CA ASP A 20 51.89 -13.62 -28.98
C ASP A 20 52.91 -12.50 -29.15
N TYR A 21 53.47 -12.05 -28.03
CA TYR A 21 54.52 -11.05 -28.06
C TYR A 21 55.63 -11.48 -27.10
N HIS A 22 56.86 -11.38 -27.56
CA HIS A 22 58.01 -11.82 -26.78
C HIS A 22 58.84 -10.59 -26.45
N PHE A 23 58.90 -10.23 -25.17
CA PHE A 23 59.75 -9.14 -24.73
C PHE A 23 61.05 -9.73 -24.19
N LYS A 24 62.18 -9.25 -24.72
CA LYS A 24 63.45 -9.98 -24.59
C LYS A 24 64.54 -9.23 -23.82
N VAL A 25 64.94 -8.04 -24.29
CA VAL A 25 66.11 -7.30 -23.78
C VAL A 25 67.42 -8.04 -24.08
N ASP A 26 68.31 -7.38 -24.82
CA ASP A 26 69.40 -8.02 -25.54
C ASP A 26 70.68 -8.03 -24.71
N ASN A 27 71.83 -8.12 -25.38
CA ASN A 27 73.16 -8.10 -24.78
C ASN A 27 73.48 -6.70 -24.26
N ASP A 28 72.56 -6.12 -23.53
CA ASP A 28 72.66 -4.82 -22.90
C ASP A 28 73.39 -4.96 -21.56
N GLU A 29 73.77 -3.81 -20.98
CA GLU A 29 74.34 -3.79 -19.64
C GLU A 29 73.36 -3.32 -18.58
N ASN A 30 72.40 -2.48 -18.96
CA ASN A 30 71.44 -1.89 -18.02
C ASN A 30 70.40 -2.93 -17.63
N GLU A 31 69.68 -2.64 -16.55
CA GLU A 31 68.50 -3.44 -16.25
C GLU A 31 67.27 -2.80 -16.88
N HIS A 32 66.31 -3.64 -17.25
CA HIS A 32 65.12 -3.26 -17.99
C HIS A 32 63.90 -3.75 -17.23
N GLN A 33 62.82 -2.98 -17.29
CA GLN A 33 61.55 -3.42 -16.75
C GLN A 33 60.45 -3.05 -17.73
N LEU A 34 59.47 -3.93 -17.85
CA LEU A 34 58.25 -3.64 -18.59
C LEU A 34 57.16 -3.25 -17.61
N SER A 35 56.63 -2.04 -17.75
CA SER A 35 55.56 -1.52 -16.88
C SER A 35 54.28 -1.44 -17.70
N LEU A 36 53.39 -2.41 -17.48
CA LEU A 36 52.17 -2.50 -18.25
C LEU A 36 51.10 -1.58 -17.67
N ARG A 37 50.42 -0.85 -18.55
CA ARG A 37 49.45 0.16 -18.13
C ARG A 37 48.03 -0.26 -18.48
N THR A 38 47.69 -0.39 -19.77
CA THR A 38 46.34 -0.76 -20.15
C THR A 38 46.31 -1.99 -21.05
N VAL A 39 45.22 -2.74 -20.91
CA VAL A 39 44.83 -3.80 -21.80
C VAL A 39 43.48 -3.39 -22.38
N SER A 40 43.39 -3.31 -23.70
CA SER A 40 42.13 -2.90 -24.31
C SER A 40 41.86 -3.69 -25.58
N LEU A 41 40.57 -3.91 -25.83
CA LEU A 41 40.10 -4.63 -27.00
C LEU A 41 40.18 -3.75 -28.23
N GLY A 42 40.60 -4.35 -29.34
CA GLY A 42 40.63 -3.69 -30.62
C GLY A 42 39.25 -3.54 -31.24
N ALA A 43 39.20 -2.70 -32.27
CA ALA A 43 37.93 -2.28 -32.86
C ALA A 43 37.12 -3.45 -33.40
N GLY A 44 37.78 -4.41 -34.04
CA GLY A 44 37.01 -5.48 -34.64
C GLY A 44 36.77 -6.70 -33.78
N ALA A 45 37.16 -6.68 -32.50
CA ALA A 45 37.07 -7.89 -31.69
C ALA A 45 35.63 -8.32 -31.47
N LYS A 46 35.37 -9.61 -31.65
CA LYS A 46 34.08 -10.18 -31.31
C LYS A 46 33.78 -9.91 -29.84
N ASP A 47 32.50 -10.07 -29.48
CA ASP A 47 32.03 -9.90 -28.10
C ASP A 47 32.13 -11.22 -27.33
N GLU A 48 33.28 -11.86 -27.46
CA GLU A 48 33.66 -13.08 -26.75
C GLU A 48 34.52 -12.70 -25.55
N LEU A 49 34.67 -13.64 -24.63
CA LEU A 49 35.60 -13.46 -23.52
C LEU A 49 37.04 -13.43 -24.01
N HIS A 50 37.80 -12.42 -23.59
CA HIS A 50 39.23 -12.37 -23.86
C HIS A 50 39.99 -12.43 -22.55
N ILE A 51 40.99 -13.32 -22.49
CA ILE A 51 41.85 -13.49 -21.32
C ILE A 51 43.31 -13.35 -21.77
N VAL A 52 44.00 -12.37 -21.19
CA VAL A 52 45.38 -12.05 -21.55
C VAL A 52 46.32 -12.66 -20.52
N GLU A 53 47.38 -13.32 -20.99
CA GLU A 53 48.26 -14.04 -20.09
C GLU A 53 49.67 -13.51 -20.20
N ALA A 54 50.39 -13.56 -19.08
CA ALA A 54 51.80 -13.20 -19.03
C ALA A 54 52.54 -14.41 -18.48
N GLU A 55 53.72 -14.68 -19.02
CA GLU A 55 54.55 -15.78 -18.55
C GLU A 55 55.95 -15.24 -18.29
N ALA A 56 56.44 -15.49 -17.08
CA ALA A 56 57.75 -15.02 -16.64
C ALA A 56 58.18 -15.85 -15.43
N MET A 57 59.40 -15.63 -14.99
CA MET A 57 59.96 -16.33 -13.85
C MET A 57 59.30 -15.87 -12.56
N ASN A 58 58.94 -16.82 -11.72
CA ASN A 58 58.60 -16.50 -10.35
C ASN A 58 59.90 -16.47 -9.54
N TYR A 59 59.77 -16.25 -8.23
CA TYR A 59 60.94 -16.10 -7.36
C TYR A 59 61.67 -17.43 -7.13
N GLU A 60 60.99 -18.56 -7.31
CA GLU A 60 61.61 -19.87 -7.09
C GLU A 60 62.41 -20.36 -8.29
N GLY A 61 62.43 -19.61 -9.39
CA GLY A 61 63.17 -19.98 -10.57
C GLY A 61 62.35 -20.60 -11.66
N SER A 62 61.10 -20.84 -11.43
CA SER A 62 60.31 -21.53 -12.44
C SER A 62 59.44 -20.57 -13.25
N PRO A 63 59.12 -20.91 -14.49
CA PRO A 63 58.21 -20.06 -15.26
C PRO A 63 56.80 -20.22 -14.76
N ILE A 64 56.08 -19.10 -14.67
CA ILE A 64 54.70 -19.09 -14.18
C ILE A 64 53.81 -18.38 -15.19
N LYS A 65 52.66 -18.97 -15.46
CA LYS A 65 51.63 -18.38 -16.31
C LYS A 65 50.63 -17.63 -15.44
N VAL A 66 50.28 -16.41 -15.84
CA VAL A 66 49.52 -15.51 -14.99
C VAL A 66 48.47 -14.81 -15.83
N THR A 67 47.26 -14.72 -15.32
CA THR A 67 46.21 -13.98 -16.00
C THR A 67 46.26 -12.51 -15.60
N LEU A 68 46.44 -11.63 -16.58
CA LEU A 68 46.44 -10.20 -16.31
C LEU A 68 45.05 -9.61 -16.32
N ALA A 69 44.20 -10.02 -17.25
CA ALA A 69 42.93 -9.34 -17.41
C ALA A 69 41.95 -10.25 -18.14
N THR A 70 40.67 -10.09 -17.79
CA THR A 70 39.55 -10.69 -18.48
C THR A 70 38.73 -9.55 -19.07
N LEU A 71 38.55 -9.55 -20.39
CA LEU A 71 37.91 -8.46 -21.08
C LEU A 71 36.75 -8.97 -21.92
N LYS A 72 35.75 -8.12 -22.08
CA LYS A 72 34.63 -8.43 -22.96
C LYS A 72 34.09 -7.11 -23.49
N MET A 73 33.89 -7.03 -24.80
CA MET A 73 33.65 -5.74 -25.45
C MET A 73 32.42 -5.03 -24.88
N SER A 74 31.32 -5.76 -24.67
CA SER A 74 30.08 -5.13 -24.23
C SER A 74 29.99 -4.98 -22.70
N VAL A 75 31.02 -5.37 -21.96
CA VAL A 75 31.04 -5.28 -20.50
C VAL A 75 32.21 -4.45 -20.00
N GLN A 76 33.42 -4.74 -20.49
CA GLN A 76 34.63 -4.06 -20.03
C GLN A 76 35.69 -4.12 -21.12
N PRO A 77 35.70 -3.16 -22.05
CA PRO A 77 36.67 -3.23 -23.16
C PRO A 77 38.10 -2.90 -22.76
N THR A 78 38.31 -2.20 -21.64
CA THR A 78 39.64 -1.75 -21.22
C THR A 78 39.83 -2.04 -19.74
N VAL A 79 41.03 -2.50 -19.39
CA VAL A 79 41.44 -2.68 -18.01
C VAL A 79 42.73 -1.89 -17.81
N SER A 80 42.79 -1.13 -16.72
CA SER A 80 43.99 -0.38 -16.39
C SER A 80 44.74 -1.09 -15.27
N LEU A 81 46.02 -1.41 -15.52
CA LEU A 81 46.83 -2.17 -14.56
C LEU A 81 47.69 -1.29 -13.68
N GLY A 82 47.80 0.00 -14.00
CA GLY A 82 48.45 0.95 -13.11
C GLY A 82 49.95 0.84 -12.96
N GLY A 83 50.65 0.34 -13.97
CA GLY A 83 52.10 0.24 -13.84
C GLY A 83 52.48 -1.08 -13.23
N PHE A 84 52.08 -2.16 -13.88
CA PHE A 84 52.43 -3.52 -13.49
C PHE A 84 53.80 -3.86 -14.08
N GLU A 85 54.81 -3.91 -13.22
CA GLU A 85 56.19 -4.13 -13.65
C GLU A 85 56.53 -5.61 -13.66
N ILE A 86 57.20 -6.02 -14.73
CA ILE A 86 57.63 -7.39 -14.94
C ILE A 86 59.07 -7.35 -15.43
N THR A 87 59.88 -8.23 -14.90
CA THR A 87 61.26 -8.30 -15.35
C THR A 87 61.35 -9.16 -16.60
N PRO A 88 61.98 -8.66 -17.69
CA PRO A 88 62.15 -9.52 -18.88
C PRO A 88 63.05 -10.70 -18.57
N PRO A 89 62.92 -11.80 -19.31
CA PRO A 89 62.00 -12.06 -20.42
C PRO A 89 60.55 -12.29 -20.00
N VAL A 90 59.64 -11.82 -20.84
CA VAL A 90 58.21 -12.00 -20.63
C VAL A 90 57.58 -12.39 -21.95
N VAL A 91 56.67 -13.35 -21.91
CA VAL A 91 55.81 -13.63 -23.04
C VAL A 91 54.42 -13.20 -22.63
N LEU A 92 53.74 -12.49 -23.53
CA LEU A 92 52.35 -12.10 -23.37
C LEU A 92 51.54 -12.82 -24.43
N ARG A 93 50.39 -13.36 -24.03
CA ARG A 93 49.57 -14.10 -25.00
C ARG A 93 48.10 -14.07 -24.58
N LEU A 94 47.24 -14.34 -25.55
CA LEU A 94 45.82 -14.53 -25.32
C LEU A 94 45.55 -15.97 -24.94
N LYS A 95 45.06 -16.18 -23.72
CA LYS A 95 44.71 -17.52 -23.29
C LYS A 95 43.39 -17.96 -23.89
N CYS A 96 42.50 -17.02 -24.19
CA CYS A 96 41.31 -17.30 -25.01
C CYS A 96 40.78 -15.98 -25.55
N GLY A 97 39.92 -16.08 -26.56
CA GLY A 97 39.56 -14.94 -27.39
C GLY A 97 40.45 -14.79 -28.61
N SER A 98 39.88 -14.19 -29.65
CA SER A 98 40.56 -14.04 -30.93
C SER A 98 41.24 -12.69 -31.10
N GLY A 99 40.91 -11.71 -30.27
CA GLY A 99 41.49 -10.39 -30.39
C GLY A 99 40.88 -9.57 -31.52
N PRO A 100 41.56 -8.47 -31.92
CA PRO A 100 42.85 -8.00 -31.40
C PRO A 100 42.74 -7.50 -29.97
N VAL A 101 43.78 -7.72 -29.17
CA VAL A 101 43.87 -7.14 -27.84
C VAL A 101 45.13 -6.30 -27.78
N HIS A 102 45.00 -5.06 -27.36
CA HIS A 102 46.13 -4.16 -27.31
C HIS A 102 46.65 -4.03 -25.89
N ILE A 103 47.97 -3.95 -25.77
CA ILE A 103 48.62 -3.73 -24.49
C ILE A 103 49.50 -2.52 -24.64
N SER A 104 49.47 -1.64 -23.66
CA SER A 104 50.30 -0.46 -23.71
C SER A 104 51.03 -0.34 -22.40
N GLY A 105 52.18 0.31 -22.45
CA GLY A 105 52.92 0.52 -21.23
C GLY A 105 54.21 1.23 -21.51
N GLN A 106 55.10 1.09 -20.55
CA GLN A 106 56.39 1.75 -20.55
C GLN A 106 57.47 0.69 -20.56
N HIS A 107 58.54 0.96 -21.31
CA HIS A 107 59.78 0.20 -21.19
C HIS A 107 60.76 1.07 -20.42
N LEU A 108 61.13 0.65 -19.22
CA LEU A 108 61.97 1.41 -18.33
C LEU A 108 63.37 0.82 -18.34
N VAL A 109 64.39 1.69 -18.41
CA VAL A 109 65.80 1.28 -18.47
C VAL A 109 66.60 2.02 -17.41
N ALA A 110 67.51 1.28 -16.75
CA ALA A 110 68.34 1.76 -15.65
C ALA A 110 69.47 2.71 -16.02
N VAL A 111 70.68 2.19 -16.04
CA VAL A 111 71.90 3.00 -16.06
C VAL A 111 72.17 3.57 -17.45
N PRO B 6 64.84 -3.25 -4.59
CA PRO B 6 63.59 -4.03 -4.55
C PRO B 6 63.41 -4.93 -5.78
N GLN B 7 63.80 -6.19 -5.65
CA GLN B 7 63.57 -7.16 -6.72
C GLN B 7 62.08 -7.48 -6.81
N ASN B 8 61.59 -7.73 -8.03
CA ASN B 8 60.20 -8.11 -8.23
C ASN B 8 60.10 -9.27 -9.20
N TYR B 9 59.35 -10.30 -8.80
CA TYR B 9 59.10 -11.46 -9.62
C TYR B 9 57.59 -11.56 -9.82
N LEU B 10 57.19 -12.19 -10.92
CA LEU B 10 55.77 -12.37 -11.21
C LEU B 10 55.17 -13.34 -10.20
N PHE B 11 53.95 -13.05 -9.79
CA PHE B 11 53.18 -13.93 -8.94
C PHE B 11 51.81 -14.13 -9.57
N GLY B 12 51.27 -15.33 -9.43
CA GLY B 12 49.91 -15.59 -9.86
C GLY B 12 49.39 -16.86 -9.22
N CYS B 13 48.06 -16.97 -9.15
CA CYS B 13 47.46 -18.20 -8.69
C CYS B 13 46.01 -18.26 -9.15
N GLU B 14 45.41 -19.44 -9.01
CA GLU B 14 44.03 -19.69 -9.37
C GLU B 14 43.30 -20.20 -8.13
N LEU B 15 42.14 -19.60 -7.82
CA LEU B 15 41.34 -19.98 -6.67
C LEU B 15 40.04 -20.62 -7.13
N LYS B 16 39.63 -21.66 -6.40
CA LYS B 16 38.36 -22.32 -6.60
C LYS B 16 37.70 -22.52 -5.23
N ALA B 17 36.47 -23.05 -5.27
CA ALA B 17 35.69 -23.19 -4.04
C ALA B 17 36.48 -23.90 -2.95
N ASP B 18 36.93 -25.12 -3.22
CA ASP B 18 37.69 -25.88 -2.22
C ASP B 18 39.20 -25.76 -2.44
N LYS B 19 39.70 -24.58 -2.81
CA LYS B 19 41.14 -24.40 -3.02
C LYS B 19 41.56 -23.03 -2.49
N ASP B 20 42.04 -23.01 -1.24
CA ASP B 20 42.79 -21.87 -0.72
C ASP B 20 44.16 -21.78 -1.44
N TYR B 21 44.77 -20.61 -1.37
CA TYR B 21 46.17 -20.46 -1.77
C TYR B 21 46.94 -19.82 -0.63
N HIS B 22 48.01 -20.48 -0.21
CA HIS B 22 48.85 -20.00 0.87
C HIS B 22 50.17 -19.46 0.33
N PHE B 23 50.51 -18.25 0.76
CA PHE B 23 51.76 -17.58 0.48
C PHE B 23 52.41 -17.28 1.83
N LYS B 24 53.45 -17.96 2.37
CA LYS B 24 54.57 -18.77 1.85
C LYS B 24 55.79 -17.90 2.24
N VAL B 25 56.98 -18.47 2.11
CA VAL B 25 58.35 -17.92 2.27
C VAL B 25 59.18 -19.11 2.72
N ASP B 26 60.43 -18.88 3.10
CA ASP B 26 61.29 -19.98 3.50
C ASP B 26 62.13 -19.57 4.70
N ASN B 27 63.08 -20.43 5.07
CA ASN B 27 64.16 -20.06 5.99
C ASN B 27 64.90 -18.84 5.46
N ASP B 28 64.21 -17.74 5.26
CA ASP B 28 64.71 -16.65 4.44
C ASP B 28 65.21 -15.50 5.30
N GLU B 29 66.03 -14.65 4.66
CA GLU B 29 66.74 -13.56 5.30
C GLU B 29 66.19 -12.18 4.92
N ASN B 30 65.40 -12.09 3.86
CA ASN B 30 64.98 -10.80 3.31
C ASN B 30 63.58 -10.44 3.79
N GLU B 31 63.08 -9.31 3.31
CA GLU B 31 61.69 -8.92 3.46
C GLU B 31 60.94 -9.33 2.19
N HIS B 32 59.73 -9.84 2.37
CA HIS B 32 58.90 -10.26 1.24
C HIS B 32 57.58 -9.51 1.28
N GLN B 33 57.08 -9.16 0.10
CA GLN B 33 55.75 -8.57 0.01
C GLN B 33 55.03 -9.15 -1.19
N LEU B 34 53.72 -9.36 -1.03
CA LEU B 34 52.85 -9.63 -2.16
C LEU B 34 52.28 -8.32 -2.61
N SER B 35 52.47 -7.98 -3.87
CA SER B 35 51.86 -6.79 -4.43
C SER B 35 50.80 -7.32 -5.40
N LEU B 36 49.55 -7.35 -4.93
CA LEU B 36 48.46 -7.88 -5.73
C LEU B 36 48.02 -6.84 -6.73
N ARG B 37 47.80 -7.28 -7.97
CA ARG B 37 47.51 -6.37 -9.06
C ARG B 37 46.08 -6.56 -9.57
N THR B 38 45.78 -7.69 -10.19
CA THR B 38 44.46 -7.92 -10.75
C THR B 38 43.84 -9.20 -10.22
N VAL B 39 42.52 -9.17 -10.14
CA VAL B 39 41.65 -10.31 -9.89
C VAL B 39 40.74 -10.43 -11.09
N SER B 40 40.68 -11.63 -11.68
CA SER B 40 39.93 -11.84 -12.92
C SER B 40 39.25 -13.20 -12.90
N LEU B 41 38.07 -13.26 -13.51
CA LEU B 41 37.34 -14.51 -13.63
C LEU B 41 37.90 -15.34 -14.78
N GLY B 42 38.09 -16.65 -14.53
CA GLY B 42 38.53 -17.55 -15.58
C GLY B 42 37.44 -17.88 -16.57
N ALA B 43 37.86 -18.48 -17.69
CA ALA B 43 36.92 -18.75 -18.79
C ALA B 43 35.77 -19.63 -18.34
N GLY B 44 36.01 -20.59 -17.47
CA GLY B 44 34.92 -21.47 -17.09
C GLY B 44 34.05 -21.00 -15.94
N ALA B 45 34.26 -19.79 -15.42
CA ALA B 45 33.50 -19.33 -14.27
C ALA B 45 32.03 -19.11 -14.62
N LYS B 46 31.15 -19.49 -13.69
CA LYS B 46 29.72 -19.23 -13.83
C LYS B 46 29.42 -17.74 -13.59
N ASP B 47 28.23 -17.32 -13.99
CA ASP B 47 27.82 -15.92 -13.78
C ASP B 47 27.19 -15.71 -12.41
N GLU B 48 27.85 -16.24 -11.41
CA GLU B 48 27.51 -16.09 -10.01
C GLU B 48 28.40 -15.00 -9.44
N LEU B 49 28.01 -14.48 -8.28
CA LEU B 49 28.85 -13.54 -7.58
C LEU B 49 30.08 -14.27 -7.05
N HIS B 50 31.27 -13.73 -7.32
CA HIS B 50 32.50 -14.24 -6.74
C HIS B 50 33.07 -13.18 -5.81
N ILE B 51 33.44 -13.59 -4.61
CA ILE B 51 34.04 -12.71 -3.61
C ILE B 51 35.36 -13.32 -3.21
N VAL B 52 36.44 -12.57 -3.41
CA VAL B 52 37.79 -13.03 -3.13
C VAL B 52 38.21 -12.45 -1.80
N GLU B 53 38.74 -13.29 -0.93
CA GLU B 53 39.12 -12.90 0.41
C GLU B 53 40.59 -13.22 0.65
N ALA B 54 41.24 -12.36 1.44
CA ALA B 54 42.63 -12.53 1.85
C ALA B 54 42.68 -12.54 3.37
N GLU B 55 43.58 -13.33 3.95
CA GLU B 55 43.74 -13.34 5.40
C GLU B 55 45.21 -13.18 5.79
N ALA B 56 45.46 -12.23 6.68
CA ALA B 56 46.80 -11.95 7.18
C ALA B 56 46.66 -11.27 8.53
N MET B 57 47.80 -11.05 9.19
CA MET B 57 47.79 -10.46 10.52
C MET B 57 47.54 -8.97 10.45
N ASN B 58 46.74 -8.46 11.39
CA ASN B 58 46.43 -7.04 11.49
C ASN B 58 47.52 -6.33 12.30
N TYR B 59 47.30 -5.04 12.58
CA TYR B 59 48.28 -4.26 13.33
C TYR B 59 48.41 -4.72 14.78
N GLU B 60 47.32 -5.22 15.37
CA GLU B 60 47.42 -5.71 16.74
C GLU B 60 48.21 -7.01 16.81
N GLY B 61 48.23 -7.78 15.74
CA GLY B 61 48.92 -9.05 15.75
C GLY B 61 48.08 -10.27 15.42
N SER B 62 46.66 -10.09 15.29
CA SER B 62 45.73 -11.19 15.12
C SER B 62 45.42 -11.37 13.66
N PRO B 63 45.02 -12.56 13.21
CA PRO B 63 44.64 -12.72 11.82
C PRO B 63 43.32 -12.01 11.54
N ILE B 64 43.23 -11.37 10.38
CA ILE B 64 42.02 -10.67 9.94
C ILE B 64 41.68 -11.09 8.52
N LYS B 65 40.43 -11.49 8.30
CA LYS B 65 39.94 -11.83 6.98
C LYS B 65 39.42 -10.57 6.30
N VAL B 66 39.76 -10.41 5.02
CA VAL B 66 39.50 -9.16 4.32
C VAL B 66 39.01 -9.47 2.91
N THR B 67 37.96 -8.78 2.47
CA THR B 67 37.46 -8.92 1.12
C THR B 67 38.23 -8.01 0.18
N LEU B 68 38.89 -8.62 -0.81
CA LEU B 68 39.63 -7.83 -1.79
C LEU B 68 38.73 -7.36 -2.92
N ALA B 69 37.81 -8.21 -3.36
CA ALA B 69 37.05 -7.88 -4.57
C ALA B 69 35.76 -8.68 -4.65
N THR B 70 34.76 -8.05 -5.25
CA THR B 70 33.51 -8.69 -5.66
C THR B 70 33.41 -8.63 -7.17
N LEU B 71 33.30 -9.78 -7.79
CA LEU B 71 33.32 -9.90 -9.25
C LEU B 71 32.07 -10.61 -9.74
N LYS B 72 31.67 -10.24 -10.95
CA LYS B 72 30.57 -10.96 -11.58
C LYS B 72 30.80 -10.87 -13.07
N MET B 73 30.69 -12.03 -13.73
CA MET B 73 31.18 -12.18 -15.10
C MET B 73 30.52 -11.18 -16.04
N SER B 74 29.21 -11.01 -15.94
CA SER B 74 28.46 -10.15 -16.85
C SER B 74 28.41 -8.69 -16.38
N VAL B 75 29.08 -8.34 -15.29
CA VAL B 75 29.03 -7.02 -14.70
C VAL B 75 30.42 -6.40 -14.59
N GLN B 76 31.35 -7.12 -14.01
CA GLN B 76 32.71 -6.66 -13.74
C GLN B 76 33.61 -7.88 -13.66
N PRO B 77 34.13 -8.36 -14.80
CA PRO B 77 34.93 -9.60 -14.77
C PRO B 77 36.33 -9.43 -14.20
N THR B 78 36.87 -8.21 -14.15
CA THR B 78 38.23 -7.97 -13.72
C THR B 78 38.23 -6.77 -12.77
N VAL B 79 39.02 -6.88 -11.70
CA VAL B 79 39.28 -5.79 -10.79
C VAL B 79 40.79 -5.57 -10.66
N SER B 80 41.21 -4.31 -10.80
CA SER B 80 42.61 -3.91 -10.66
C SER B 80 42.81 -3.25 -9.31
N LEU B 81 43.76 -3.75 -8.54
CA LEU B 81 44.02 -3.32 -7.18
C LEU B 81 45.14 -2.31 -7.08
N GLY B 82 45.94 -2.14 -8.13
CA GLY B 82 46.96 -1.10 -8.18
C GLY B 82 48.16 -1.32 -7.29
N GLY B 83 48.50 -2.58 -7.00
CA GLY B 83 49.66 -2.84 -6.15
C GLY B 83 49.30 -2.86 -4.68
N PHE B 84 48.40 -3.76 -4.31
CA PHE B 84 47.97 -3.96 -2.91
C PHE B 84 48.99 -4.85 -2.20
N GLU B 85 49.73 -4.25 -1.28
CA GLU B 85 50.87 -4.88 -0.63
C GLU B 85 50.48 -5.50 0.69
N ILE B 86 50.86 -6.76 0.87
CA ILE B 86 50.50 -7.52 2.03
C ILE B 86 51.74 -8.29 2.47
N THR B 87 51.98 -8.31 3.77
CA THR B 87 53.09 -9.04 4.34
C THR B 87 52.70 -10.51 4.53
N PRO B 88 53.51 -11.46 4.04
CA PRO B 88 53.28 -12.89 4.26
C PRO B 88 53.40 -13.25 5.74
N PRO B 89 52.78 -14.36 6.17
CA PRO B 89 51.95 -15.29 5.39
C PRO B 89 50.57 -14.73 5.04
N VAL B 90 50.09 -15.07 3.85
CA VAL B 90 48.78 -14.63 3.38
C VAL B 90 48.07 -15.81 2.77
N VAL B 91 46.81 -15.97 3.12
CA VAL B 91 45.96 -16.97 2.48
C VAL B 91 44.95 -16.23 1.61
N LEU B 92 44.74 -16.72 0.40
CA LEU B 92 43.76 -16.22 -0.53
C LEU B 92 42.71 -17.28 -0.80
N ARG B 93 41.44 -16.88 -0.78
CA ARG B 93 40.37 -17.86 -0.99
C ARG B 93 39.12 -17.19 -1.54
N LEU B 94 38.27 -18.04 -2.10
CA LEU B 94 36.94 -17.64 -2.50
C LEU B 94 36.00 -17.73 -1.31
N LYS B 95 35.49 -16.57 -0.84
CA LYS B 95 34.48 -16.60 0.21
C LYS B 95 33.14 -16.99 -0.38
N CYS B 96 32.93 -16.76 -1.67
CA CYS B 96 31.80 -17.38 -2.34
C CYS B 96 32.05 -17.33 -3.85
N GLY B 97 31.29 -18.14 -4.58
CA GLY B 97 31.54 -18.48 -5.97
C GLY B 97 32.45 -19.69 -6.11
N SER B 98 32.32 -20.39 -7.24
CA SER B 98 33.11 -21.61 -7.47
C SER B 98 34.40 -21.38 -8.25
N GLY B 99 34.56 -20.24 -8.90
CA GLY B 99 35.75 -19.98 -9.69
C GLY B 99 35.67 -20.67 -11.05
N PRO B 100 36.81 -20.76 -11.77
CA PRO B 100 38.14 -20.28 -11.38
C PRO B 100 38.27 -18.76 -11.35
N VAL B 101 39.00 -18.29 -10.34
CA VAL B 101 39.37 -16.89 -10.20
C VAL B 101 40.89 -16.82 -10.18
N HIS B 102 41.46 -15.96 -11.01
CA HIS B 102 42.90 -15.79 -11.10
C HIS B 102 43.31 -14.55 -10.35
N ILE B 103 44.46 -14.61 -9.72
CA ILE B 103 45.03 -13.47 -9.03
C ILE B 103 46.39 -13.23 -9.65
N SER B 104 46.72 -11.99 -9.90
CA SER B 104 48.03 -11.68 -10.43
C SER B 104 48.66 -10.60 -9.56
N GLY B 105 49.97 -10.60 -9.54
CA GLY B 105 50.69 -9.59 -8.82
C GLY B 105 52.18 -9.84 -8.91
N GLN B 106 52.88 -9.19 -8.00
CA GLN B 106 54.32 -9.23 -7.92
C GLN B 106 54.72 -9.81 -6.57
N HIS B 107 55.79 -10.58 -6.56
CA HIS B 107 56.46 -10.98 -5.34
C HIS B 107 57.68 -10.08 -5.22
N LEU B 108 57.72 -9.27 -4.16
CA LEU B 108 58.79 -8.30 -3.96
C LEU B 108 59.77 -8.79 -2.90
N VAL B 109 61.08 -8.61 -3.16
CA VAL B 109 62.12 -9.07 -2.25
C VAL B 109 63.14 -7.98 -1.96
N ALA B 110 63.51 -7.87 -0.69
CA ALA B 110 64.51 -6.93 -0.19
C ALA B 110 65.89 -7.19 -0.80
N ARG C 5 59.29 2.19 3.16
CA ARG C 5 59.94 2.49 4.45
C ARG C 5 59.10 2.09 5.69
N PRO C 6 57.81 2.41 5.74
CA PRO C 6 56.99 2.01 6.88
C PRO C 6 56.64 0.52 6.82
N GLN C 7 56.14 0.03 7.95
CA GLN C 7 55.62 -1.33 8.04
C GLN C 7 54.10 -1.30 7.79
N ASN C 8 53.60 -2.40 7.26
CA ASN C 8 52.26 -2.42 6.71
C ASN C 8 51.53 -3.68 7.16
N TYR C 9 50.33 -3.49 7.67
CA TYR C 9 49.49 -4.58 8.12
C TYR C 9 48.17 -4.55 7.36
N LEU C 10 47.58 -5.72 7.20
CA LEU C 10 46.30 -5.81 6.52
C LEU C 10 45.22 -5.18 7.39
N PHE C 11 44.32 -4.46 6.73
CA PHE C 11 43.20 -3.79 7.37
C PHE C 11 41.91 -4.13 6.65
N GLY C 12 40.82 -4.26 7.41
CA GLY C 12 39.53 -4.48 6.80
C GLY C 12 38.41 -4.21 7.77
N CYS C 13 37.24 -3.94 7.22
CA CYS C 13 36.04 -3.84 8.04
C CYS C 13 34.83 -4.10 7.16
N GLU C 14 33.69 -4.24 7.83
CA GLU C 14 32.39 -4.42 7.21
C GLU C 14 31.47 -3.31 7.70
N LEU C 15 30.78 -2.66 6.77
CA LEU C 15 29.82 -1.62 7.11
C LEU C 15 28.40 -2.05 6.78
N LYS C 16 27.48 -1.71 7.67
CA LYS C 16 26.06 -1.89 7.44
C LYS C 16 25.32 -0.61 7.82
N ALA C 17 24.00 -0.62 7.57
CA ALA C 17 23.18 0.55 7.82
C ALA C 17 23.31 1.03 9.26
N ASP C 18 23.37 0.11 10.23
CA ASP C 18 23.54 0.47 11.62
C ASP C 18 24.86 -0.05 12.19
N LYS C 19 25.94 0.05 11.42
CA LYS C 19 27.25 -0.37 11.90
C LYS C 19 28.30 0.43 11.14
N ASP C 20 28.80 1.47 11.78
CA ASP C 20 29.87 2.27 11.21
C ASP C 20 31.20 1.75 11.73
N TYR C 21 32.32 2.36 11.30
CA TYR C 21 33.64 1.93 11.73
C TYR C 21 34.53 3.14 12.05
N HIS C 22 35.28 3.04 13.16
CA HIS C 22 36.11 4.12 13.70
C HIS C 22 37.53 3.61 13.86
N PHE C 23 38.51 4.36 13.35
CA PHE C 23 39.89 3.88 13.30
C PHE C 23 40.60 4.23 14.61
N LYS C 24 41.09 3.21 15.31
CA LYS C 24 41.51 3.32 16.70
C LYS C 24 43.02 3.61 16.78
N VAL C 25 43.37 4.81 17.23
CA VAL C 25 44.75 5.12 17.63
C VAL C 25 44.91 4.69 19.08
N ASP C 26 46.15 4.65 19.58
CA ASP C 26 46.40 4.27 20.96
C ASP C 26 47.50 5.16 21.54
N ASN C 27 47.76 4.99 22.84
CA ASN C 27 48.80 5.73 23.54
C ASN C 27 50.19 5.47 22.97
N ASP C 28 50.41 5.67 21.66
CA ASP C 28 51.70 5.34 21.08
C ASP C 28 52.33 6.54 20.37
N GLU C 29 53.60 6.36 20.03
CA GLU C 29 54.46 7.37 19.41
C GLU C 29 54.39 7.34 17.89
N ASN C 30 54.11 6.17 17.32
CA ASN C 30 54.23 5.96 15.88
C ASN C 30 53.25 6.83 15.12
N GLU C 31 53.67 7.29 13.93
CA GLU C 31 52.73 7.92 13.01
C GLU C 31 52.02 6.85 12.21
N HIS C 32 50.70 6.90 12.21
CA HIS C 32 49.88 5.89 11.55
C HIS C 32 49.20 6.48 10.32
N GLN C 33 49.06 5.65 9.30
CA GLN C 33 48.26 6.01 8.15
C GLN C 33 47.41 4.81 7.76
N LEU C 34 46.17 5.11 7.41
CA LEU C 34 45.25 4.15 6.83
C LEU C 34 45.24 4.35 5.32
N SER C 35 45.58 3.31 4.57
CA SER C 35 45.59 3.39 3.11
C SER C 35 44.50 2.46 2.56
N LEU C 36 43.41 3.05 2.09
CA LEU C 36 42.27 2.28 1.61
C LEU C 36 42.48 1.82 0.17
N ARG C 37 42.11 0.56 -0.09
CA ARG C 37 42.32 -0.04 -1.40
C ARG C 37 41.02 -0.32 -2.13
N THR C 38 40.17 -1.21 -1.63
CA THR C 38 38.92 -1.54 -2.33
C THR C 38 37.72 -1.38 -1.41
N VAL C 39 36.61 -1.01 -2.03
CA VAL C 39 35.29 -1.05 -1.44
C VAL C 39 34.47 -2.00 -2.28
N SER C 40 33.88 -3.02 -1.66
CA SER C 40 33.13 -4.00 -2.43
C SER C 40 31.90 -4.44 -1.65
N LEU C 41 30.83 -4.73 -2.39
CA LEU C 41 29.56 -5.12 -1.79
C LEU C 41 29.61 -6.57 -1.34
N GLY C 42 29.07 -6.85 -0.17
CA GLY C 42 29.02 -8.21 0.30
C GLY C 42 27.96 -9.01 -0.45
N ALA C 43 28.06 -10.33 -0.30
CA ALA C 43 27.22 -11.26 -1.07
C ALA C 43 25.74 -11.04 -0.80
N GLY C 44 25.36 -10.73 0.44
CA GLY C 44 23.98 -10.55 0.80
C GLY C 44 23.45 -9.15 0.64
N ALA C 45 24.26 -8.21 0.15
CA ALA C 45 23.77 -6.86 -0.02
C ALA C 45 22.71 -6.82 -1.11
N LYS C 46 21.67 -6.04 -0.89
CA LYS C 46 20.65 -5.87 -1.91
C LYS C 46 21.19 -4.98 -3.03
N ASP C 47 20.37 -4.81 -4.06
CA ASP C 47 20.79 -4.06 -5.25
C ASP C 47 20.32 -2.60 -5.21
N GLU C 48 20.54 -1.90 -4.10
CA GLU C 48 20.26 -0.47 -4.02
C GLU C 48 21.55 0.32 -4.15
N LEU C 49 21.41 1.63 -4.34
CA LEU C 49 22.60 2.48 -4.32
C LEU C 49 23.24 2.45 -2.94
N HIS C 50 24.55 2.17 -2.90
CA HIS C 50 25.33 2.24 -1.67
C HIS C 50 26.36 3.35 -1.80
N ILE C 51 26.44 4.20 -0.79
CA ILE C 51 27.42 5.27 -0.79
C ILE C 51 28.23 5.16 0.50
N VAL C 52 29.54 5.05 0.37
CA VAL C 52 30.45 4.91 1.51
C VAL C 52 31.10 6.25 1.75
N GLU C 53 31.12 6.68 2.99
CA GLU C 53 31.69 7.97 3.30
C GLU C 53 32.76 7.81 4.39
N ALA C 54 33.76 8.69 4.34
CA ALA C 54 34.84 8.72 5.30
C ALA C 54 34.79 10.06 6.01
N GLU C 55 35.12 10.05 7.29
CA GLU C 55 35.07 11.27 8.08
C GLU C 55 36.40 11.45 8.78
N ALA C 56 37.08 12.58 8.53
CA ALA C 56 38.37 12.88 9.14
C ALA C 56 38.65 14.37 9.05
N MET C 57 39.70 14.80 9.77
CA MET C 57 40.08 16.21 9.82
C MET C 57 40.55 16.72 8.47
N ASN C 58 40.14 17.93 8.12
CA ASN C 58 40.73 18.57 6.97
C ASN C 58 41.97 19.38 7.38
N TYR C 59 42.52 20.11 6.41
CA TYR C 59 43.72 20.90 6.65
C TYR C 59 43.43 22.01 7.65
N GLU C 60 42.43 22.84 7.36
CA GLU C 60 42.11 23.99 8.21
C GLU C 60 41.82 23.58 9.65
N GLY C 61 41.48 22.32 9.91
CA GLY C 61 41.44 21.77 11.26
C GLY C 61 40.12 21.19 11.73
N SER C 62 39.04 21.35 11.01
CA SER C 62 37.74 20.86 11.44
C SER C 62 37.25 19.70 10.56
N PRO C 63 36.31 18.88 11.12
CA PRO C 63 35.97 17.61 10.45
C PRO C 63 35.20 17.79 9.16
N ILE C 64 35.50 16.93 8.18
CA ILE C 64 34.80 16.92 6.90
C ILE C 64 34.32 15.50 6.60
N LYS C 65 33.08 15.40 6.13
CA LYS C 65 32.54 14.17 5.60
C LYS C 65 32.87 14.11 4.11
N VAL C 66 33.24 12.92 3.64
CA VAL C 66 33.67 12.77 2.27
C VAL C 66 33.14 11.46 1.71
N THR C 67 32.67 11.51 0.47
CA THR C 67 32.20 10.32 -0.22
C THR C 67 33.37 9.59 -0.87
N LEU C 68 33.56 8.33 -0.49
CA LEU C 68 34.57 7.49 -1.11
C LEU C 68 34.07 6.83 -2.39
N ALA C 69 32.83 6.32 -2.38
CA ALA C 69 32.41 5.52 -3.51
C ALA C 69 30.90 5.42 -3.57
N THR C 70 30.39 5.29 -4.79
CA THR C 70 29.00 4.95 -5.04
C THR C 70 28.97 3.59 -5.72
N LEU C 71 28.30 2.62 -5.11
CA LEU C 71 28.32 1.25 -5.60
C LEU C 71 26.90 0.73 -5.78
N LYS C 72 26.75 -0.20 -6.74
CA LYS C 72 25.49 -0.88 -6.97
C LYS C 72 25.80 -2.25 -7.51
N MET C 73 25.14 -3.27 -6.96
CA MET C 73 25.51 -4.66 -7.22
C MET C 73 25.49 -4.99 -8.71
N SER C 74 24.44 -4.59 -9.41
CA SER C 74 24.25 -4.95 -10.79
C SER C 74 24.93 -4.00 -11.77
N VAL C 75 25.68 -3.01 -11.26
CA VAL C 75 26.35 -2.02 -12.08
C VAL C 75 27.86 -1.99 -11.82
N GLN C 76 28.23 -1.91 -10.55
CA GLN C 76 29.62 -1.74 -10.15
C GLN C 76 29.76 -2.24 -8.72
N PRO C 77 30.01 -3.54 -8.53
CA PRO C 77 30.06 -4.09 -7.16
C PRO C 77 31.32 -3.75 -6.39
N THR C 78 32.41 -3.38 -7.07
CA THR C 78 33.70 -3.09 -6.45
C THR C 78 34.26 -1.79 -7.00
N VAL C 79 34.85 -1.00 -6.12
CA VAL C 79 35.59 0.18 -6.52
C VAL C 79 36.96 0.08 -5.89
N SER C 80 38.00 0.28 -6.70
CA SER C 80 39.37 0.27 -6.23
C SER C 80 39.86 1.71 -6.15
N LEU C 81 40.31 2.12 -4.96
CA LEU C 81 40.73 3.49 -4.70
C LEU C 81 42.23 3.71 -4.87
N GLY C 82 43.01 2.64 -5.01
CA GLY C 82 44.42 2.70 -5.34
C GLY C 82 45.35 3.17 -4.24
N GLY C 83 44.96 3.00 -2.98
CA GLY C 83 45.80 3.43 -1.87
C GLY C 83 45.50 4.85 -1.42
N PHE C 84 44.26 5.08 -1.03
CA PHE C 84 43.82 6.37 -0.51
C PHE C 84 44.25 6.46 0.93
N GLU C 85 45.28 7.27 1.20
CA GLU C 85 45.83 7.35 2.56
C GLU C 85 45.12 8.44 3.34
N ILE C 86 44.74 8.11 4.57
CA ILE C 86 44.05 9.02 5.47
C ILE C 86 44.70 8.92 6.84
N THR C 87 44.89 10.07 7.48
CA THR C 87 45.47 10.13 8.81
C THR C 87 44.38 9.88 9.86
N PRO C 88 44.61 8.99 10.84
CA PRO C 88 43.64 8.85 11.92
C PRO C 88 43.58 10.16 12.70
N PRO C 89 42.46 10.44 13.39
CA PRO C 89 41.23 9.63 13.46
C PRO C 89 40.41 9.71 12.18
N VAL C 90 39.80 8.59 11.79
CA VAL C 90 38.91 8.54 10.64
C VAL C 90 37.77 7.59 10.94
N VAL C 91 36.55 7.97 10.54
CA VAL C 91 35.36 7.14 10.63
C VAL C 91 34.83 6.81 9.24
N LEU C 92 34.47 5.54 9.04
CA LEU C 92 33.87 5.05 7.79
C LEU C 92 32.43 4.63 8.05
N ARG C 93 31.53 5.04 7.16
CA ARG C 93 30.13 4.71 7.32
C ARG C 93 29.41 4.68 5.98
N LEU C 94 28.23 4.07 6.01
CA LEU C 94 27.31 4.09 4.89
C LEU C 94 26.46 5.35 4.97
N LYS C 95 26.60 6.22 3.98
CA LYS C 95 25.71 7.37 3.95
C LYS C 95 24.34 6.98 3.40
N CYS C 96 24.29 5.90 2.61
CA CYS C 96 23.03 5.27 2.25
C CYS C 96 23.32 3.86 1.74
N GLY C 97 22.26 3.07 1.65
CA GLY C 97 22.37 1.62 1.47
C GLY C 97 22.43 0.87 2.78
N SER C 98 22.01 -0.39 2.73
CA SER C 98 21.95 -1.24 3.93
C SER C 98 23.15 -2.16 4.08
N GLY C 99 23.92 -2.37 3.02
CA GLY C 99 25.09 -3.24 3.11
C GLY C 99 24.75 -4.72 3.13
N PRO C 100 25.71 -5.57 3.52
CA PRO C 100 27.08 -5.24 3.95
C PRO C 100 27.99 -4.74 2.82
N VAL C 101 28.85 -3.80 3.20
CA VAL C 101 29.90 -3.24 2.36
C VAL C 101 31.23 -3.52 3.04
N HIS C 102 32.18 -4.09 2.29
CA HIS C 102 33.49 -4.42 2.85
C HIS C 102 34.51 -3.38 2.39
N ILE C 103 35.44 -3.05 3.28
CA ILE C 103 36.53 -2.15 2.96
C ILE C 103 37.85 -2.85 3.28
N SER C 104 38.80 -2.72 2.38
CA SER C 104 40.11 -3.32 2.55
C SER C 104 41.17 -2.25 2.39
N GLY C 105 42.31 -2.50 3.02
CA GLY C 105 43.41 -1.58 2.89
C GLY C 105 44.59 -1.99 3.72
N GLN C 106 45.43 -1.00 3.94
CA GLN C 106 46.69 -1.17 4.64
C GLN C 106 46.69 -0.29 5.88
N HIS C 107 47.18 -0.81 6.96
CA HIS C 107 47.49 0.00 8.13
C HIS C 107 49.00 0.18 8.12
N LEU C 108 49.47 1.41 7.92
CA LEU C 108 50.88 1.73 7.81
C LEU C 108 51.35 2.43 9.07
N VAL C 109 52.53 2.04 9.56
CA VAL C 109 53.13 2.63 10.77
C VAL C 109 54.59 2.94 10.49
N ALA C 110 55.06 4.09 10.96
CA ALA C 110 56.48 4.44 10.79
C ALA C 110 56.94 5.37 11.92
N VAL C 111 58.06 5.01 12.56
CA VAL C 111 58.80 5.96 13.41
C VAL C 111 60.28 5.63 13.36
N PRO D 6 55.68 15.48 3.83
CA PRO D 6 54.40 15.43 3.07
C PRO D 6 53.17 15.21 3.94
N GLN D 7 52.79 16.21 4.72
CA GLN D 7 51.63 16.09 5.59
C GLN D 7 50.35 16.01 4.77
N ASN D 8 49.41 15.20 5.23
CA ASN D 8 48.27 14.77 4.42
C ASN D 8 46.98 14.94 5.18
N TYR D 9 46.04 15.70 4.61
CA TYR D 9 44.74 15.95 5.21
C TYR D 9 43.65 15.54 4.24
N LEU D 10 42.51 15.11 4.77
CA LEU D 10 41.41 14.69 3.93
C LEU D 10 40.77 15.88 3.23
N PHE D 11 40.35 15.67 1.99
CA PHE D 11 39.71 16.70 1.18
C PHE D 11 38.41 16.19 0.56
N GLY D 12 37.42 17.08 0.47
CA GLY D 12 36.20 16.73 -0.24
C GLY D 12 35.39 17.94 -0.64
N CYS D 13 34.54 17.76 -1.64
CA CYS D 13 33.59 18.79 -2.05
C CYS D 13 32.44 18.14 -2.80
N GLU D 14 31.39 18.94 -3.01
CA GLU D 14 30.21 18.53 -3.76
C GLU D 14 29.97 19.52 -4.89
N LEU D 15 29.70 19.00 -6.09
CA LEU D 15 29.43 19.85 -7.25
C LEU D 15 27.99 19.69 -7.73
N LYS D 16 27.38 20.81 -8.10
CA LYS D 16 26.07 20.85 -8.74
C LYS D 16 26.12 21.78 -9.94
N ALA D 17 25.01 21.81 -10.68
CA ALA D 17 24.88 22.64 -11.86
C ALA D 17 25.20 24.11 -11.56
N ASP D 18 24.86 24.59 -10.37
CA ASP D 18 25.05 26.00 -10.03
C ASP D 18 25.97 26.19 -8.85
N LYS D 19 26.79 25.18 -8.53
CA LYS D 19 27.70 25.28 -7.39
C LYS D 19 29.00 24.61 -7.76
N ASP D 20 30.04 25.42 -7.94
CA ASP D 20 31.39 24.95 -8.20
C ASP D 20 32.20 24.94 -6.90
N TYR D 21 33.41 24.39 -6.97
CA TYR D 21 34.31 24.48 -5.83
C TYR D 21 35.59 25.19 -6.24
N HIS D 22 36.08 26.06 -5.36
CA HIS D 22 37.32 26.77 -5.61
C HIS D 22 38.34 26.39 -4.54
N PHE D 23 39.47 25.81 -4.96
CA PHE D 23 40.53 25.41 -4.04
C PHE D 23 41.63 26.46 -4.08
N LYS D 24 41.67 27.31 -3.04
CA LYS D 24 42.82 28.15 -2.77
C LYS D 24 43.46 27.73 -1.46
N VAL D 25 44.76 27.63 -1.43
CA VAL D 25 45.46 27.69 -0.17
C VAL D 25 45.79 29.15 0.10
N ASP D 26 45.40 29.62 1.28
CA ASP D 26 45.83 30.94 1.71
C ASP D 26 47.34 30.99 1.82
N ASN D 27 47.94 32.03 1.24
CA ASN D 27 49.39 32.17 1.08
C ASN D 27 50.11 32.08 2.43
N ASP D 28 50.54 30.86 2.80
CA ASP D 28 51.47 30.69 3.92
C ASP D 28 52.88 30.79 3.37
N GLU D 29 53.78 29.90 3.81
CA GLU D 29 55.08 29.80 3.18
C GLU D 29 55.38 28.41 2.62
N ASN D 30 54.51 27.44 2.87
CA ASN D 30 54.72 26.08 2.41
C ASN D 30 53.93 25.85 1.12
N GLU D 31 54.22 24.72 0.47
CA GLU D 31 53.56 24.38 -0.77
C GLU D 31 52.50 23.32 -0.54
N HIS D 32 51.42 23.44 -1.31
CA HIS D 32 50.21 22.65 -1.14
C HIS D 32 49.90 21.94 -2.46
N GLN D 33 49.35 20.74 -2.37
CA GLN D 33 48.85 20.07 -3.56
C GLN D 33 47.50 19.43 -3.26
N LEU D 34 46.62 19.48 -4.24
CA LEU D 34 45.36 18.74 -4.22
C LEU D 34 45.56 17.45 -4.98
N SER D 35 45.36 16.32 -4.31
CA SER D 35 45.50 14.99 -4.89
C SER D 35 44.12 14.36 -4.97
N LEU D 36 43.54 14.35 -6.17
CA LEU D 36 42.17 13.86 -6.32
C LEU D 36 42.12 12.35 -6.38
N ARG D 37 41.12 11.77 -5.72
CA ARG D 37 40.99 10.32 -5.65
C ARG D 37 39.75 9.84 -6.38
N THR D 38 38.54 10.11 -5.89
CA THR D 38 37.35 9.59 -6.56
C THR D 38 36.37 10.71 -6.89
N VAL D 39 35.68 10.49 -8.00
CA VAL D 39 34.54 11.27 -8.45
C VAL D 39 33.37 10.30 -8.47
N SER D 40 32.31 10.62 -7.74
CA SER D 40 31.18 9.71 -7.63
C SER D 40 29.90 10.50 -7.60
N LEU D 41 28.85 9.88 -8.13
CA LEU D 41 27.52 10.47 -8.16
C LEU D 41 26.82 10.36 -6.80
N GLY D 42 26.20 11.45 -6.38
CA GLY D 42 25.41 11.41 -5.17
C GLY D 42 24.11 10.67 -5.37
N ALA D 43 23.49 10.33 -4.24
CA ALA D 43 22.27 9.53 -4.25
C ALA D 43 21.14 10.21 -5.03
N GLY D 44 21.08 11.54 -4.97
CA GLY D 44 20.01 12.24 -5.66
C GLY D 44 20.27 12.58 -7.11
N ALA D 45 21.39 12.15 -7.69
CA ALA D 45 21.70 12.51 -9.07
C ALA D 45 20.73 11.81 -10.01
N LYS D 46 20.25 12.56 -11.01
CA LYS D 46 19.53 11.93 -12.09
C LYS D 46 20.48 11.02 -12.88
N ASP D 47 19.90 10.24 -13.79
CA ASP D 47 20.68 9.35 -14.66
C ASP D 47 21.08 10.02 -15.97
N GLU D 48 21.55 11.25 -15.89
CA GLU D 48 22.03 11.99 -17.03
C GLU D 48 23.56 11.90 -17.07
N LEU D 49 24.13 12.27 -18.22
CA LEU D 49 25.58 12.37 -18.33
C LEU D 49 26.09 13.50 -17.45
N HIS D 50 27.09 13.18 -16.65
CA HIS D 50 27.80 14.17 -15.86
C HIS D 50 29.24 14.22 -16.35
N ILE D 51 29.74 15.43 -16.58
CA ILE D 51 31.12 15.65 -16.97
C ILE D 51 31.72 16.64 -16.00
N VAL D 52 32.82 16.25 -15.33
CA VAL D 52 33.48 17.09 -14.34
C VAL D 52 34.76 17.64 -14.94
N GLU D 53 34.97 18.95 -14.82
CA GLU D 53 36.15 19.58 -15.40
C GLU D 53 36.92 20.36 -14.34
N ALA D 54 38.22 20.46 -14.55
CA ALA D 54 39.10 21.22 -13.67
C ALA D 54 39.82 22.31 -14.45
N GLU D 55 40.03 23.46 -13.79
CA GLU D 55 40.71 24.59 -14.38
C GLU D 55 41.86 25.05 -13.50
N ALA D 56 43.04 25.16 -14.10
CA ALA D 56 44.28 25.58 -13.45
C ALA D 56 45.21 26.09 -14.54
N MET D 57 46.47 26.34 -14.16
CA MET D 57 47.49 26.81 -15.10
C MET D 57 48.17 25.67 -15.84
N ASN D 58 48.39 25.86 -17.14
CA ASN D 58 49.27 24.99 -17.91
C ASN D 58 50.73 25.41 -17.68
N TYR D 59 51.65 24.76 -18.41
CA TYR D 59 53.08 25.06 -18.23
C TYR D 59 53.50 26.38 -18.87
N GLU D 60 52.68 26.97 -19.74
CA GLU D 60 53.02 28.26 -20.31
C GLU D 60 52.42 29.44 -19.54
N GLY D 61 51.83 29.18 -18.36
CA GLY D 61 51.29 30.26 -17.56
C GLY D 61 49.83 30.56 -17.80
N SER D 62 49.21 29.92 -18.79
CA SER D 62 47.84 30.28 -19.11
C SER D 62 46.86 29.32 -18.46
N PRO D 63 45.64 29.76 -18.19
CA PRO D 63 44.63 28.85 -17.63
C PRO D 63 44.12 27.90 -18.69
N ILE D 64 43.96 26.64 -18.30
CA ILE D 64 43.37 25.62 -19.17
C ILE D 64 42.31 24.85 -18.40
N LYS D 65 41.27 24.42 -19.11
CA LYS D 65 40.19 23.61 -18.56
C LYS D 65 40.31 22.20 -19.12
N VAL D 66 40.25 21.20 -18.23
CA VAL D 66 40.40 19.81 -18.62
C VAL D 66 39.26 19.01 -18.02
N THR D 67 38.77 18.03 -18.78
CA THR D 67 37.74 17.12 -18.29
C THR D 67 38.37 16.01 -17.44
N LEU D 68 37.93 15.90 -16.19
CA LEU D 68 38.46 14.85 -15.34
C LEU D 68 37.72 13.53 -15.52
N ALA D 69 36.40 13.57 -15.63
CA ALA D 69 35.64 12.32 -15.64
C ALA D 69 34.27 12.56 -16.24
N THR D 70 33.77 11.52 -16.91
CA THR D 70 32.40 11.46 -17.38
C THR D 70 31.72 10.29 -16.68
N LEU D 71 30.63 10.58 -15.96
CA LEU D 71 29.92 9.60 -15.16
C LEU D 71 28.45 9.54 -15.55
N LYS D 72 27.88 8.36 -15.32
CA LYS D 72 26.46 8.13 -15.49
C LYS D 72 26.04 7.06 -14.51
N MET D 73 24.93 7.31 -13.82
CA MET D 73 24.54 6.50 -12.66
C MET D 73 24.37 5.03 -13.03
N SER D 74 23.73 4.74 -14.15
CA SER D 74 23.46 3.36 -14.52
C SER D 74 24.60 2.70 -15.31
N VAL D 75 25.71 3.39 -15.50
CA VAL D 75 26.85 2.87 -16.26
C VAL D 75 28.11 2.85 -15.41
N GLN D 76 28.43 3.98 -14.80
CA GLN D 76 29.66 4.07 -14.03
C GLN D 76 29.48 5.20 -13.03
N PRO D 77 28.96 4.90 -11.84
CA PRO D 77 28.71 5.96 -10.84
C PRO D 77 29.98 6.50 -10.19
N THR D 78 31.09 5.79 -10.27
CA THR D 78 32.34 6.20 -9.63
C THR D 78 33.52 6.03 -10.56
N VAL D 79 34.39 7.04 -10.60
CA VAL D 79 35.67 6.98 -11.29
C VAL D 79 36.75 7.22 -10.25
N SER D 80 37.77 6.37 -10.27
CA SER D 80 38.92 6.51 -9.38
C SER D 80 40.10 7.05 -10.16
N LEU D 81 40.67 8.17 -9.71
CA LEU D 81 41.75 8.84 -10.43
C LEU D 81 43.14 8.45 -9.95
N GLY D 82 43.25 7.77 -8.81
CA GLY D 82 44.52 7.23 -8.36
C GLY D 82 45.55 8.26 -7.90
N GLY D 83 45.11 9.42 -7.43
CA GLY D 83 46.04 10.44 -6.99
C GLY D 83 46.48 11.39 -8.08
N PHE D 84 45.51 12.06 -8.72
CA PHE D 84 45.76 13.11 -9.72
C PHE D 84 46.05 14.41 -8.98
N GLU D 85 47.31 14.80 -8.93
CA GLU D 85 47.74 15.98 -8.19
C GLU D 85 47.68 17.24 -9.04
N ILE D 86 47.11 18.29 -8.47
CA ILE D 86 46.96 19.55 -9.16
C ILE D 86 47.48 20.64 -8.24
N THR D 87 48.22 21.59 -8.81
CA THR D 87 48.72 22.69 -8.02
C THR D 87 47.66 23.78 -7.88
N PRO D 88 47.37 24.25 -6.66
CA PRO D 88 46.42 25.34 -6.45
C PRO D 88 46.92 26.64 -7.09
N PRO D 89 46.01 27.56 -7.45
CA PRO D 89 44.55 27.50 -7.35
C PRO D 89 43.89 26.57 -8.37
N VAL D 90 42.79 25.93 -7.98
CA VAL D 90 42.09 24.99 -8.85
C VAL D 90 40.59 25.26 -8.75
N VAL D 91 39.91 25.23 -9.90
CA VAL D 91 38.45 25.28 -9.94
C VAL D 91 37.92 23.94 -10.41
N LEU D 92 36.95 23.41 -9.68
CA LEU D 92 36.23 22.22 -10.07
C LEU D 92 34.78 22.57 -10.36
N ARG D 93 34.28 22.04 -11.46
CA ARG D 93 32.91 22.36 -11.85
C ARG D 93 32.33 21.26 -12.70
N LEU D 94 30.99 21.27 -12.76
CA LEU D 94 30.22 20.41 -13.64
C LEU D 94 30.08 21.10 -14.99
N LYS D 95 30.65 20.49 -16.02
CA LYS D 95 30.49 21.00 -17.37
C LYS D 95 29.17 20.56 -17.99
N CYS D 96 28.60 19.44 -17.54
CA CYS D 96 27.22 19.12 -17.87
C CYS D 96 26.70 18.10 -16.87
N GLY D 97 25.38 17.98 -16.83
CA GLY D 97 24.74 17.29 -15.73
C GLY D 97 24.50 18.21 -14.57
N SER D 98 23.44 17.91 -13.81
CA SER D 98 23.06 18.77 -12.70
C SER D 98 23.57 18.29 -11.34
N GLY D 99 24.08 17.06 -11.24
CA GLY D 99 24.61 16.58 -9.96
C GLY D 99 23.55 16.17 -8.95
N PRO D 100 23.95 16.06 -7.67
CA PRO D 100 25.27 16.31 -7.09
C PRO D 100 26.34 15.28 -7.46
N VAL D 101 27.57 15.77 -7.65
CA VAL D 101 28.75 14.94 -7.89
C VAL D 101 29.74 15.24 -6.77
N HIS D 102 30.22 14.20 -6.11
CA HIS D 102 31.14 14.34 -4.99
C HIS D 102 32.56 14.05 -5.41
N ILE D 103 33.49 14.79 -4.82
CA ILE D 103 34.91 14.61 -5.07
C ILE D 103 35.61 14.41 -3.74
N SER D 104 36.50 13.43 -3.68
CA SER D 104 37.30 13.15 -2.52
C SER D 104 38.77 13.09 -2.94
N GLY D 105 39.63 13.43 -1.99
CA GLY D 105 41.05 13.36 -2.26
C GLY D 105 41.82 13.78 -1.04
N GLN D 106 43.07 14.15 -1.28
CA GLN D 106 43.98 14.54 -0.23
C GLN D 106 44.44 15.97 -0.45
N HIS D 107 44.57 16.73 0.63
CA HIS D 107 45.22 18.02 0.63
C HIS D 107 46.61 17.81 1.24
N LEU D 108 47.64 18.01 0.44
CA LEU D 108 49.01 17.76 0.87
C LEU D 108 49.80 19.05 1.07
N VAL D 109 50.57 19.06 2.16
CA VAL D 109 51.44 20.16 2.56
C VAL D 109 52.83 19.58 2.80
N ALA D 110 53.85 20.30 2.32
CA ALA D 110 55.21 19.86 2.47
C ALA D 110 55.70 20.16 3.89
N PRO E 6 60.19 18.45 -9.40
CA PRO E 6 59.09 17.85 -10.17
C PRO E 6 57.78 18.66 -10.11
N GLN E 7 57.87 19.96 -10.32
CA GLN E 7 56.71 20.84 -10.43
C GLN E 7 55.78 20.36 -11.57
N ASN E 8 54.47 20.58 -11.39
CA ASN E 8 53.47 19.91 -12.22
C ASN E 8 52.36 20.88 -12.56
N TYR E 9 52.03 20.92 -13.84
CA TYR E 9 50.99 21.76 -14.36
C TYR E 9 49.91 20.87 -14.94
N LEU E 10 48.69 21.39 -14.92
CA LEU E 10 47.58 20.65 -15.48
C LEU E 10 47.76 20.56 -16.98
N PHE E 11 47.41 19.43 -17.55
CA PHE E 11 47.47 19.22 -18.98
C PHE E 11 46.15 18.68 -19.50
N GLY E 12 45.77 19.11 -20.69
CA GLY E 12 44.59 18.54 -21.30
C GLY E 12 44.55 18.82 -22.78
N CYS E 13 43.79 17.99 -23.48
CA CYS E 13 43.54 18.20 -24.90
C CYS E 13 42.23 17.52 -25.27
N GLU E 14 41.74 17.86 -26.45
CA GLU E 14 40.51 17.32 -27.00
C GLU E 14 40.82 16.73 -28.36
N LEU E 15 40.35 15.51 -28.59
CA LEU E 15 40.55 14.82 -29.85
C LEU E 15 39.21 14.70 -30.57
N LYS E 16 39.27 14.86 -31.88
CA LYS E 16 38.18 14.65 -32.82
C LYS E 16 38.69 13.69 -33.89
N ALA E 17 37.82 13.36 -34.84
CA ALA E 17 38.13 12.35 -35.85
C ALA E 17 39.51 12.58 -36.46
N ASP E 18 39.79 13.81 -36.89
CA ASP E 18 41.15 14.17 -37.28
C ASP E 18 41.51 15.52 -36.69
N LYS E 19 41.33 15.65 -35.38
CA LYS E 19 41.94 16.71 -34.60
C LYS E 19 42.97 16.03 -33.70
N ASP E 20 44.20 15.92 -34.19
CA ASP E 20 45.30 15.32 -33.44
C ASP E 20 45.60 16.13 -32.18
N TYR E 21 46.53 15.65 -31.38
CA TYR E 21 47.25 16.53 -30.47
C TYR E 21 48.73 16.11 -30.51
N HIS E 22 49.58 17.09 -30.79
CA HIS E 22 51.03 16.90 -30.81
C HIS E 22 51.59 17.58 -29.56
N PHE E 23 52.22 16.81 -28.68
CA PHE E 23 52.95 17.35 -27.52
C PHE E 23 54.43 17.42 -27.89
N LYS E 24 54.99 18.62 -27.90
CA LYS E 24 56.34 18.82 -28.43
C LYS E 24 57.36 19.00 -27.33
N VAL E 25 58.62 18.85 -27.75
CA VAL E 25 59.79 19.23 -26.97
C VAL E 25 59.99 20.73 -27.08
N ASP E 26 60.26 21.37 -25.96
CA ASP E 26 60.52 22.80 -25.92
C ASP E 26 62.00 23.07 -26.09
N ASN E 27 62.33 24.30 -26.46
CA ASN E 27 63.73 24.71 -26.59
C ASN E 27 64.32 25.15 -25.25
N ASP E 28 63.76 24.68 -24.13
CA ASP E 28 64.35 24.93 -22.83
C ASP E 28 65.47 23.91 -22.58
N GLU E 29 66.09 24.00 -21.39
CA GLU E 29 67.06 23.00 -20.95
C GLU E 29 66.43 21.94 -20.07
N ASN E 30 65.14 22.05 -19.76
CA ASN E 30 64.51 21.20 -18.77
C ASN E 30 64.09 19.88 -19.39
N GLU E 31 63.79 18.91 -18.52
CA GLU E 31 63.15 17.67 -18.92
C GLU E 31 61.65 17.87 -18.82
N HIS E 32 60.91 17.21 -19.71
CA HIS E 32 59.46 17.27 -19.69
C HIS E 32 58.88 15.87 -19.80
N GLN E 33 57.79 15.63 -19.05
CA GLN E 33 57.03 14.39 -19.15
C GLN E 33 55.54 14.73 -19.13
N LEU E 34 54.77 13.98 -19.91
CA LEU E 34 53.32 13.94 -19.77
C LEU E 34 52.93 12.73 -18.94
N SER E 35 52.22 12.95 -17.86
CA SER E 35 51.70 11.89 -17.00
C SER E 35 50.20 11.88 -17.27
N LEU E 36 49.76 10.94 -18.11
CA LEU E 36 48.38 10.89 -18.53
C LEU E 36 47.51 10.24 -17.47
N ARG E 37 46.37 10.86 -17.21
CA ARG E 37 45.51 10.43 -16.13
C ARG E 37 44.19 9.84 -16.63
N THR E 38 43.36 10.62 -17.30
CA THR E 38 42.06 10.11 -17.73
C THR E 38 41.82 10.36 -19.21
N VAL E 39 41.07 9.43 -19.80
CA VAL E 39 40.46 9.55 -21.12
C VAL E 39 38.95 9.42 -20.89
N SER E 40 38.18 10.39 -21.37
CA SER E 40 36.73 10.38 -21.18
C SER E 40 36.03 10.98 -22.40
N LEU E 41 34.84 10.43 -22.68
CA LEU E 41 34.04 10.87 -23.81
C LEU E 41 33.31 12.17 -23.52
N GLY E 42 33.34 13.09 -24.51
CA GLY E 42 32.61 14.35 -24.40
C GLY E 42 31.10 14.21 -24.60
N ALA E 43 30.37 15.25 -24.19
CA ALA E 43 28.91 15.18 -24.16
C ALA E 43 28.33 14.83 -25.52
N GLY E 44 28.91 15.36 -26.59
CA GLY E 44 28.37 15.16 -27.91
C GLY E 44 28.82 13.92 -28.63
N ALA E 45 29.59 13.06 -27.97
CA ALA E 45 30.09 11.86 -28.64
C ALA E 45 28.94 10.89 -28.92
N LYS E 46 29.01 10.23 -30.08
CA LYS E 46 28.07 9.18 -30.41
C LYS E 46 28.38 7.93 -29.57
N ASP E 47 27.44 6.98 -29.57
CA ASP E 47 27.61 5.73 -28.82
C ASP E 47 28.31 4.65 -29.64
N GLU E 48 29.38 5.05 -30.31
CA GLU E 48 30.25 4.19 -31.10
C GLU E 48 31.52 3.90 -30.32
N LEU E 49 32.26 2.88 -30.76
CA LEU E 49 33.56 2.59 -30.18
C LEU E 49 34.57 3.69 -30.53
N HIS E 50 35.26 4.19 -29.50
CA HIS E 50 36.35 5.14 -29.64
C HIS E 50 37.64 4.49 -29.18
N ILE E 51 38.70 4.64 -29.98
CA ILE E 51 40.02 4.14 -29.60
C ILE E 51 41.02 5.29 -29.67
N VAL E 52 41.69 5.57 -28.56
CA VAL E 52 42.68 6.63 -28.44
C VAL E 52 44.06 6.02 -28.58
N GLU E 53 44.88 6.61 -29.43
CA GLU E 53 46.19 6.09 -29.74
C GLU E 53 47.27 7.12 -29.47
N ALA E 54 48.44 6.64 -29.05
CA ALA E 54 49.60 7.46 -28.78
C ALA E 54 50.75 6.99 -29.65
N GLU E 55 51.54 7.94 -30.14
CA GLU E 55 52.71 7.60 -30.96
C GLU E 55 53.93 8.32 -30.41
N ALA E 56 54.99 7.56 -30.17
CA ALA E 56 56.22 8.11 -29.60
C ALA E 56 57.39 7.17 -29.91
N MET E 57 58.59 7.66 -29.64
CA MET E 57 59.78 6.85 -29.81
C MET E 57 59.71 5.58 -28.98
N ASN E 58 60.23 4.50 -29.54
CA ASN E 58 60.45 3.34 -28.71
C ASN E 58 61.92 3.23 -28.32
N TYR E 59 62.15 2.24 -27.45
CA TYR E 59 63.48 1.83 -26.99
C TYR E 59 64.51 1.72 -28.14
N GLU E 60 64.28 0.91 -29.20
CA GLU E 60 65.37 0.89 -30.20
C GLU E 60 65.35 2.05 -31.20
N GLY E 61 64.54 3.07 -31.01
CA GLY E 61 64.68 4.24 -31.85
C GLY E 61 63.60 4.45 -32.89
N SER E 62 62.68 3.53 -33.04
CA SER E 62 61.66 3.60 -34.07
C SER E 62 60.34 4.13 -33.52
N PRO E 63 59.50 4.71 -34.36
CA PRO E 63 58.19 5.16 -33.89
C PRO E 63 57.28 3.96 -33.63
N ILE E 64 56.54 4.04 -32.53
CA ILE E 64 55.60 3.00 -32.15
C ILE E 64 54.25 3.66 -31.94
N LYS E 65 53.18 2.97 -32.31
CA LYS E 65 51.82 3.41 -32.04
C LYS E 65 51.16 2.42 -31.10
N VAL E 66 50.74 2.89 -29.94
CA VAL E 66 50.14 2.07 -28.90
C VAL E 66 48.77 2.66 -28.61
N THR E 67 47.77 1.80 -28.41
CA THR E 67 46.44 2.27 -28.07
C THR E 67 46.34 2.43 -26.55
N LEU E 68 45.94 3.62 -26.11
CA LEU E 68 45.79 3.87 -24.68
C LEU E 68 44.47 3.36 -24.13
N ALA E 69 43.37 3.51 -24.87
CA ALA E 69 42.10 3.21 -24.26
C ALA E 69 41.06 2.91 -25.33
N THR E 70 40.12 2.05 -24.97
CA THR E 70 38.93 1.78 -25.76
C THR E 70 37.70 2.19 -24.96
N LEU E 71 36.94 3.12 -25.50
CA LEU E 71 35.83 3.75 -24.80
C LEU E 71 34.55 3.56 -25.59
N LYS E 72 33.44 3.48 -24.87
CA LYS E 72 32.11 3.48 -25.46
C LYS E 72 31.15 4.09 -24.45
N MET E 73 30.26 4.99 -24.90
CA MET E 73 29.48 5.81 -23.98
C MET E 73 28.61 4.97 -23.03
N SER E 74 27.88 3.98 -23.57
CA SER E 74 26.95 3.21 -22.75
C SER E 74 27.61 2.02 -22.04
N VAL E 75 28.93 1.86 -22.12
CA VAL E 75 29.63 0.76 -21.47
C VAL E 75 30.72 1.27 -20.55
N GLN E 76 31.57 2.17 -21.06
CA GLN E 76 32.72 2.66 -20.31
C GLN E 76 33.07 4.05 -20.84
N PRO E 77 32.46 5.10 -20.28
CA PRO E 77 32.72 6.46 -20.79
C PRO E 77 34.06 7.03 -20.34
N THR E 78 34.67 6.51 -19.28
CA THR E 78 35.92 7.06 -18.78
C THR E 78 36.86 5.94 -18.42
N VAL E 79 38.14 6.11 -18.75
CA VAL E 79 39.20 5.19 -18.33
C VAL E 79 40.26 5.99 -17.60
N SER E 80 40.68 5.48 -16.45
CA SER E 80 41.73 6.10 -15.65
C SER E 80 43.04 5.35 -15.87
N LEU E 81 44.08 6.07 -16.30
CA LEU E 81 45.37 5.49 -16.66
C LEU E 81 46.38 5.53 -15.52
N GLY E 82 46.11 6.29 -14.46
CA GLY E 82 46.93 6.26 -13.26
C GLY E 82 48.31 6.88 -13.37
N GLY E 83 48.51 7.86 -14.25
CA GLY E 83 49.82 8.46 -14.33
C GLY E 83 50.73 7.75 -15.31
N PHE E 84 50.32 7.67 -16.57
CA PHE E 84 51.08 7.06 -17.66
C PHE E 84 52.07 8.09 -18.19
N GLU E 85 53.34 7.88 -17.88
CA GLU E 85 54.34 8.90 -18.13
C GLU E 85 54.94 8.63 -19.50
N ILE E 86 55.02 9.66 -20.33
CA ILE E 86 55.54 9.51 -21.68
C ILE E 86 56.46 10.69 -21.95
N THR E 87 57.61 10.42 -22.54
CA THR E 87 58.56 11.44 -22.94
C THR E 87 58.19 12.01 -24.30
N PRO E 88 58.09 13.34 -24.43
CA PRO E 88 57.83 14.02 -25.70
C PRO E 88 59.01 13.82 -26.67
N PRO E 89 58.77 13.91 -27.99
CA PRO E 89 57.50 14.19 -28.65
C PRO E 89 56.55 13.00 -28.63
N VAL E 90 55.26 13.30 -28.51
CA VAL E 90 54.20 12.30 -28.56
C VAL E 90 53.03 12.87 -29.32
N VAL E 91 52.38 12.04 -30.13
CA VAL E 91 51.16 12.42 -30.81
C VAL E 91 50.02 11.60 -30.22
N LEU E 92 48.89 12.27 -29.91
CA LEU E 92 47.68 11.61 -29.45
C LEU E 92 46.58 11.80 -30.48
N ARG E 93 45.86 10.71 -30.79
CA ARG E 93 44.84 10.77 -31.82
C ARG E 93 43.78 9.69 -31.61
N LEU E 94 42.64 9.90 -32.27
CA LEU E 94 41.57 8.91 -32.35
C LEU E 94 41.80 7.95 -33.50
N LYS E 95 41.98 6.66 -33.18
CA LYS E 95 42.09 5.70 -34.27
C LYS E 95 40.72 5.39 -34.84
N CYS E 96 39.67 5.50 -34.03
CA CYS E 96 38.30 5.42 -34.53
C CYS E 96 37.35 6.03 -33.53
N GLY E 97 36.15 6.29 -33.99
CA GLY E 97 35.23 7.18 -33.31
C GLY E 97 35.43 8.61 -33.74
N SER E 98 34.36 9.39 -33.66
CA SER E 98 34.42 10.78 -34.09
C SER E 98 34.77 11.71 -32.93
N GLY E 99 34.65 11.26 -31.70
CA GLY E 99 34.93 12.11 -30.56
C GLY E 99 33.74 13.03 -30.35
N PRO E 100 33.92 14.10 -29.55
CA PRO E 100 35.18 14.48 -28.90
C PRO E 100 35.59 13.52 -27.78
N VAL E 101 36.89 13.33 -27.65
CA VAL E 101 37.46 12.59 -26.55
C VAL E 101 38.38 13.52 -25.79
N HIS E 102 38.21 13.58 -24.48
CA HIS E 102 39.04 14.45 -23.66
C HIS E 102 40.11 13.64 -22.98
N ILE E 103 41.30 14.22 -22.90
CA ILE E 103 42.41 13.63 -22.18
C ILE E 103 42.87 14.65 -21.16
N SER E 104 43.14 14.17 -19.94
CA SER E 104 43.62 15.02 -18.87
C SER E 104 44.87 14.39 -18.30
N GLY E 105 45.72 15.21 -17.72
CA GLY E 105 46.91 14.67 -17.09
C GLY E 105 47.77 15.75 -16.49
N GLN E 106 49.02 15.40 -16.23
CA GLN E 106 49.95 16.33 -15.63
C GLN E 106 51.09 16.57 -16.61
N HIS E 107 51.50 17.83 -16.71
CA HIS E 107 52.69 18.17 -17.46
C HIS E 107 53.80 18.39 -16.44
N LEU E 108 54.80 17.53 -16.47
CA LEU E 108 55.90 17.54 -15.52
C LEU E 108 57.15 18.05 -16.23
N VAL E 109 57.84 18.97 -15.58
CA VAL E 109 59.08 19.58 -16.02
C VAL E 109 60.10 19.39 -14.91
N ALA E 110 61.27 19.99 -15.07
CA ALA E 110 62.32 19.87 -14.05
C ALA E 110 63.36 20.91 -14.44
N VAL E 111 63.24 22.10 -13.85
CA VAL E 111 64.20 23.15 -14.12
C VAL E 111 65.47 22.83 -13.36
N ARG F 5 13.25 17.97 39.52
CA ARG F 5 12.63 17.04 40.39
C ARG F 5 11.54 17.68 41.21
N PRO F 6 10.38 17.86 40.60
CA PRO F 6 9.18 18.17 41.41
C PRO F 6 8.68 16.99 42.27
N GLN F 7 8.46 17.29 43.54
CA GLN F 7 7.68 16.40 44.38
C GLN F 7 6.20 16.58 44.05
N ASN F 8 5.49 15.46 43.97
CA ASN F 8 4.15 15.43 43.42
C ASN F 8 3.20 14.77 44.40
N TYR F 9 2.08 15.45 44.63
CA TYR F 9 1.01 15.02 45.51
C TYR F 9 -0.27 14.87 44.70
N LEU F 10 -1.17 14.01 45.15
CA LEU F 10 -2.41 13.79 44.44
C LEU F 10 -3.30 15.02 44.53
N PHE F 11 -3.98 15.31 43.43
CA PHE F 11 -4.94 16.40 43.37
C PHE F 11 -6.24 15.88 42.80
N GLY F 12 -7.35 16.37 43.34
CA GLY F 12 -8.63 16.07 42.74
C GLY F 12 -9.69 17.02 43.26
N CYS F 13 -10.75 17.16 42.46
CA CYS F 13 -11.91 17.94 42.88
C CYS F 13 -13.10 17.43 42.11
N GLU F 14 -14.29 17.85 42.55
CA GLU F 14 -15.54 17.51 41.92
C GLU F 14 -16.22 18.83 41.56
N LEU F 15 -16.73 18.91 40.34
CA LEU F 15 -17.42 20.10 39.89
C LEU F 15 -18.89 19.81 39.67
N LYS F 16 -19.74 20.77 40.03
CA LYS F 16 -21.17 20.78 39.73
C LYS F 16 -21.55 22.15 39.14
N ALA F 17 -22.81 22.28 38.74
CA ALA F 17 -23.28 23.53 38.15
C ALA F 17 -23.02 24.72 39.07
N ASP F 18 -23.23 24.53 40.37
CA ASP F 18 -23.05 25.60 41.34
C ASP F 18 -21.79 25.42 42.17
N LYS F 19 -20.76 24.76 41.63
CA LYS F 19 -19.60 24.37 42.43
C LYS F 19 -18.33 24.45 41.58
N ASP F 20 -17.73 25.64 41.56
CA ASP F 20 -16.39 25.88 41.03
C ASP F 20 -15.35 25.18 41.89
N TYR F 21 -14.08 25.22 41.45
CA TYR F 21 -12.97 24.89 42.35
C TYR F 21 -11.81 25.84 42.06
N HIS F 22 -11.31 26.48 43.12
CA HIS F 22 -10.21 27.42 43.04
C HIS F 22 -8.96 26.77 43.60
N PHE F 23 -7.94 26.64 42.77
CA PHE F 23 -6.64 26.11 43.20
C PHE F 23 -5.74 27.33 43.40
N LYS F 24 -5.58 27.78 44.64
CA LYS F 24 -4.97 29.09 44.84
C LYS F 24 -3.52 29.05 45.31
N VAL F 25 -3.16 28.05 46.11
CA VAL F 25 -1.78 27.87 46.57
C VAL F 25 -1.33 29.07 47.40
N ASP F 26 -1.35 28.92 48.73
CA ASP F 26 -0.59 29.80 49.59
C ASP F 26 0.83 29.91 49.06
N ASN F 27 1.51 31.00 49.37
CA ASN F 27 2.87 31.14 48.86
C ASN F 27 3.86 30.80 49.96
N ASP F 28 4.27 29.53 49.95
CA ASP F 28 5.47 29.00 50.56
C ASP F 28 6.74 29.78 50.19
N GLU F 29 7.50 29.24 49.24
CA GLU F 29 8.77 29.76 48.74
C GLU F 29 9.06 29.16 47.35
N ASN F 30 8.26 28.16 46.94
CA ASN F 30 8.56 27.27 45.82
C ASN F 30 7.62 27.48 44.65
N GLU F 31 7.99 26.87 43.52
CA GLU F 31 7.14 26.81 42.32
C GLU F 31 6.06 25.76 42.52
N HIS F 32 4.82 26.11 42.19
CA HIS F 32 3.73 25.15 42.19
C HIS F 32 3.17 25.03 40.79
N GLN F 33 2.79 23.81 40.40
CA GLN F 33 2.07 23.61 39.16
C GLN F 33 0.97 22.60 39.40
N LEU F 34 -0.17 22.84 38.75
CA LEU F 34 -1.26 21.89 38.70
C LEU F 34 -1.12 21.10 37.39
N SER F 35 -0.97 19.79 37.51
CA SER F 35 -0.85 18.94 36.32
C SER F 35 -2.10 18.08 36.24
N LEU F 36 -2.98 18.45 35.32
CA LEU F 36 -4.25 17.75 35.17
C LEU F 36 -4.09 16.48 34.36
N ARG F 37 -4.76 15.42 34.82
CA ARG F 37 -4.68 14.13 34.17
C ARG F 37 -6.02 13.74 33.54
N THR F 38 -7.05 13.49 34.33
CA THR F 38 -8.31 13.03 33.75
C THR F 38 -9.47 13.90 34.16
N VAL F 39 -10.43 13.97 33.26
CA VAL F 39 -11.75 14.51 33.50
C VAL F 39 -12.75 13.39 33.26
N SER F 40 -13.60 13.13 34.24
CA SER F 40 -14.55 12.02 34.11
C SER F 40 -15.86 12.37 34.78
N LEU F 41 -16.93 11.87 34.20
CA LEU F 41 -18.27 12.11 34.72
C LEU F 41 -18.57 11.19 35.90
N GLY F 42 -19.20 11.77 36.94
CA GLY F 42 -19.63 11.00 38.09
C GLY F 42 -20.85 10.16 37.78
N ALA F 43 -21.15 9.24 38.68
CA ALA F 43 -22.23 8.28 38.48
C ALA F 43 -23.58 8.96 38.32
N GLY F 44 -23.81 10.05 39.05
CA GLY F 44 -25.12 10.66 38.97
C GLY F 44 -25.29 11.65 37.82
N ALA F 45 -24.30 11.80 36.95
CA ALA F 45 -24.41 12.77 35.89
C ALA F 45 -25.49 12.35 34.90
N LYS F 46 -26.26 13.33 34.42
CA LYS F 46 -27.21 13.09 33.35
C LYS F 46 -26.46 12.84 32.04
N ASP F 47 -27.20 12.39 31.04
CA ASP F 47 -26.63 12.20 29.71
C ASP F 47 -26.77 13.48 28.88
N GLU F 48 -26.42 14.63 29.48
CA GLU F 48 -26.35 15.91 28.79
C GLU F 48 -24.88 16.22 28.45
N LEU F 49 -24.68 17.17 27.56
CA LEU F 49 -23.31 17.61 27.25
C LEU F 49 -22.69 18.35 28.43
N HIS F 50 -21.44 17.99 28.76
CA HIS F 50 -20.66 18.66 29.78
C HIS F 50 -19.41 19.31 29.20
N ILE F 51 -19.16 20.56 29.57
CA ILE F 51 -17.97 21.27 29.11
C ILE F 51 -17.22 21.76 30.34
N VAL F 52 -15.97 21.34 30.48
CA VAL F 52 -15.15 21.71 31.63
C VAL F 52 -14.16 22.77 31.17
N GLU F 53 -14.01 23.82 31.97
CA GLU F 53 -13.12 24.91 31.62
C GLU F 53 -12.20 25.27 32.78
N ALA F 54 -11.03 25.80 32.43
CA ALA F 54 -10.04 26.29 33.37
C ALA F 54 -9.77 27.75 33.05
N GLU F 55 -9.51 28.52 34.09
CA GLU F 55 -9.22 29.94 33.97
C GLU F 55 -7.91 30.23 34.69
N ALA F 56 -6.95 30.82 33.98
CA ALA F 56 -5.64 31.16 34.55
C ALA F 56 -5.03 32.26 33.67
N MET F 57 -3.89 32.77 34.11
CA MET F 57 -3.24 33.87 33.40
C MET F 57 -2.66 33.39 32.08
N ASN F 58 -2.89 34.17 31.02
CA ASN F 58 -2.18 33.94 29.78
C ASN F 58 -0.84 34.70 29.83
N TYR F 59 -0.04 34.53 28.79
CA TYR F 59 1.28 35.14 28.78
C TYR F 59 1.21 36.66 28.79
N GLU F 60 0.15 37.23 28.21
CA GLU F 60 0.02 38.68 28.21
C GLU F 60 -0.51 39.23 29.53
N GLY F 61 -0.62 38.40 30.57
CA GLY F 61 -0.98 38.87 31.89
C GLY F 61 -2.45 38.82 32.20
N SER F 62 -3.27 38.45 31.26
CA SER F 62 -4.67 38.62 31.48
C SER F 62 -5.34 37.25 31.70
N PRO F 63 -6.41 37.14 32.48
CA PRO F 63 -7.03 35.81 32.65
C PRO F 63 -7.86 35.37 31.46
N ILE F 64 -7.75 34.08 31.11
CA ILE F 64 -8.52 33.52 30.00
C ILE F 64 -9.25 32.27 30.43
N LYS F 65 -10.47 32.11 29.92
CA LYS F 65 -11.29 30.92 30.11
C LYS F 65 -11.03 29.95 28.97
N VAL F 66 -10.74 28.70 29.29
CA VAL F 66 -10.24 27.74 28.31
C VAL F 66 -10.99 26.44 28.49
N THR F 67 -11.39 25.81 27.37
CA THR F 67 -12.09 24.54 27.45
C THR F 67 -11.11 23.37 27.56
N LEU F 68 -11.23 22.60 28.62
CA LEU F 68 -10.43 21.40 28.78
C LEU F 68 -11.05 20.23 28.04
N ALA F 69 -12.38 20.05 28.15
CA ALA F 69 -12.97 18.84 27.61
C ALA F 69 -14.47 18.99 27.43
N THR F 70 -14.97 18.27 26.43
CA THR F 70 -16.39 18.08 26.20
C THR F 70 -16.68 16.61 26.44
N LEU F 71 -17.62 16.32 27.35
CA LEU F 71 -17.94 14.97 27.79
C LEU F 71 -19.43 14.72 27.66
N LYS F 72 -19.77 13.46 27.40
CA LYS F 72 -21.15 13.01 27.36
C LYS F 72 -21.13 11.55 27.75
N MET F 73 -22.04 11.19 28.67
CA MET F 73 -21.94 9.90 29.33
C MET F 73 -21.99 8.75 28.34
N SER F 74 -22.91 8.79 27.37
CA SER F 74 -23.06 7.65 26.48
C SER F 74 -22.12 7.70 25.27
N VAL F 75 -21.24 8.71 25.18
CA VAL F 75 -20.33 8.87 24.05
C VAL F 75 -18.88 8.79 24.51
N GLN F 76 -18.53 9.55 25.53
CA GLN F 76 -17.17 9.68 26.01
C GLN F 76 -17.21 10.14 27.46
N PRO F 77 -17.30 9.21 28.42
CA PRO F 77 -17.42 9.63 29.83
C PRO F 77 -16.13 10.15 30.44
N THR F 78 -14.97 9.77 29.89
CA THR F 78 -13.67 10.18 30.43
C THR F 78 -12.79 10.72 29.32
N VAL F 79 -12.06 11.79 29.64
CA VAL F 79 -11.02 12.35 28.80
C VAL F 79 -9.74 12.38 29.62
N SER F 80 -8.65 11.93 29.03
CA SER F 80 -7.34 11.97 29.65
C SER F 80 -6.51 13.09 29.01
N LEU F 81 -5.99 13.98 29.83
CA LEU F 81 -5.24 15.14 29.34
C LEU F 81 -3.73 14.91 29.29
N GLY F 82 -3.22 13.87 29.92
CA GLY F 82 -1.81 13.52 29.81
C GLY F 82 -0.84 14.41 30.54
N GLY F 83 -1.26 15.08 31.60
CA GLY F 83 -0.35 15.96 32.31
C GLY F 83 -0.38 17.38 31.75
N PHE F 84 -1.56 17.98 31.76
CA PHE F 84 -1.74 19.37 31.36
C PHE F 84 -1.34 20.24 32.54
N GLU F 85 -0.19 20.88 32.44
CA GLU F 85 0.34 21.67 33.55
C GLU F 85 -0.13 23.11 33.46
N ILE F 86 -0.58 23.66 34.59
CA ILE F 86 -1.10 25.02 34.66
C ILE F 86 -0.54 25.67 35.91
N THR F 87 -0.13 26.93 35.78
CA THR F 87 0.38 27.66 36.92
C THR F 87 -0.78 28.29 37.69
N PRO F 88 -0.89 28.04 39.00
CA PRO F 88 -1.91 28.66 39.87
C PRO F 88 -1.68 30.15 39.97
N PRO F 89 -2.72 30.91 40.31
CA PRO F 89 -4.08 30.46 40.62
C PRO F 89 -4.87 29.96 39.41
N VAL F 90 -5.69 28.94 39.63
CA VAL F 90 -6.49 28.34 38.58
C VAL F 90 -7.90 28.12 39.09
N VAL F 91 -8.87 28.46 38.27
CA VAL F 91 -10.26 28.17 38.54
C VAL F 91 -10.69 27.09 37.55
N LEU F 92 -11.36 26.06 38.07
CA LEU F 92 -11.94 24.99 37.28
C LEU F 92 -13.45 25.05 37.44
N ARG F 93 -14.18 24.94 36.33
CA ARG F 93 -15.62 25.00 36.46
C ARG F 93 -16.29 24.33 35.26
N LEU F 94 -17.59 24.06 35.45
CA LEU F 94 -18.46 23.57 34.40
C LEU F 94 -18.99 24.72 33.57
N LYS F 95 -18.68 24.72 32.28
CA LYS F 95 -19.26 25.75 31.41
C LYS F 95 -20.70 25.37 31.06
N CYS F 96 -21.01 24.08 31.02
CA CYS F 96 -22.40 23.68 30.93
C CYS F 96 -22.51 22.22 31.34
N GLY F 97 -23.73 21.80 31.58
CA GLY F 97 -23.97 20.54 32.25
C GLY F 97 -23.96 20.69 33.75
N SER F 98 -24.67 19.79 34.43
CA SER F 98 -24.84 19.89 35.88
C SER F 98 -23.82 19.09 36.67
N GLY F 99 -23.13 18.14 36.07
CA GLY F 99 -22.19 17.31 36.80
C GLY F 99 -22.92 16.24 37.60
N PRO F 100 -22.23 15.59 38.56
CA PRO F 100 -20.86 15.87 38.95
C PRO F 100 -19.83 15.48 37.89
N VAL F 101 -18.80 16.30 37.79
CA VAL F 101 -17.65 16.04 36.94
C VAL F 101 -16.43 15.95 37.85
N HIS F 102 -15.62 14.91 37.66
CA HIS F 102 -14.41 14.78 38.46
C HIS F 102 -13.18 15.14 37.65
N ILE F 103 -12.22 15.76 38.32
CA ILE F 103 -10.91 16.07 37.79
C ILE F 103 -9.87 15.45 38.71
N SER F 104 -8.86 14.84 38.12
CA SER F 104 -7.75 14.28 38.86
C SER F 104 -6.47 14.85 38.26
N GLY F 105 -5.42 14.87 39.07
CA GLY F 105 -4.15 15.33 38.60
C GLY F 105 -3.14 15.29 39.70
N GLN F 106 -2.06 16.03 39.49
CA GLN F 106 -0.95 16.11 40.41
C GLN F 106 -0.74 17.55 40.83
N HIS F 107 -0.41 17.76 42.09
CA HIS F 107 0.09 19.03 42.55
C HIS F 107 1.62 18.89 42.66
N LEU F 108 2.34 19.64 41.82
CA LEU F 108 3.79 19.57 41.73
C LEU F 108 4.45 20.76 42.41
N VAL F 109 5.53 20.48 43.16
CA VAL F 109 6.33 21.49 43.87
C VAL F 109 7.80 21.26 43.54
N ALA F 110 8.51 22.33 43.17
CA ALA F 110 9.93 22.28 42.84
C ALA F 110 10.77 22.90 43.96
N VAL F 111 12.04 22.49 44.03
CA VAL F 111 12.98 23.01 45.04
C VAL F 111 13.19 24.51 44.93
N PRO G 6 11.61 26.78 31.78
CA PRO G 6 10.64 27.13 30.74
C PRO G 6 9.30 27.57 31.31
N GLN G 7 9.01 28.88 31.27
CA GLN G 7 7.78 29.41 31.83
C GLN G 7 6.57 28.93 31.01
N ASN G 8 5.40 28.91 31.68
CA ASN G 8 4.24 28.21 31.20
C ASN G 8 2.98 29.03 31.46
N TYR G 9 2.25 29.36 30.40
CA TYR G 9 1.01 30.11 30.47
C TYR G 9 -0.13 29.38 29.80
N LEU G 10 -1.33 29.65 30.27
CA LEU G 10 -2.51 29.04 29.67
C LEU G 10 -2.80 29.67 28.32
N PHE G 11 -3.18 28.83 27.36
CA PHE G 11 -3.55 29.24 26.01
C PHE G 11 -4.88 28.60 25.63
N GLY G 12 -5.70 29.36 24.91
CA GLY G 12 -6.92 28.83 24.34
C GLY G 12 -7.39 29.74 23.23
N CYS G 13 -8.21 29.17 22.36
CA CYS G 13 -8.84 29.95 21.30
C CYS G 13 -10.09 29.21 20.88
N GLU G 14 -10.93 29.89 20.10
CA GLU G 14 -12.16 29.34 19.57
C GLU G 14 -12.11 29.50 18.07
N LEU G 15 -12.42 28.44 17.33
CA LEU G 15 -12.43 28.47 15.88
C LEU G 15 -13.85 28.31 15.37
N LYS G 16 -14.20 29.08 14.35
CA LYS G 16 -15.42 28.88 13.58
C LYS G 16 -15.06 28.89 12.11
N ALA G 17 -16.05 28.55 11.28
CA ALA G 17 -15.85 28.52 9.84
C ALA G 17 -15.29 29.86 9.35
N ASP G 18 -15.75 30.95 9.96
CA ASP G 18 -15.35 32.31 9.57
C ASP G 18 -14.21 32.88 10.41
N LYS G 19 -13.69 32.15 11.39
CA LYS G 19 -12.79 32.73 12.38
C LYS G 19 -11.58 31.84 12.61
N ASP G 20 -10.45 32.19 11.98
CA ASP G 20 -9.14 31.59 12.21
C ASP G 20 -8.62 32.00 13.59
N TYR G 21 -7.46 31.45 13.95
CA TYR G 21 -6.69 32.00 15.05
C TYR G 21 -5.23 32.07 14.63
N HIS G 22 -4.62 33.24 14.82
CA HIS G 22 -3.23 33.49 14.47
C HIS G 22 -2.44 33.65 15.76
N PHE G 23 -1.59 32.66 16.04
CA PHE G 23 -0.62 32.73 17.13
C PHE G 23 0.67 33.34 16.59
N LYS G 24 0.94 34.59 16.93
CA LYS G 24 2.00 35.36 16.28
C LYS G 24 3.31 35.32 17.06
N VAL G 25 4.42 35.28 16.31
CA VAL G 25 5.76 35.50 16.85
C VAL G 25 5.82 36.80 17.64
N ASP G 26 5.98 36.69 18.95
CA ASP G 26 6.28 37.86 19.77
C ASP G 26 7.71 38.30 19.44
N ASN G 27 7.83 39.54 18.94
CA ASN G 27 9.07 40.16 18.50
C ASN G 27 10.30 39.81 19.35
N ASP G 28 10.13 39.68 20.65
CA ASP G 28 11.23 39.84 21.60
C ASP G 28 12.28 38.73 21.61
N GLU G 29 13.02 38.63 22.72
CA GLU G 29 14.22 37.78 22.79
C GLU G 29 13.88 36.31 23.00
N ASN G 30 12.84 36.02 23.79
CA ASN G 30 12.59 34.68 24.27
C ASN G 30 12.22 33.76 23.12
N GLU G 31 12.44 32.47 23.30
CA GLU G 31 11.94 31.46 22.36
C GLU G 31 10.58 30.96 22.84
N HIS G 32 9.67 30.78 21.89
CA HIS G 32 8.30 30.47 22.25
C HIS G 32 7.83 29.19 21.58
N GLN G 33 7.02 28.45 22.30
CA GLN G 33 6.35 27.30 21.73
C GLN G 33 4.88 27.33 22.15
N LEU G 34 4.03 26.93 21.21
CA LEU G 34 2.63 26.63 21.46
C LEU G 34 2.55 25.12 21.61
N SER G 35 2.09 24.67 22.77
CA SER G 35 1.95 23.25 23.05
C SER G 35 0.45 22.95 23.12
N LEU G 36 -0.08 22.32 22.08
CA LEU G 36 -1.52 22.07 22.01
C LEU G 36 -1.94 20.85 22.82
N ARG G 37 -3.05 20.99 23.56
CA ARG G 37 -3.51 19.94 24.45
C ARG G 37 -4.84 19.31 24.01
N THR G 38 -5.94 20.04 24.03
CA THR G 38 -7.22 19.45 23.66
C THR G 38 -7.88 20.27 22.58
N VAL G 39 -8.60 19.57 21.73
CA VAL G 39 -9.52 20.11 20.75
C VAL G 39 -10.87 19.53 21.10
N SER G 40 -11.87 20.39 21.30
CA SER G 40 -13.20 19.89 21.67
C SER G 40 -14.30 20.74 21.05
N LEU G 41 -15.42 20.10 20.76
CA LEU G 41 -16.57 20.77 20.18
C LEU G 41 -17.29 21.61 21.22
N GLY G 42 -17.64 22.84 20.85
CA GLY G 42 -18.40 23.70 21.72
C GLY G 42 -19.85 23.29 21.77
N ALA G 43 -20.56 23.82 22.76
CA ALA G 43 -21.93 23.38 23.02
C ALA G 43 -22.82 23.50 21.78
N GLY G 44 -22.68 24.59 21.03
CA GLY G 44 -23.56 24.80 19.89
C GLY G 44 -23.16 24.13 18.59
N ALA G 45 -22.12 23.31 18.58
CA ALA G 45 -21.66 22.70 17.33
C ALA G 45 -22.72 21.74 16.79
N LYS G 46 -22.92 21.76 15.48
CA LYS G 46 -23.77 20.78 14.83
C LYS G 46 -23.06 19.42 14.82
N ASP G 47 -23.83 18.35 14.65
CA ASP G 47 -23.28 16.99 14.58
C ASP G 47 -22.72 16.69 13.19
N GLU G 48 -21.92 17.61 12.65
CA GLU G 48 -21.24 17.44 11.38
C GLU G 48 -19.78 17.10 11.63
N LEU G 49 -19.11 16.66 10.56
CA LEU G 49 -17.67 16.44 10.64
C LEU G 49 -16.95 17.79 10.82
N HIS G 50 -16.06 17.86 11.81
CA HIS G 50 -15.16 18.99 11.99
C HIS G 50 -13.71 18.52 11.82
N ILE G 51 -12.96 19.27 11.04
CA ILE G 51 -11.54 18.98 10.83
C ILE G 51 -10.75 20.25 11.16
N VAL G 52 -9.84 20.15 12.10
CA VAL G 52 -9.01 21.28 12.52
C VAL G 52 -7.64 21.14 11.90
N GLU G 53 -7.14 22.22 11.31
CA GLU G 53 -5.84 22.18 10.67
C GLU G 53 -4.97 23.31 11.22
N ALA G 54 -3.67 23.05 11.20
CA ALA G 54 -2.66 23.98 11.65
C ALA G 54 -1.72 24.27 10.50
N GLU G 55 -1.28 25.52 10.39
CA GLU G 55 -0.35 25.86 9.34
C GLU G 55 0.86 26.58 9.92
N ALA G 56 2.04 26.05 9.60
CA ALA G 56 3.30 26.55 10.13
C ALA G 56 4.41 26.10 9.19
N MET G 57 5.64 26.49 9.54
CA MET G 57 6.78 26.24 8.69
C MET G 57 7.26 24.81 8.80
N ASN G 58 7.54 24.18 7.64
CA ASN G 58 8.17 22.87 7.67
C ASN G 58 9.69 23.02 7.66
N TYR G 59 10.38 21.89 7.73
CA TYR G 59 11.83 21.90 7.81
C TYR G 59 12.46 22.56 6.59
N GLU G 60 11.90 22.32 5.40
CA GLU G 60 12.48 22.85 4.18
C GLU G 60 12.31 24.37 4.07
N GLY G 61 11.35 24.93 4.78
CA GLY G 61 11.20 26.37 4.84
C GLY G 61 9.86 26.92 4.37
N SER G 62 9.00 26.06 3.80
CA SER G 62 7.75 26.57 3.24
C SER G 62 6.55 26.25 4.15
N PRO G 63 5.43 26.97 4.06
CA PRO G 63 4.29 26.67 4.94
C PRO G 63 3.62 25.36 4.54
N ILE G 64 3.23 24.58 5.55
CA ILE G 64 2.41 23.40 5.28
C ILE G 64 1.19 23.45 6.19
N LYS G 65 0.07 23.02 5.64
CA LYS G 65 -1.15 22.80 6.41
C LYS G 65 -1.16 21.36 6.89
N VAL G 66 -1.73 21.16 8.07
CA VAL G 66 -1.67 19.88 8.75
C VAL G 66 -2.98 19.66 9.48
N THR G 67 -3.54 18.45 9.40
CA THR G 67 -4.76 18.14 10.14
C THR G 67 -4.41 17.69 11.56
N LEU G 68 -4.95 18.40 12.55
CA LEU G 68 -4.78 18.04 13.95
C LEU G 68 -5.80 17.01 14.42
N ALA G 69 -7.05 17.16 14.02
CA ALA G 69 -8.10 16.32 14.59
C ALA G 69 -9.32 16.31 13.69
N THR G 70 -9.99 15.18 13.67
CA THR G 70 -11.30 15.04 13.06
C THR G 70 -12.27 14.72 14.18
N LEU G 71 -13.31 15.55 14.33
CA LEU G 71 -14.23 15.44 15.44
C LEU G 71 -15.66 15.36 14.94
N LYS G 72 -16.49 14.70 15.73
CA LYS G 72 -17.91 14.66 15.47
C LYS G 72 -18.60 14.49 16.82
N MET G 73 -19.63 15.32 17.07
CA MET G 73 -20.17 15.44 18.42
C MET G 73 -20.65 14.09 18.95
N SER G 74 -21.34 13.31 18.13
CA SER G 74 -21.93 12.06 18.59
C SER G 74 -20.98 10.86 18.48
N VAL G 75 -19.73 11.05 18.07
CA VAL G 75 -18.77 9.96 17.93
C VAL G 75 -17.57 10.19 18.84
N GLN G 76 -16.98 11.37 18.76
CA GLN G 76 -15.80 11.75 19.50
C GLN G 76 -15.76 13.28 19.59
N PRO G 77 -16.36 13.88 20.63
CA PRO G 77 -16.38 15.36 20.73
C PRO G 77 -15.06 15.99 21.17
N THR G 78 -14.14 15.22 21.79
CA THR G 78 -12.86 15.72 22.29
C THR G 78 -11.71 14.83 21.87
N VAL G 79 -10.61 15.46 21.45
CA VAL G 79 -9.36 14.77 21.16
C VAL G 79 -8.28 15.41 22.01
N SER G 80 -7.47 14.57 22.66
CA SER G 80 -6.36 15.02 23.47
C SER G 80 -5.06 14.79 22.69
N LEU G 81 -4.28 15.84 22.49
CA LEU G 81 -3.06 15.75 21.69
C LEU G 81 -1.79 15.53 22.50
N GLY G 82 -1.83 15.70 23.82
CA GLY G 82 -0.68 15.33 24.65
C GLY G 82 0.54 16.22 24.56
N GLY G 83 0.39 17.50 24.23
CA GLY G 83 1.54 18.37 24.16
C GLY G 83 2.19 18.40 22.79
N PHE G 84 1.40 18.75 21.78
CA PHE G 84 1.86 18.91 20.41
C PHE G 84 2.49 20.29 20.30
N GLU G 85 3.81 20.35 20.26
CA GLU G 85 4.48 21.65 20.31
C GLU G 85 4.76 22.16 18.90
N ILE G 86 4.42 23.42 18.67
CA ILE G 86 4.54 24.07 17.37
C ILE G 86 5.21 25.42 17.56
N THR G 87 6.20 25.73 16.69
CA THR G 87 6.92 26.99 16.73
C THR G 87 6.12 28.05 15.98
N PRO G 88 5.84 29.20 16.61
CA PRO G 88 5.14 30.31 15.96
C PRO G 88 5.97 30.85 14.80
N PRO G 89 5.34 31.47 13.81
CA PRO G 89 3.88 31.67 13.73
C PRO G 89 3.12 30.39 13.40
N VAL G 90 1.91 30.26 13.92
CA VAL G 90 1.05 29.15 13.53
C VAL G 90 -0.37 29.68 13.40
N VAL G 91 -1.05 29.22 12.34
CA VAL G 91 -2.45 29.54 12.12
C VAL G 91 -3.27 28.28 12.37
N LEU G 92 -4.38 28.44 13.09
CA LEU G 92 -5.34 27.38 13.33
C LEU G 92 -6.65 27.73 12.67
N ARG G 93 -7.26 26.78 11.97
CA ARG G 93 -8.53 27.06 11.29
C ARG G 93 -9.33 25.77 11.14
N LEU G 94 -10.62 25.96 10.89
CA LEU G 94 -11.53 24.85 10.57
C LEU G 94 -11.45 24.56 9.08
N LYS G 95 -10.95 23.37 8.75
CA LYS G 95 -10.92 23.00 7.34
C LYS G 95 -12.30 22.59 6.86
N CYS G 96 -13.13 22.09 7.75
CA CYS G 96 -14.55 21.94 7.43
C CYS G 96 -15.30 21.80 8.74
N GLY G 97 -16.61 21.96 8.64
CA GLY G 97 -17.41 22.13 9.84
C GLY G 97 -17.52 23.60 10.23
N SER G 98 -18.62 23.93 10.91
CA SER G 98 -18.87 25.32 11.27
C SER G 98 -18.44 25.67 12.69
N GLY G 99 -18.25 24.70 13.56
CA GLY G 99 -17.90 25.00 14.93
C GLY G 99 -19.09 25.44 15.75
N PRO G 100 -18.85 26.04 16.93
CA PRO G 100 -17.51 26.34 17.47
C PRO G 100 -16.69 25.12 17.88
N VAL G 101 -15.37 25.22 17.66
CA VAL G 101 -14.39 24.26 18.16
C VAL G 101 -13.45 25.03 19.07
N HIS G 102 -13.21 24.48 20.25
CA HIS G 102 -12.31 25.09 21.22
C HIS G 102 -11.00 24.33 21.22
N ILE G 103 -9.91 25.07 21.37
CA ILE G 103 -8.56 24.54 21.47
C ILE G 103 -7.95 25.05 22.77
N SER G 104 -7.24 24.19 23.47
CA SER G 104 -6.57 24.53 24.72
C SER G 104 -5.11 24.10 24.64
N GLY G 105 -4.26 24.75 25.43
CA GLY G 105 -2.88 24.34 25.46
C GLY G 105 -2.04 25.22 26.36
N GLN G 106 -0.74 25.13 26.13
CA GLN G 106 0.26 25.89 26.87
C GLN G 106 1.01 26.77 25.90
N HIS G 107 1.29 27.96 26.35
CA HIS G 107 2.20 28.88 25.68
C HIS G 107 3.50 28.83 26.48
N LEU G 108 4.56 28.28 25.88
CA LEU G 108 5.83 28.10 26.59
C LEU G 108 6.83 29.16 26.17
N VAL G 109 7.55 29.69 27.15
CA VAL G 109 8.57 30.72 26.96
C VAL G 109 9.86 30.28 27.63
N ALA G 110 10.98 30.37 26.90
CA ALA G 110 12.28 29.91 27.36
C ALA G 110 12.95 30.80 28.41
N VAL G 111 13.66 31.83 27.97
CA VAL G 111 14.43 32.65 28.91
C VAL G 111 14.06 34.11 28.80
N ARG H 5 14.91 20.93 23.34
CA ARG H 5 16.26 21.26 22.90
C ARG H 5 16.44 21.21 21.36
N PRO H 6 16.01 20.11 20.69
CA PRO H 6 16.05 20.12 19.21
C PRO H 6 15.14 21.21 18.69
N GLN H 7 15.52 21.80 17.56
CA GLN H 7 14.56 22.68 16.93
C GLN H 7 13.51 21.85 16.21
N ASN H 8 12.31 22.41 16.14
CA ASN H 8 11.07 21.68 15.96
C ASN H 8 10.31 22.27 14.79
N TYR H 9 10.03 21.44 13.78
CA TYR H 9 9.29 21.88 12.61
C TYR H 9 8.03 21.04 12.45
N LEU H 10 7.02 21.68 11.88
CA LEU H 10 5.75 20.99 11.65
C LEU H 10 5.89 19.97 10.53
N PHE H 11 5.25 18.82 10.72
CA PHE H 11 5.22 17.76 9.74
C PHE H 11 3.78 17.30 9.52
N GLY H 12 3.46 16.97 8.28
CA GLY H 12 2.19 16.38 7.97
C GLY H 12 2.25 15.73 6.61
N CYS H 13 1.35 14.78 6.39
CA CYS H 13 1.18 14.20 5.07
C CYS H 13 -0.23 13.65 4.97
N GLU H 14 -0.62 13.34 3.74
CA GLU H 14 -1.92 12.77 3.43
C GLU H 14 -1.66 11.44 2.73
N LEU H 15 -2.34 10.39 3.19
CA LEU H 15 -2.21 9.07 2.61
C LEU H 15 -3.51 8.64 1.94
N LYS H 16 -3.36 7.96 0.80
CA LYS H 16 -4.46 7.29 0.11
C LYS H 16 -4.01 5.88 -0.27
N ALA H 17 -4.94 5.09 -0.81
CA ALA H 17 -4.62 3.74 -1.25
C ALA H 17 -3.46 3.74 -2.22
N ASP H 18 -3.36 4.79 -3.03
CA ASP H 18 -2.40 4.90 -4.12
C ASP H 18 -1.25 5.86 -3.82
N LYS H 19 -1.22 6.44 -2.63
CA LYS H 19 -0.27 7.50 -2.29
C LYS H 19 0.35 7.19 -0.93
N ASP H 20 1.63 6.78 -0.93
CA ASP H 20 2.38 6.59 0.29
C ASP H 20 3.13 7.88 0.63
N TYR H 21 3.88 7.85 1.72
CA TYR H 21 4.77 8.95 2.04
C TYR H 21 6.11 8.40 2.50
N HIS H 22 7.19 8.78 1.83
CA HIS H 22 8.54 8.43 2.26
C HIS H 22 9.14 9.63 2.97
N PHE H 23 9.44 9.49 4.26
CA PHE H 23 10.07 10.57 4.98
C PHE H 23 11.56 10.73 4.61
N LYS H 24 12.21 9.63 4.23
CA LYS H 24 13.54 9.60 3.56
C LYS H 24 14.07 10.91 2.98
N VAL H 25 15.22 11.41 3.47
CA VAL H 25 15.80 11.13 4.78
C VAL H 25 16.33 12.48 5.30
N ASP H 26 17.57 12.84 4.88
CA ASP H 26 18.27 14.04 5.37
C ASP H 26 19.58 14.36 4.62
N ASN H 27 20.72 14.17 5.30
CA ASN H 27 22.12 14.24 4.86
C ASN H 27 22.80 15.53 5.31
N ASP H 28 23.32 15.49 6.54
CA ASP H 28 23.94 16.62 7.24
C ASP H 28 24.43 16.15 8.60
N GLU H 29 25.02 17.04 9.40
CA GLU H 29 25.44 16.70 10.76
C GLU H 29 24.37 17.03 11.77
N ASN H 30 23.12 16.67 11.46
CA ASN H 30 22.02 16.79 12.40
C ASN H 30 21.36 15.44 12.55
N GLU H 31 21.02 15.11 13.80
CA GLU H 31 20.18 13.95 14.08
C GLU H 31 18.73 14.34 13.85
N HIS H 32 18.01 13.54 13.07
CA HIS H 32 16.61 13.80 12.76
C HIS H 32 15.71 12.76 13.42
N GLN H 33 14.52 13.22 13.88
CA GLN H 33 13.48 12.31 14.35
C GLN H 33 12.13 12.79 13.83
N LEU H 34 11.29 11.84 13.46
CA LEU H 34 9.90 12.10 13.15
C LEU H 34 9.08 11.79 14.38
N SER H 35 8.36 12.76 14.91
CA SER H 35 7.56 12.51 16.10
C SER H 35 6.10 12.54 15.66
N LEU H 36 5.49 11.36 15.54
CA LEU H 36 4.11 11.28 15.05
C LEU H 36 3.11 11.59 16.16
N ARG H 37 2.13 12.43 15.84
CA ARG H 37 1.18 12.91 16.83
C ARG H 37 -0.23 12.40 16.58
N THR H 38 -0.89 12.79 15.49
CA THR H 38 -2.24 12.33 15.24
C THR H 38 -2.37 11.67 13.88
N VAL H 39 -3.29 10.71 13.84
CA VAL H 39 -3.80 10.09 12.63
C VAL H 39 -5.29 10.35 12.60
N SER H 40 -5.78 10.98 11.53
CA SER H 40 -7.21 11.27 11.42
C SER H 40 -7.69 11.15 9.98
N LEU H 41 -8.93 10.72 9.85
CA LEU H 41 -9.57 10.50 8.56
C LEU H 41 -9.98 11.82 7.92
N GLY H 42 -9.76 11.92 6.62
CA GLY H 42 -10.16 13.10 5.88
C GLY H 42 -11.66 13.17 5.65
N ALA H 43 -12.10 14.35 5.23
CA ALA H 43 -13.53 14.59 5.08
C ALA H 43 -14.18 13.62 4.09
N GLY H 44 -13.50 13.31 3.00
CA GLY H 44 -14.11 12.44 2.01
C GLY H 44 -13.93 10.95 2.24
N ALA H 45 -13.33 10.53 3.34
CA ALA H 45 -13.10 9.12 3.58
C ALA H 45 -14.41 8.36 3.75
N LYS H 46 -14.46 7.14 3.24
CA LYS H 46 -15.62 6.28 3.42
C LYS H 46 -15.63 5.73 4.85
N ASP H 47 -16.70 5.01 5.19
CA ASP H 47 -16.81 4.44 6.55
C ASP H 47 -16.35 2.99 6.57
N GLU H 48 -15.22 2.73 5.93
CA GLU H 48 -14.53 1.45 5.92
C GLU H 48 -13.40 1.48 6.95
N LEU H 49 -12.91 0.29 7.27
CA LEU H 49 -11.73 0.19 8.13
C LEU H 49 -10.51 0.78 7.43
N HIS H 50 -9.81 1.67 8.12
CA HIS H 50 -8.54 2.21 7.69
C HIS H 50 -7.46 1.77 8.66
N ILE H 51 -6.37 1.24 8.14
CA ILE H 51 -5.22 0.82 8.94
C ILE H 51 -3.97 1.50 8.39
N VAL H 52 -3.29 2.26 9.22
CA VAL H 52 -2.09 2.99 8.83
C VAL H 52 -0.87 2.24 9.33
N GLU H 53 0.10 2.07 8.46
CA GLU H 53 1.30 1.30 8.73
C GLU H 53 2.54 2.18 8.53
N ALA H 54 3.57 1.91 9.33
CA ALA H 54 4.87 2.56 9.20
C ALA H 54 5.92 1.49 8.97
N GLU H 55 6.93 1.84 8.15
CA GLU H 55 8.05 0.97 7.86
C GLU H 55 9.34 1.72 8.14
N ALA H 56 10.19 1.12 8.96
CA ALA H 56 11.49 1.69 9.28
C ALA H 56 12.36 0.55 9.81
N MET H 57 13.58 0.89 10.19
CA MET H 57 14.50 -0.13 10.67
C MET H 57 14.18 -0.48 12.11
N ASN H 58 14.39 -1.73 12.44
CA ASN H 58 14.38 -2.24 13.79
C ASN H 58 15.80 -2.54 14.26
N TYR H 59 15.88 -3.11 15.46
CA TYR H 59 17.16 -3.22 16.15
C TYR H 59 18.08 -4.21 15.48
N GLU H 60 17.53 -5.25 14.84
CA GLU H 60 18.39 -6.22 14.17
C GLU H 60 18.94 -5.68 12.85
N GLY H 61 18.48 -4.51 12.40
CA GLY H 61 18.96 -3.90 11.17
C GLY H 61 18.05 -4.07 9.98
N SER H 62 17.01 -4.87 10.09
CA SER H 62 16.18 -5.11 8.92
C SER H 62 14.90 -4.28 8.98
N PRO H 63 14.28 -3.94 7.84
CA PRO H 63 13.05 -3.13 7.89
C PRO H 63 11.87 -3.95 8.38
N ILE H 64 11.04 -3.34 9.23
CA ILE H 64 9.82 -4.00 9.68
C ILE H 64 8.65 -3.07 9.46
N LYS H 65 7.49 -3.68 9.24
CA LYS H 65 6.25 -2.97 9.03
C LYS H 65 5.43 -3.07 10.30
N VAL H 66 4.97 -1.93 10.78
CA VAL H 66 4.30 -1.83 12.07
C VAL H 66 2.97 -1.11 11.85
N THR H 67 1.90 -1.56 12.52
CA THR H 67 0.60 -0.88 12.45
C THR H 67 0.54 0.26 13.46
N LEU H 68 0.30 1.48 12.98
CA LEU H 68 0.15 2.62 13.89
C LEU H 68 -1.26 2.81 14.44
N ALA H 69 -2.28 2.64 13.61
CA ALA H 69 -3.63 2.94 14.06
C ALA H 69 -4.62 2.21 13.17
N THR H 70 -5.75 1.84 13.77
CA THR H 70 -6.93 1.37 13.05
C THR H 70 -8.03 2.39 13.31
N LEU H 71 -8.59 2.92 12.24
CA LEU H 71 -9.55 4.01 12.30
C LEU H 71 -10.77 3.63 11.50
N LYS H 72 -11.90 4.18 11.94
CA LYS H 72 -13.18 4.04 11.26
C LYS H 72 -14.01 5.29 11.57
N MET H 73 -14.60 5.86 10.51
CA MET H 73 -15.18 7.19 10.59
C MET H 73 -16.27 7.28 11.66
N SER H 74 -17.12 6.26 11.74
CA SER H 74 -18.24 6.25 12.66
C SER H 74 -17.91 5.70 14.05
N VAL H 75 -16.67 5.34 14.34
CA VAL H 75 -16.28 4.76 15.62
C VAL H 75 -15.19 5.57 16.29
N GLN H 76 -14.11 5.85 15.58
CA GLN H 76 -12.91 6.52 16.04
C GLN H 76 -12.23 7.18 14.85
N PRO H 77 -12.61 8.42 14.52
CA PRO H 77 -12.04 9.08 13.34
C PRO H 77 -10.60 9.59 13.52
N THR H 78 -10.14 9.81 14.75
CA THR H 78 -8.82 10.33 15.04
C THR H 78 -8.19 9.46 16.11
N VAL H 79 -6.90 9.18 15.96
CA VAL H 79 -6.10 8.54 17.01
C VAL H 79 -4.91 9.45 17.30
N SER H 80 -4.68 9.72 18.58
CA SER H 80 -3.54 10.51 19.03
C SER H 80 -2.47 9.58 19.59
N LEU H 81 -1.24 9.71 19.06
CA LEU H 81 -0.13 8.84 19.43
C LEU H 81 0.79 9.43 20.50
N GLY H 82 0.68 10.73 20.78
CA GLY H 82 1.47 11.32 21.85
C GLY H 82 2.95 11.48 21.57
N GLY H 83 3.33 11.57 20.30
CA GLY H 83 4.75 11.80 19.99
C GLY H 83 5.54 10.51 19.83
N PHE H 84 5.10 9.68 18.90
CA PHE H 84 5.75 8.42 18.54
C PHE H 84 6.95 8.74 17.64
N GLU H 85 8.14 8.68 18.19
CA GLU H 85 9.33 9.17 17.52
C GLU H 85 10.02 8.07 16.72
N ILE H 86 10.34 8.37 15.46
CA ILE H 86 10.93 7.39 14.56
C ILE H 86 12.13 7.98 13.85
N THR H 87 13.19 7.18 13.75
CA THR H 87 14.40 7.56 13.02
C THR H 87 14.20 7.30 11.53
N PRO H 88 14.39 8.30 10.66
CA PRO H 88 14.29 8.10 9.21
C PRO H 88 15.43 7.20 8.75
N PRO H 89 15.28 6.54 7.59
CA PRO H 89 14.10 6.60 6.73
C PRO H 89 12.89 5.83 7.27
N VAL H 90 11.70 6.36 7.01
CA VAL H 90 10.43 5.74 7.37
C VAL H 90 9.47 5.95 6.20
N VAL H 91 8.67 4.92 5.89
CA VAL H 91 7.59 4.99 4.90
C VAL H 91 6.26 4.88 5.62
N LEU H 92 5.30 5.75 5.28
CA LEU H 92 3.96 5.72 5.85
C LEU H 92 2.96 5.36 4.76
N ARG H 93 2.05 4.43 5.06
CA ARG H 93 1.15 3.95 4.03
C ARG H 93 -0.14 3.40 4.64
N LEU H 94 -1.13 3.28 3.77
CA LEU H 94 -2.39 2.64 4.10
C LEU H 94 -2.28 1.15 3.86
N LYS H 95 -2.45 0.35 4.91
CA LYS H 95 -2.51 -1.09 4.73
C LYS H 95 -3.87 -1.51 4.20
N CYS H 96 -4.91 -0.75 4.53
CA CYS H 96 -6.22 -0.94 3.93
C CYS H 96 -7.07 0.30 4.18
N GLY H 97 -8.14 0.41 3.41
CA GLY H 97 -8.88 1.65 3.29
C GLY H 97 -8.37 2.49 2.14
N SER H 98 -9.26 3.33 1.59
CA SER H 98 -8.89 4.17 0.46
C SER H 98 -8.46 5.57 0.87
N GLY H 99 -8.65 5.96 2.12
CA GLY H 99 -8.29 7.29 2.56
C GLY H 99 -9.31 8.32 2.10
N PRO H 100 -8.95 9.62 2.15
CA PRO H 100 -7.65 10.12 2.60
C PRO H 100 -7.46 9.99 4.10
N VAL H 101 -6.24 9.72 4.51
CA VAL H 101 -5.87 9.68 5.92
C VAL H 101 -4.79 10.73 6.12
N HIS H 102 -4.95 11.54 7.16
CA HIS H 102 -3.96 12.57 7.45
C HIS H 102 -3.12 12.16 8.66
N ILE H 103 -1.83 12.51 8.58
CA ILE H 103 -0.89 12.29 9.66
C ILE H 103 -0.26 13.62 10.02
N SER H 104 -0.16 13.87 11.32
CA SER H 104 0.46 15.08 11.82
C SER H 104 1.51 14.72 12.85
N GLY H 105 2.50 15.59 12.95
CA GLY H 105 3.50 15.41 13.97
C GLY H 105 4.55 16.47 13.85
N GLN H 106 5.68 16.20 14.49
CA GLN H 106 6.80 17.11 14.53
C GLN H 106 8.01 16.47 13.85
N HIS H 107 8.71 17.25 13.08
CA HIS H 107 10.02 16.88 12.55
C HIS H 107 11.04 17.60 13.41
N LEU H 108 11.82 16.82 14.16
CA LEU H 108 12.80 17.39 15.09
C LEU H 108 14.21 17.21 14.53
N VAL H 109 15.01 18.27 14.62
CA VAL H 109 16.39 18.22 14.16
C VAL H 109 17.28 18.76 15.26
N ALA H 110 18.38 18.07 15.54
CA ALA H 110 19.23 18.47 16.64
C ALA H 110 20.47 19.20 16.15
N VAL H 111 21.15 19.84 17.11
CA VAL H 111 22.35 20.65 16.88
C VAL H 111 23.30 20.04 15.85
N ARG I 5 18.69 10.11 24.62
CA ARG I 5 20.04 9.57 24.40
C ARG I 5 20.18 8.03 24.22
N PRO I 6 19.12 7.23 24.31
CA PRO I 6 19.19 5.86 23.80
C PRO I 6 19.06 5.86 22.30
N GLN I 7 19.52 4.77 21.69
CA GLN I 7 19.17 4.55 20.29
C GLN I 7 17.71 4.13 20.22
N ASN I 8 17.03 4.57 19.18
CA ASN I 8 15.60 4.40 19.07
C ASN I 8 15.29 3.61 17.81
N TYR I 9 14.67 2.45 17.97
CA TYR I 9 14.30 1.58 16.86
C TYR I 9 12.82 1.29 16.88
N LEU I 10 12.27 1.04 15.70
CA LEU I 10 10.88 0.62 15.57
C LEU I 10 10.69 -0.78 16.13
N PHE I 11 9.57 -0.98 16.80
CA PHE I 11 9.18 -2.28 17.30
C PHE I 11 7.74 -2.53 16.92
N GLY I 12 7.42 -3.79 16.62
CA GLY I 12 6.04 -4.16 16.35
C GLY I 12 5.87 -5.66 16.46
N CYS I 13 4.63 -6.06 16.70
CA CYS I 13 4.32 -7.48 16.70
C CYS I 13 2.83 -7.65 16.45
N GLU I 14 2.47 -8.87 16.09
CA GLU I 14 1.09 -9.25 15.81
C GLU I 14 0.76 -10.41 16.73
N LEU I 15 -0.38 -10.30 17.41
CA LEU I 15 -0.83 -11.35 18.34
C LEU I 15 -2.07 -12.02 17.79
N LYS I 16 -2.13 -13.33 17.94
CA LYS I 16 -3.33 -14.11 17.66
C LYS I 16 -3.54 -15.06 18.83
N ALA I 17 -4.67 -15.75 18.82
CA ALA I 17 -4.94 -16.71 19.88
C ALA I 17 -3.83 -17.74 19.99
N ASP I 18 -3.16 -18.05 18.88
CA ASP I 18 -2.15 -19.10 18.79
C ASP I 18 -0.74 -18.56 18.65
N LYS I 19 -0.51 -17.28 18.95
CA LYS I 19 0.78 -16.67 18.64
C LYS I 19 1.01 -15.51 19.62
N ASP I 20 1.82 -15.78 20.65
CA ASP I 20 2.24 -14.75 21.60
C ASP I 20 3.46 -14.02 21.03
N TYR I 21 3.87 -12.97 21.73
CA TYR I 21 5.13 -12.29 21.45
C TYR I 21 6.03 -12.38 22.67
N HIS I 22 7.35 -12.48 22.46
CA HIS I 22 8.25 -12.31 23.59
C HIS I 22 9.58 -11.77 23.10
N PHE I 23 10.14 -10.87 23.91
CA PHE I 23 11.43 -10.27 23.64
C PHE I 23 12.51 -11.34 23.56
N LYS I 24 13.24 -11.37 22.46
CA LYS I 24 14.35 -12.30 22.29
C LYS I 24 15.59 -11.70 22.93
N VAL I 25 15.94 -12.17 24.12
CA VAL I 25 17.21 -11.75 24.71
C VAL I 25 18.35 -12.32 23.88
N ASP I 26 19.33 -11.48 23.61
CA ASP I 26 20.57 -11.97 23.03
C ASP I 26 21.66 -11.83 24.08
N ASN I 27 22.84 -12.31 23.74
CA ASN I 27 23.92 -12.29 24.73
C ASN I 27 24.47 -10.90 24.96
N ASP I 28 23.70 -9.85 24.66
CA ASP I 28 24.11 -8.44 24.54
C ASP I 28 25.06 -7.91 25.60
N GLU I 29 24.73 -6.73 26.10
CA GLU I 29 25.63 -6.00 26.97
C GLU I 29 24.91 -4.70 27.28
N ASN I 30 23.93 -4.41 26.44
CA ASN I 30 23.19 -3.17 26.43
C ASN I 30 21.95 -3.29 27.29
N GLU I 31 21.44 -2.15 27.74
CA GLU I 31 20.15 -2.10 28.40
C GLU I 31 19.08 -1.87 27.34
N HIS I 32 18.05 -2.72 27.34
CA HIS I 32 16.96 -2.61 26.40
C HIS I 32 15.70 -2.26 27.16
N GLN I 33 14.86 -1.45 26.54
CA GLN I 33 13.53 -1.12 27.01
C GLN I 33 12.57 -1.19 25.83
N LEU I 34 11.38 -1.69 26.08
CA LEU I 34 10.27 -1.60 25.13
C LEU I 34 9.36 -0.45 25.57
N SER I 35 9.09 0.48 24.65
CA SER I 35 8.16 1.59 24.91
C SER I 35 6.95 1.37 24.00
N LEU I 36 5.88 0.83 24.57
CA LEU I 36 4.71 0.49 23.76
C LEU I 36 3.88 1.74 23.48
N ARG I 37 3.40 1.86 22.24
CA ARG I 37 2.65 3.04 21.80
C ARG I 37 1.18 2.73 21.52
N THR I 38 0.86 1.92 20.51
CA THR I 38 -0.55 1.63 20.23
C THR I 38 -0.80 0.13 20.18
N VAL I 39 -2.03 -0.22 20.53
CA VAL I 39 -2.63 -1.53 20.33
C VAL I 39 -3.82 -1.33 19.41
N SER I 40 -3.87 -2.07 18.30
CA SER I 40 -4.92 -1.93 17.31
C SER I 40 -5.36 -3.28 16.75
N LEU I 41 -6.65 -3.36 16.43
CA LEU I 41 -7.18 -4.58 15.85
C LEU I 41 -6.87 -4.64 14.36
N GLY I 42 -6.47 -5.81 13.90
CA GLY I 42 -6.22 -6.02 12.49
C GLY I 42 -7.52 -6.11 11.69
N ALA I 43 -7.36 -6.06 10.36
CA ALA I 43 -8.51 -5.99 9.48
C ALA I 43 -9.46 -7.16 9.66
N GLY I 44 -8.90 -8.37 9.80
CA GLY I 44 -9.77 -9.53 9.89
C GLY I 44 -10.26 -9.92 11.25
N ALA I 45 -9.94 -9.19 12.31
CA ALA I 45 -10.41 -9.59 13.63
C ALA I 45 -11.93 -9.49 13.72
N LYS I 46 -12.52 -10.43 14.46
CA LYS I 46 -13.95 -10.44 14.71
C LYS I 46 -14.34 -9.37 15.74
N ASP I 47 -15.64 -9.18 15.91
CA ASP I 47 -16.15 -8.14 16.79
C ASP I 47 -16.43 -8.66 18.19
N GLU I 48 -15.48 -9.41 18.73
CA GLU I 48 -15.51 -9.92 20.09
C GLU I 48 -14.55 -9.08 20.94
N LEU I 49 -14.70 -9.20 22.26
CA LEU I 49 -13.75 -8.53 23.15
C LEU I 49 -12.33 -9.10 22.99
N HIS I 50 -11.35 -8.23 22.80
CA HIS I 50 -9.94 -8.60 22.80
C HIS I 50 -9.27 -7.99 24.02
N ILE I 51 -8.51 -8.80 24.76
CA ILE I 51 -7.78 -8.34 25.92
C ILE I 51 -6.33 -8.73 25.75
N VAL I 52 -5.46 -7.74 25.84
CA VAL I 52 -4.03 -7.94 25.67
C VAL I 52 -3.38 -7.89 27.04
N GLU I 53 -2.52 -8.86 27.32
CA GLU I 53 -1.85 -8.88 28.61
C GLU I 53 -0.34 -8.93 28.40
N ALA I 54 0.38 -8.37 29.36
CA ALA I 54 1.83 -8.35 29.39
C ALA I 54 2.28 -9.10 30.62
N GLU I 55 3.39 -9.82 30.50
CA GLU I 55 3.99 -10.52 31.63
C GLU I 55 5.46 -10.17 31.72
N ALA I 56 5.88 -9.70 32.88
CA ALA I 56 7.26 -9.29 33.14
C ALA I 56 7.44 -9.26 34.65
N MET I 57 8.67 -8.99 35.10
CA MET I 57 8.96 -9.06 36.53
C MET I 57 8.42 -7.84 37.25
N ASN I 58 7.92 -8.06 38.46
CA ASN I 58 7.60 -6.94 39.33
C ASN I 58 8.81 -6.54 40.15
N TYR I 59 8.67 -5.49 40.96
CA TYR I 59 9.77 -5.05 41.82
C TYR I 59 10.24 -6.19 42.72
N GLU I 60 9.30 -6.86 43.40
CA GLU I 60 9.66 -7.93 44.32
C GLU I 60 10.37 -9.09 43.61
N GLY I 61 10.42 -9.09 42.28
CA GLY I 61 11.24 -10.04 41.55
C GLY I 61 10.51 -11.16 40.87
N SER I 62 9.35 -11.23 41.02
CA SER I 62 8.35 -12.20 40.65
C SER I 62 7.65 -11.83 39.35
N PRO I 63 7.34 -12.79 38.49
CA PRO I 63 6.62 -12.46 37.25
C PRO I 63 5.15 -12.18 37.55
N ILE I 64 4.62 -11.15 36.89
CA ILE I 64 3.24 -10.76 37.06
C ILE I 64 2.58 -10.60 35.71
N LYS I 65 1.28 -10.91 35.64
CA LYS I 65 0.48 -10.73 34.45
C LYS I 65 -0.37 -9.47 34.60
N VAL I 66 -0.42 -8.68 33.54
CA VAL I 66 -0.98 -7.34 33.59
C VAL I 66 -1.81 -7.12 32.33
N THR I 67 -3.00 -6.53 32.48
CA THR I 67 -3.81 -6.19 31.32
C THR I 67 -3.40 -4.84 30.77
N LEU I 68 -3.01 -4.81 29.49
CA LEU I 68 -2.67 -3.55 28.82
C LEU I 68 -3.88 -2.85 28.23
N ALA I 69 -4.77 -3.60 27.59
CA ALA I 69 -5.82 -2.93 26.84
C ALA I 69 -6.96 -3.90 26.63
N THR I 70 -8.18 -3.36 26.64
CA THR I 70 -9.37 -4.09 26.23
C THR I 70 -9.92 -3.41 24.98
N LEU I 71 -10.05 -4.15 23.89
CA LEU I 71 -10.45 -3.58 22.60
C LEU I 71 -11.63 -4.34 22.00
N LYS I 72 -12.43 -3.61 21.23
CA LYS I 72 -13.55 -4.20 20.50
C LYS I 72 -13.77 -3.38 19.23
N MET I 73 -13.86 -4.07 18.09
CA MET I 73 -13.77 -3.41 16.80
C MET I 73 -14.82 -2.31 16.64
N SER I 74 -16.05 -2.58 17.07
CA SER I 74 -17.14 -1.63 16.86
C SER I 74 -17.27 -0.58 17.96
N VAL I 75 -16.36 -0.56 18.93
CA VAL I 75 -16.41 0.37 20.06
C VAL I 75 -15.11 1.16 20.16
N GLN I 76 -13.98 0.48 20.13
CA GLN I 76 -12.66 1.06 20.33
C GLN I 76 -11.62 0.16 19.65
N PRO I 77 -11.35 0.35 18.37
CA PRO I 77 -10.42 -0.54 17.67
C PRO I 77 -8.95 -0.27 17.99
N THR I 78 -8.61 0.90 18.51
CA THR I 78 -7.24 1.29 18.80
C THR I 78 -7.15 1.88 20.20
N VAL I 79 -6.09 1.53 20.90
CA VAL I 79 -5.74 2.11 22.17
C VAL I 79 -4.33 2.67 22.08
N SER I 80 -4.17 3.91 22.54
CA SER I 80 -2.87 4.57 22.54
C SER I 80 -2.34 4.60 23.97
N LEU I 81 -1.15 4.03 24.18
CA LEU I 81 -0.59 3.89 25.52
C LEU I 81 0.38 5.00 25.90
N GLY I 82 0.83 5.84 24.96
CA GLY I 82 1.64 7.00 25.34
C GLY I 82 3.06 6.68 25.76
N GLY I 83 3.64 5.59 25.26
CA GLY I 83 5.02 5.28 25.65
C GLY I 83 5.10 4.46 26.93
N PHE I 84 4.45 3.29 26.96
CA PHE I 84 4.49 2.38 28.12
C PHE I 84 5.78 1.56 28.08
N GLU I 85 6.68 1.86 29.00
CA GLU I 85 8.03 1.32 29.04
C GLU I 85 8.11 0.06 29.89
N ILE I 86 8.64 -1.00 29.31
CA ILE I 86 8.77 -2.28 29.99
C ILE I 86 10.17 -2.83 29.75
N THR I 87 10.81 -3.32 30.82
CA THR I 87 12.12 -3.92 30.73
C THR I 87 12.00 -5.41 30.39
N PRO I 88 12.66 -5.91 29.34
CA PRO I 88 12.65 -7.33 29.02
C PRO I 88 13.31 -8.10 30.14
N PRO I 89 12.97 -9.37 30.34
CA PRO I 89 12.00 -10.17 29.56
C PRO I 89 10.53 -9.75 29.71
N VAL I 90 9.83 -9.77 28.59
CA VAL I 90 8.40 -9.47 28.55
C VAL I 90 7.72 -10.38 27.54
N VAL I 91 6.55 -10.90 27.90
CA VAL I 91 5.70 -11.65 26.99
C VAL I 91 4.41 -10.86 26.77
N LEU I 92 3.98 -10.76 25.51
CA LEU I 92 2.70 -10.16 25.15
C LEU I 92 1.82 -11.23 24.53
N ARG I 93 0.56 -11.31 24.95
CA ARG I 93 -0.35 -12.34 24.48
C ARG I 93 -1.81 -11.88 24.57
N LEU I 94 -2.68 -12.57 23.84
CA LEU I 94 -4.11 -12.35 23.92
C LEU I 94 -4.66 -13.16 25.07
N LYS I 95 -5.20 -12.48 26.07
CA LYS I 95 -5.85 -13.17 27.17
C LYS I 95 -7.25 -13.64 26.76
N CYS I 96 -7.86 -12.95 25.78
CA CYS I 96 -9.08 -13.43 25.14
C CYS I 96 -9.29 -12.66 23.82
N GLY I 97 -10.16 -13.22 22.98
CA GLY I 97 -10.20 -12.77 21.59
C GLY I 97 -9.18 -13.53 20.74
N SER I 98 -9.49 -13.66 19.44
CA SER I 98 -8.63 -14.42 18.54
C SER I 98 -7.66 -13.56 17.73
N GLY I 99 -7.86 -12.24 17.67
CA GLY I 99 -6.97 -11.40 16.87
C GLY I 99 -7.21 -11.43 15.36
N PRO I 100 -6.25 -10.95 14.56
CA PRO I 100 -4.94 -10.41 14.97
C PRO I 100 -5.01 -9.07 15.70
N VAL I 101 -4.12 -8.89 16.67
CA VAL I 101 -3.94 -7.63 17.35
C VAL I 101 -2.51 -7.17 17.12
N HIS I 102 -2.36 -5.94 16.65
CA HIS I 102 -1.05 -5.41 16.35
C HIS I 102 -0.63 -4.49 17.48
N ILE I 103 0.65 -4.54 17.82
CA ILE I 103 1.25 -3.67 18.84
C ILE I 103 2.40 -2.94 18.18
N SER I 104 2.52 -1.65 18.48
CA SER I 104 3.56 -0.79 17.93
C SER I 104 4.28 -0.08 19.07
N GLY I 105 5.54 0.27 18.85
CA GLY I 105 6.25 1.03 19.85
C GLY I 105 7.68 1.26 19.44
N GLN I 106 8.50 1.58 20.43
CA GLN I 106 9.90 1.83 20.21
C GLN I 106 10.67 0.78 20.97
N HIS I 107 11.75 0.31 20.35
CA HIS I 107 12.75 -0.50 21.03
C HIS I 107 13.91 0.43 21.34
N LEU I 108 14.17 0.64 22.64
CA LEU I 108 15.21 1.56 23.10
C LEU I 108 16.43 0.77 23.59
N VAL I 109 17.62 1.22 23.19
CA VAL I 109 18.87 0.58 23.60
C VAL I 109 19.86 1.63 24.10
N ALA I 110 20.43 1.38 25.28
CA ALA I 110 21.42 2.26 25.89
C ALA I 110 22.81 1.64 25.81
N VAL I 111 23.82 2.49 25.60
CA VAL I 111 25.25 2.17 25.69
C VAL I 111 25.60 0.72 25.34
N PRO J 6 16.49 5.58 37.33
CA PRO J 6 15.08 5.23 37.53
C PRO J 6 14.70 3.88 36.94
N GLN J 7 15.12 2.82 37.60
CA GLN J 7 14.75 1.49 37.16
C GLN J 7 13.24 1.30 37.25
N ASN J 8 12.74 0.32 36.51
CA ASN J 8 11.33 0.34 36.14
C ASN J 8 10.81 -1.09 36.08
N TYR J 9 9.72 -1.35 36.81
CA TYR J 9 9.10 -2.66 36.90
C TYR J 9 7.64 -2.64 36.52
N LEU J 10 7.15 -3.77 36.04
CA LEU J 10 5.73 -3.84 35.71
C LEU J 10 4.88 -3.75 36.98
N PHE J 11 3.79 -3.01 36.89
CA PHE J 11 2.83 -2.97 37.97
C PHE J 11 1.44 -3.26 37.39
N GLY J 12 0.65 -4.02 38.13
CA GLY J 12 -0.72 -4.23 37.74
C GLY J 12 -1.56 -4.74 38.89
N CYS J 13 -2.86 -4.51 38.81
CA CYS J 13 -3.74 -5.07 39.80
C CYS J 13 -5.14 -5.21 39.23
N GLU J 14 -5.98 -5.95 39.94
CA GLU J 14 -7.37 -6.16 39.58
C GLU J 14 -8.26 -5.72 40.73
N LEU J 15 -9.24 -4.89 40.41
CA LEU J 15 -10.19 -4.40 41.39
C LEU J 15 -11.56 -4.99 41.09
N LYS J 16 -12.24 -5.34 42.18
CA LYS J 16 -13.64 -5.74 42.17
C LYS J 16 -14.35 -4.93 43.25
N ALA J 17 -15.69 -5.00 43.27
CA ALA J 17 -16.45 -4.29 44.30
C ALA J 17 -16.02 -4.70 45.71
N ASP J 18 -15.51 -5.93 45.87
CA ASP J 18 -15.06 -6.41 47.17
C ASP J 18 -13.54 -6.54 47.27
N LYS J 19 -12.79 -6.00 46.31
CA LYS J 19 -11.33 -6.16 46.35
C LYS J 19 -10.66 -4.84 45.99
N ASP J 20 -10.13 -4.17 47.01
CA ASP J 20 -9.29 -2.99 46.85
C ASP J 20 -7.86 -3.40 46.54
N TYR J 21 -7.03 -2.40 46.27
CA TYR J 21 -5.61 -2.59 46.11
C TYR J 21 -4.86 -1.59 46.95
N HIS J 22 -3.84 -2.05 47.66
CA HIS J 22 -3.03 -1.22 48.54
C HIS J 22 -1.58 -1.30 48.10
N PHE J 23 -1.05 -0.20 47.58
CA PHE J 23 0.36 -0.12 47.18
C PHE J 23 1.14 0.46 48.36
N LYS J 24 1.78 -0.43 49.14
CA LYS J 24 2.43 -0.06 50.38
C LYS J 24 3.76 0.66 50.14
N VAL J 25 4.09 1.57 51.07
CA VAL J 25 5.48 2.01 51.20
C VAL J 25 6.27 0.80 51.70
N ASP J 26 7.60 0.86 51.60
CA ASP J 26 8.40 -0.35 51.71
C ASP J 26 9.53 -0.29 52.74
N ASN J 27 9.95 0.88 53.22
CA ASN J 27 10.95 1.04 54.26
C ASN J 27 12.29 0.42 53.91
N ASP J 28 12.51 0.10 52.64
CA ASP J 28 13.81 0.20 52.00
C ASP J 28 14.30 1.65 52.06
N GLU J 29 15.39 1.95 51.39
CA GLU J 29 15.58 3.33 50.97
C GLU J 29 14.88 3.51 49.64
N ASN J 30 15.42 4.36 48.77
CA ASN J 30 14.86 4.59 47.43
C ASN J 30 13.59 5.43 47.50
N GLU J 31 13.45 6.37 46.56
CA GLU J 31 12.16 6.98 46.27
C GLU J 31 11.33 5.96 45.47
N HIS J 32 10.05 5.81 45.82
CA HIS J 32 9.17 4.95 45.04
C HIS J 32 8.04 5.75 44.42
N GLN J 33 7.68 5.38 43.19
CA GLN J 33 6.55 6.00 42.52
C GLN J 33 5.73 4.92 41.85
N LEU J 34 4.42 5.06 41.91
CA LEU J 34 3.50 4.26 41.13
C LEU J 34 3.11 5.12 39.92
N SER J 35 3.36 4.63 38.73
CA SER J 35 3.01 5.35 37.50
C SER J 35 1.90 4.59 36.79
N LEU J 36 0.69 5.10 36.88
CA LEU J 36 -0.46 4.41 36.28
C LEU J 36 -0.60 4.68 34.79
N ARG J 37 -0.86 3.62 34.02
CA ARG J 37 -0.92 3.73 32.58
C ARG J 37 -2.34 3.51 32.02
N THR J 38 -2.90 2.30 32.15
CA THR J 38 -4.23 2.05 31.61
C THR J 38 -5.15 1.47 32.68
N VAL J 39 -6.41 1.78 32.50
CA VAL J 39 -7.50 1.20 33.26
C VAL J 39 -8.42 0.53 32.24
N SER J 40 -8.67 -0.76 32.40
CA SER J 40 -9.53 -1.44 31.43
C SER J 40 -10.43 -2.47 32.09
N LEU J 41 -11.58 -2.69 31.46
CA LEU J 41 -12.57 -3.65 31.93
C LEU J 41 -12.18 -5.07 31.55
N GLY J 42 -12.31 -5.99 32.51
CA GLY J 42 -12.06 -7.39 32.22
C GLY J 42 -13.23 -8.01 31.46
N ALA J 43 -12.98 -9.19 30.89
CA ALA J 43 -13.97 -9.86 30.03
C ALA J 43 -15.28 -10.13 30.77
N GLY J 44 -15.23 -10.43 32.07
CA GLY J 44 -16.46 -10.74 32.74
C GLY J 44 -17.25 -9.57 33.30
N ALA J 45 -16.84 -8.32 33.07
CA ALA J 45 -17.57 -7.18 33.62
C ALA J 45 -18.95 -7.04 32.98
N LYS J 46 -19.96 -6.73 33.81
CA LYS J 46 -21.26 -6.33 33.28
C LYS J 46 -21.13 -4.96 32.58
N ASP J 47 -22.19 -4.56 31.88
CA ASP J 47 -22.16 -3.29 31.15
C ASP J 47 -22.70 -2.13 31.98
N GLU J 48 -22.29 -2.06 33.24
CA GLU J 48 -22.64 -0.99 34.16
C GLU J 48 -21.51 0.04 34.16
N LEU J 49 -21.82 1.23 34.66
CA LEU J 49 -20.81 2.25 34.81
C LEU J 49 -19.77 1.81 35.86
N HIS J 50 -18.49 1.89 35.51
CA HIS J 50 -17.43 1.63 36.47
C HIS J 50 -16.65 2.92 36.73
N ILE J 51 -16.42 3.21 38.00
CA ILE J 51 -15.66 4.38 38.38
C ILE J 51 -14.52 3.94 39.29
N VAL J 52 -13.30 4.24 38.86
CA VAL J 52 -12.08 3.86 39.57
C VAL J 52 -11.60 5.07 40.34
N GLU J 53 -11.29 4.85 41.61
CA GLU J 53 -10.87 5.91 42.49
C GLU J 53 -9.53 5.55 43.13
N ALA J 54 -8.75 6.61 43.41
CA ALA J 54 -7.47 6.52 44.10
C ALA J 54 -7.47 7.41 45.32
N GLU J 55 -6.79 6.97 46.38
CA GLU J 55 -6.61 7.76 47.58
C GLU J 55 -5.12 7.80 47.92
N ALA J 56 -4.61 8.99 48.16
CA ALA J 56 -3.22 9.26 48.53
C ALA J 56 -3.17 10.62 49.21
N MET J 57 -1.97 11.05 49.60
CA MET J 57 -1.82 12.27 50.37
C MET J 57 -1.81 13.49 49.46
N ASN J 58 -2.55 14.52 49.84
CA ASN J 58 -2.48 15.78 49.12
C ASN J 58 -1.32 16.61 49.63
N TYR J 59 -1.13 17.78 49.02
CA TYR J 59 0.00 18.63 49.40
C TYR J 59 -0.12 19.09 50.84
N GLU J 60 -1.35 19.21 51.35
CA GLU J 60 -1.58 19.81 52.65
C GLU J 60 -1.50 18.81 53.79
N GLY J 61 -1.23 17.53 53.48
CA GLY J 61 -0.87 16.53 54.47
C GLY J 61 -1.92 15.49 54.79
N SER J 62 -3.15 15.65 54.35
CA SER J 62 -4.22 14.70 54.64
C SER J 62 -4.60 13.90 53.38
N PRO J 63 -5.12 12.68 53.56
CA PRO J 63 -5.49 11.87 52.40
C PRO J 63 -6.77 12.37 51.72
N ILE J 64 -6.75 12.31 50.41
CA ILE J 64 -7.90 12.68 49.58
C ILE J 64 -8.14 11.54 48.62
N LYS J 65 -9.40 11.41 48.20
CA LYS J 65 -9.75 10.41 47.21
C LYS J 65 -10.22 11.10 45.93
N VAL J 66 -9.94 10.44 44.83
CA VAL J 66 -9.84 11.08 43.52
C VAL J 66 -10.37 10.09 42.50
N THR J 67 -11.16 10.57 41.55
CA THR J 67 -11.61 9.69 40.47
C THR J 67 -10.58 9.67 39.35
N LEU J 68 -10.10 8.46 39.01
CA LEU J 68 -9.20 8.30 37.87
C LEU J 68 -9.97 8.12 36.56
N ALA J 69 -11.07 7.35 36.55
CA ALA J 69 -11.71 7.06 35.28
C ALA J 69 -13.14 6.56 35.47
N THR J 70 -13.95 6.85 34.45
CA THR J 70 -15.29 6.30 34.30
C THR J 70 -15.30 5.45 33.04
N LEU J 71 -15.66 4.17 33.17
CA LEU J 71 -15.59 3.22 32.06
C LEU J 71 -16.93 2.54 31.88
N LYS J 72 -17.21 2.13 30.64
CA LYS J 72 -18.40 1.34 30.39
C LYS J 72 -18.09 0.45 29.18
N MET J 73 -18.40 -0.84 29.31
CA MET J 73 -17.93 -1.82 28.33
C MET J 73 -18.36 -1.47 26.91
N SER J 74 -19.62 -1.05 26.71
CA SER J 74 -20.09 -0.80 25.37
C SER J 74 -19.82 0.62 24.88
N VAL J 75 -19.13 1.47 25.65
CA VAL J 75 -18.90 2.87 25.30
C VAL J 75 -17.44 3.19 25.25
N GLN J 76 -16.70 2.82 26.28
CA GLN J 76 -15.28 3.06 26.46
C GLN J 76 -14.71 2.04 27.43
N PRO J 77 -14.25 0.89 26.93
CA PRO J 77 -13.73 -0.16 27.84
C PRO J 77 -12.37 0.15 28.43
N THR J 78 -11.57 1.04 27.83
CA THR J 78 -10.20 1.30 28.27
C THR J 78 -9.97 2.80 28.36
N VAL J 79 -9.26 3.22 29.40
CA VAL J 79 -8.81 4.59 29.53
C VAL J 79 -7.28 4.57 29.66
N SER J 80 -6.61 5.40 28.88
CA SER J 80 -5.15 5.52 28.94
C SER J 80 -4.80 6.78 29.70
N LEU J 81 -4.05 6.65 30.78
CA LEU J 81 -3.72 7.79 31.63
C LEU J 81 -2.36 8.39 31.35
N GLY J 82 -1.51 7.74 30.56
CA GLY J 82 -0.26 8.31 30.10
C GLY J 82 0.84 8.51 31.12
N GLY J 83 0.83 7.74 32.21
CA GLY J 83 1.86 7.90 33.23
C GLY J 83 1.51 8.85 34.35
N PHE J 84 0.40 8.57 35.02
CA PHE J 84 -0.06 9.33 36.18
C PHE J 84 0.74 8.86 37.40
N GLU J 85 1.71 9.65 37.84
CA GLU J 85 2.60 9.20 38.91
C GLU J 85 2.05 9.63 40.27
N ILE J 86 2.08 8.69 41.22
CA ILE J 86 1.53 8.87 42.55
C ILE J 86 2.55 8.34 43.54
N THR J 87 2.78 9.07 44.57
CA THR J 87 3.69 8.61 45.61
C THR J 87 2.96 7.71 46.63
N PRO J 88 3.51 6.53 46.97
CA PRO J 88 2.89 5.68 48.00
C PRO J 88 2.87 6.41 49.34
N PRO J 89 1.96 6.03 50.26
CA PRO J 89 0.95 4.97 50.10
C PRO J 89 -0.21 5.39 49.19
N VAL J 90 -0.76 4.43 48.43
CA VAL J 90 -1.90 4.70 47.56
C VAL J 90 -2.85 3.50 47.61
N VAL J 91 -4.15 3.80 47.66
CA VAL J 91 -5.18 2.77 47.58
C VAL J 91 -5.94 2.99 46.27
N LEU J 92 -6.20 1.91 45.54
CA LEU J 92 -7.04 1.93 44.35
C LEU J 92 -8.31 1.12 44.63
N ARG J 93 -9.46 1.65 44.20
CA ARG J 93 -10.70 0.95 44.49
C ARG J 93 -11.74 1.28 43.42
N LEU J 94 -12.77 0.44 43.34
CA LEU J 94 -13.95 0.70 42.51
C LEU J 94 -14.90 1.57 43.32
N LYS J 95 -15.18 2.80 42.88
CA LYS J 95 -16.08 3.58 43.71
C LYS J 95 -17.52 3.16 43.38
N CYS J 96 -17.74 2.62 42.16
CA CYS J 96 -18.98 1.93 41.82
C CYS J 96 -18.74 1.04 40.61
N GLY J 97 -19.67 0.13 40.38
CA GLY J 97 -19.49 -0.98 39.46
C GLY J 97 -18.86 -2.17 40.16
N SER J 98 -19.16 -3.36 39.67
CA SER J 98 -18.67 -4.56 40.36
C SER J 98 -17.37 -5.09 39.80
N GLY J 99 -16.97 -4.65 38.60
CA GLY J 99 -15.75 -5.13 38.01
C GLY J 99 -15.85 -6.51 37.40
N PRO J 100 -14.70 -7.15 37.14
CA PRO J 100 -13.32 -6.70 37.42
C PRO J 100 -12.80 -5.58 36.52
N VAL J 101 -12.00 -4.69 37.12
CA VAL J 101 -11.30 -3.61 36.43
C VAL J 101 -9.82 -3.82 36.61
N HIS J 102 -9.07 -3.75 35.51
CA HIS J 102 -7.63 -3.95 35.54
C HIS J 102 -6.91 -2.63 35.46
N ILE J 103 -5.82 -2.54 36.22
CA ILE J 103 -4.97 -1.36 36.19
C ILE J 103 -3.56 -1.81 35.87
N SER J 104 -2.91 -1.10 34.98
CA SER J 104 -1.54 -1.40 34.61
C SER J 104 -0.71 -0.15 34.78
N GLY J 105 0.58 -0.36 35.01
CA GLY J 105 1.47 0.75 35.17
C GLY J 105 2.87 0.28 35.44
N GLN J 106 3.66 1.20 35.96
CA GLN J 106 5.07 0.99 36.29
C GLN J 106 5.30 1.27 37.77
N HIS J 107 6.15 0.48 38.38
CA HIS J 107 6.66 0.78 39.71
C HIS J 107 8.08 1.32 39.48
N LEU J 108 8.27 2.59 39.81
CA LEU J 108 9.54 3.26 39.61
C LEU J 108 10.24 3.47 40.94
N VAL J 109 11.51 3.13 41.01
CA VAL J 109 12.27 3.41 42.22
C VAL J 109 13.57 4.07 41.82
N ALA J 110 13.91 5.13 42.55
CA ALA J 110 15.13 5.88 42.32
C ALA J 110 16.13 5.46 43.38
N VAL J 111 17.42 5.60 43.04
CA VAL J 111 18.45 4.90 43.79
C VAL J 111 19.50 5.86 44.33
N GLU J 112 20.50 5.30 44.99
CA GLU J 112 21.76 5.96 45.36
C GLU J 112 21.67 7.42 45.77
N PRO K 6 -9.55 -14.89 -45.77
CA PRO K 6 -8.45 -13.99 -45.38
C PRO K 6 -7.09 -14.48 -45.87
N GLN K 7 -6.86 -14.47 -47.18
CA GLN K 7 -5.60 -14.98 -47.73
C GLN K 7 -4.41 -14.23 -47.15
N ASN K 8 -3.32 -14.95 -46.98
CA ASN K 8 -2.21 -14.47 -46.17
C ASN K 8 -0.91 -14.71 -46.94
N TYR K 9 -0.20 -13.64 -47.23
CA TYR K 9 1.07 -13.69 -47.95
C TYR K 9 2.13 -13.00 -47.10
N LEU K 10 3.36 -13.46 -47.25
CA LEU K 10 4.45 -12.88 -46.51
C LEU K 10 4.77 -11.46 -47.01
N PHE K 11 5.07 -10.57 -46.06
CA PHE K 11 5.45 -9.21 -46.37
C PHE K 11 6.74 -8.83 -45.63
N GLY K 12 7.58 -8.05 -46.30
CA GLY K 12 8.76 -7.50 -45.65
C GLY K 12 9.34 -6.34 -46.43
N CYS K 13 10.14 -5.53 -45.74
CA CYS K 13 10.89 -4.47 -46.39
C CYS K 13 12.10 -4.11 -45.54
N GLU K 14 13.00 -3.32 -46.14
CA GLU K 14 14.20 -2.84 -45.47
C GLU K 14 14.19 -1.32 -45.55
N LEU K 15 14.40 -0.65 -44.42
CA LEU K 15 14.39 0.80 -44.36
C LEU K 15 15.78 1.31 -44.01
N LYS K 16 16.17 2.42 -44.66
CA LYS K 16 17.35 3.16 -44.27
C LYS K 16 17.01 4.64 -44.23
N ALA K 17 17.97 5.44 -43.77
CA ALA K 17 17.75 6.88 -43.69
C ALA K 17 17.28 7.44 -45.02
N ASP K 18 17.71 6.82 -46.11
CA ASP K 18 17.43 7.25 -47.46
C ASP K 18 16.59 6.24 -48.23
N LYS K 19 15.80 5.42 -47.53
CA LYS K 19 14.97 4.44 -48.22
C LYS K 19 13.66 4.26 -47.44
N ASP K 20 12.59 4.85 -47.96
CA ASP K 20 11.24 4.63 -47.46
C ASP K 20 10.72 3.28 -47.95
N TYR K 21 9.48 2.97 -47.57
CA TYR K 21 8.72 1.90 -48.20
C TYR K 21 7.27 2.32 -48.32
N HIS K 22 6.73 2.23 -49.53
CA HIS K 22 5.37 2.62 -49.83
C HIS K 22 4.57 1.36 -50.08
N PHE K 23 3.62 1.08 -49.21
CA PHE K 23 2.74 -0.07 -49.38
C PHE K 23 1.47 0.40 -50.09
N LYS K 24 1.35 0.06 -51.37
CA LYS K 24 0.18 0.35 -52.15
C LYS K 24 -0.35 -0.95 -52.71
N VAL K 25 -1.64 -0.97 -53.03
CA VAL K 25 -2.26 -2.12 -53.65
C VAL K 25 -3.21 -1.65 -54.74
N ASP K 26 -3.30 -2.42 -55.81
CA ASP K 26 -4.20 -2.09 -56.90
C ASP K 26 -5.63 -1.97 -56.39
N ASN K 27 -6.34 -0.95 -56.89
CA ASN K 27 -7.71 -0.67 -56.45
C ASN K 27 -8.67 -1.65 -57.13
N ASP K 28 -8.53 -2.92 -56.76
CA ASP K 28 -9.43 -4.00 -57.16
C ASP K 28 -10.47 -4.24 -56.06
N GLU K 29 -11.41 -5.15 -56.34
CA GLU K 29 -12.53 -5.41 -55.44
C GLU K 29 -12.15 -6.33 -54.27
N ASN K 30 -10.89 -6.32 -53.87
CA ASN K 30 -10.45 -6.98 -52.65
C ASN K 30 -10.03 -5.92 -51.63
N GLU K 31 -10.35 -6.16 -50.37
CA GLU K 31 -9.92 -5.28 -49.28
C GLU K 31 -8.66 -5.86 -48.66
N HIS K 32 -7.64 -5.02 -48.52
CA HIS K 32 -6.30 -5.45 -48.17
C HIS K 32 -5.92 -4.88 -46.82
N GLN K 33 -5.12 -5.64 -46.06
CA GLN K 33 -4.56 -5.14 -44.82
C GLN K 33 -3.10 -5.52 -44.71
N LEU K 34 -2.31 -4.60 -44.18
CA LEU K 34 -0.93 -4.84 -43.82
C LEU K 34 -0.89 -5.14 -42.33
N SER K 35 -0.40 -6.30 -41.96
CA SER K 35 -0.29 -6.69 -40.56
C SER K 35 1.18 -6.73 -40.20
N LEU K 36 1.65 -5.75 -39.45
CA LEU K 36 3.06 -5.68 -39.08
C LEU K 36 3.36 -6.59 -37.88
N ARG K 37 4.48 -7.30 -37.97
CA ARG K 37 4.89 -8.26 -36.94
C ARG K 37 6.13 -7.82 -36.20
N THR K 38 7.28 -7.74 -36.85
CA THR K 38 8.51 -7.38 -36.16
C THR K 38 9.22 -6.22 -36.82
N VAL K 39 9.89 -5.44 -35.99
CA VAL K 39 10.83 -4.43 -36.39
C VAL K 39 12.17 -4.86 -35.78
N SER K 40 13.20 -5.00 -36.61
CA SER K 40 14.49 -5.43 -36.10
C SER K 40 15.63 -4.77 -36.85
N LEU K 41 16.70 -4.49 -36.12
CA LEU K 41 17.87 -3.84 -36.68
C LEU K 41 18.67 -4.83 -37.50
N GLY K 42 19.13 -4.37 -38.66
CA GLY K 42 19.97 -5.20 -39.51
C GLY K 42 21.38 -5.34 -38.97
N ALA K 43 22.09 -6.30 -39.55
CA ALA K 43 23.44 -6.63 -39.07
C ALA K 43 24.37 -5.42 -39.11
N GLY K 44 24.25 -4.59 -40.15
CA GLY K 44 25.15 -3.46 -40.29
C GLY K 44 24.74 -2.22 -39.54
N ALA K 45 23.67 -2.26 -38.76
CA ALA K 45 23.20 -1.07 -38.07
C ALA K 45 24.15 -0.62 -36.97
N LYS K 46 24.36 0.70 -36.90
CA LYS K 46 25.11 1.31 -35.81
C LYS K 46 24.28 1.30 -34.53
N ASP K 47 24.96 1.56 -33.41
CA ASP K 47 24.29 1.50 -32.10
C ASP K 47 23.75 2.88 -31.72
N GLU K 48 23.06 3.51 -32.66
CA GLU K 48 22.35 4.76 -32.46
C GLU K 48 20.86 4.47 -32.28
N LEU K 49 20.14 5.46 -31.75
CA LEU K 49 18.70 5.33 -31.65
C LEU K 49 18.08 5.25 -33.04
N HIS K 50 17.22 4.26 -33.23
CA HIS K 50 16.40 4.12 -34.43
C HIS K 50 14.93 4.27 -34.09
N ILE K 51 14.23 5.11 -34.84
CA ILE K 51 12.81 5.32 -34.66
C ILE K 51 12.14 5.03 -36.00
N VAL K 52 11.23 4.08 -36.00
CA VAL K 52 10.51 3.66 -37.19
C VAL K 52 9.12 4.25 -37.12
N GLU K 53 8.68 4.86 -38.22
CA GLU K 53 7.42 5.56 -38.30
C GLU K 53 6.59 5.01 -39.45
N ALA K 54 5.27 5.01 -39.25
CA ALA K 54 4.30 4.60 -40.25
C ALA K 54 3.33 5.74 -40.50
N GLU K 55 2.92 5.92 -41.74
CA GLU K 55 1.95 6.95 -42.05
C GLU K 55 0.83 6.38 -42.91
N ALA K 56 -0.40 6.64 -42.50
CA ALA K 56 -1.60 6.20 -43.20
C ALA K 56 -2.74 7.10 -42.77
N MET K 57 -3.94 6.82 -43.28
CA MET K 57 -5.08 7.68 -43.00
C MET K 57 -5.65 7.46 -41.59
N ASN K 58 -6.09 8.55 -40.97
CA ASN K 58 -6.79 8.46 -39.71
C ASN K 58 -8.30 8.43 -39.96
N TYR K 59 -9.05 8.23 -38.88
CA TYR K 59 -10.50 8.31 -38.91
C TYR K 59 -10.98 9.59 -39.59
N GLU K 60 -10.37 10.71 -39.23
CA GLU K 60 -10.78 12.03 -39.68
C GLU K 60 -10.41 12.31 -41.14
N GLY K 61 -9.84 11.35 -41.86
CA GLY K 61 -9.67 11.42 -43.30
C GLY K 61 -8.31 11.90 -43.80
N SER K 62 -7.44 12.40 -42.93
CA SER K 62 -6.13 12.92 -43.31
C SER K 62 -4.99 11.99 -42.86
N PRO K 63 -3.83 12.05 -43.51
CA PRO K 63 -2.71 11.19 -43.10
C PRO K 63 -2.13 11.60 -41.75
N ILE K 64 -1.77 10.58 -40.96
CA ILE K 64 -1.18 10.73 -39.63
C ILE K 64 0.15 9.97 -39.62
N LYS K 65 1.15 10.54 -38.97
CA LYS K 65 2.43 9.85 -38.74
C LYS K 65 2.47 9.33 -37.31
N VAL K 66 2.79 8.05 -37.15
CA VAL K 66 2.81 7.38 -35.85
C VAL K 66 4.15 6.66 -35.70
N THR K 67 4.70 6.68 -34.48
CA THR K 67 5.93 5.95 -34.19
C THR K 67 5.59 4.49 -33.89
N LEU K 68 6.15 3.57 -34.68
CA LEU K 68 5.92 2.15 -34.40
C LEU K 68 6.89 1.61 -33.35
N ALA K 69 8.14 2.03 -33.41
CA ALA K 69 9.12 1.41 -32.55
C ALA K 69 10.31 2.33 -32.40
N THR K 70 10.93 2.26 -31.22
CA THR K 70 12.22 2.87 -30.94
C THR K 70 13.20 1.74 -30.63
N LEU K 71 14.27 1.63 -31.39
CA LEU K 71 15.18 0.51 -31.25
C LEU K 71 16.59 0.98 -31.03
N LYS K 72 17.36 0.15 -30.32
CA LYS K 72 18.77 0.40 -30.10
C LYS K 72 19.45 -0.95 -29.99
N MET K 73 20.55 -1.12 -30.75
CA MET K 73 21.12 -2.45 -30.94
C MET K 73 21.52 -3.09 -29.62
N SER K 74 22.17 -2.34 -28.72
CA SER K 74 22.68 -2.86 -27.46
C SER K 74 21.66 -2.87 -26.32
N VAL K 75 20.41 -2.50 -26.56
CA VAL K 75 19.37 -2.48 -25.56
C VAL K 75 18.17 -3.33 -25.99
N GLN K 76 17.73 -3.14 -27.21
CA GLN K 76 16.55 -3.79 -27.78
C GLN K 76 16.66 -3.83 -29.31
N PRO K 77 17.27 -4.87 -29.86
CA PRO K 77 17.41 -4.93 -31.33
C PRO K 77 16.12 -5.27 -32.07
N THR K 78 15.11 -5.86 -31.42
CA THR K 78 13.89 -6.31 -32.09
C THR K 78 12.70 -5.86 -31.26
N VAL K 79 11.64 -5.42 -31.95
CA VAL K 79 10.35 -5.17 -31.32
C VAL K 79 9.29 -5.96 -32.07
N SER K 80 8.46 -6.67 -31.34
CA SER K 80 7.38 -7.44 -31.93
C SER K 80 6.06 -6.71 -31.70
N LEU K 81 5.32 -6.44 -32.78
CA LEU K 81 4.07 -5.68 -32.71
C LEU K 81 2.81 -6.54 -32.65
N GLY K 82 2.91 -7.84 -32.90
CA GLY K 82 1.81 -8.76 -32.68
C GLY K 82 0.64 -8.66 -33.64
N GLY K 83 0.86 -8.19 -34.85
CA GLY K 83 -0.24 -8.07 -35.79
C GLY K 83 -0.93 -6.71 -35.76
N PHE K 84 -0.14 -5.65 -35.95
CA PHE K 84 -0.61 -4.27 -36.05
C PHE K 84 -1.13 -4.08 -37.47
N GLU K 85 -2.45 -4.09 -37.63
CA GLU K 85 -3.04 -4.08 -38.96
C GLU K 85 -3.35 -2.66 -39.38
N ILE K 86 -2.96 -2.30 -40.60
CA ILE K 86 -3.12 -0.95 -41.14
C ILE K 86 -3.71 -1.05 -42.53
N THR K 87 -4.64 -0.17 -42.83
CA THR K 87 -5.26 -0.14 -44.13
C THR K 87 -4.36 0.60 -45.12
N PRO K 88 -4.04 0.02 -46.28
CA PRO K 88 -3.26 0.70 -47.32
C PRO K 88 -4.03 1.93 -47.80
N PRO K 89 -3.33 2.94 -48.34
CA PRO K 89 -1.88 3.07 -48.55
C PRO K 89 -1.11 3.28 -47.24
N VAL K 90 0.12 2.79 -47.16
CA VAL K 90 0.94 2.96 -45.96
C VAL K 90 2.38 3.28 -46.37
N VAL K 91 2.99 4.24 -45.68
CA VAL K 91 4.41 4.55 -45.83
C VAL K 91 5.14 4.18 -44.55
N LEU K 92 6.26 3.50 -44.69
CA LEU K 92 7.14 3.16 -43.58
C LEU K 92 8.46 3.88 -43.79
N ARG K 93 8.99 4.50 -42.73
CA ARG K 93 10.23 5.24 -42.84
C ARG K 93 10.93 5.31 -41.49
N LEU K 94 12.23 5.61 -41.57
CA LEU K 94 13.08 5.91 -40.42
C LEU K 94 12.95 7.37 -40.06
N LYS K 95 12.47 7.67 -38.86
CA LYS K 95 12.41 9.05 -38.44
C LYS K 95 13.79 9.53 -37.99
N CYS K 96 14.60 8.60 -37.49
CA CYS K 96 16.00 8.86 -37.18
C CYS K 96 16.71 7.51 -37.06
N GLY K 97 18.04 7.58 -37.06
CA GLY K 97 18.86 6.40 -37.27
C GLY K 97 19.08 6.15 -38.75
N SER K 98 20.20 5.51 -39.07
CA SER K 98 20.55 5.27 -40.46
C SER K 98 20.16 3.89 -40.97
N GLY K 99 19.85 2.95 -40.09
CA GLY K 99 19.52 1.60 -40.50
C GLY K 99 20.73 0.73 -40.85
N PRO K 100 20.50 -0.39 -41.55
CA PRO K 100 19.20 -0.89 -42.06
C PRO K 100 18.27 -1.36 -40.95
N VAL K 101 16.97 -1.11 -41.12
CA VAL K 101 15.94 -1.59 -40.23
C VAL K 101 14.98 -2.45 -41.03
N HIS K 102 14.70 -3.65 -40.54
CA HIS K 102 13.82 -4.59 -41.22
C HIS K 102 12.44 -4.61 -40.58
N ILE K 103 11.43 -4.73 -41.42
CA ILE K 103 10.03 -4.83 -41.02
C ILE K 103 9.51 -6.10 -41.66
N SER K 104 8.77 -6.90 -40.89
CA SER K 104 8.23 -8.12 -41.42
C SER K 104 6.75 -8.19 -41.08
N GLY K 105 5.99 -8.89 -41.91
CA GLY K 105 4.59 -9.04 -41.58
C GLY K 105 3.85 -9.84 -42.61
N GLN K 106 2.53 -9.67 -42.57
CA GLN K 106 1.61 -10.38 -43.43
C GLN K 106 0.86 -9.37 -44.29
N HIS K 107 0.63 -9.74 -45.53
CA HIS K 107 -0.30 -9.05 -46.40
C HIS K 107 -1.56 -9.91 -46.47
N LEU K 108 -2.66 -9.42 -45.90
CA LEU K 108 -3.91 -10.15 -45.85
C LEU K 108 -4.89 -9.57 -46.86
N VAL K 109 -5.62 -10.44 -47.54
CA VAL K 109 -6.56 -10.05 -48.60
C VAL K 109 -7.92 -10.62 -48.28
N ALA K 110 -8.96 -9.78 -48.40
CA ALA K 110 -10.33 -10.16 -48.08
C ALA K 110 -10.89 -11.09 -49.15
N VAL K 111 -11.13 -12.34 -48.77
CA VAL K 111 -11.85 -13.30 -49.58
C VAL K 111 -13.22 -12.75 -49.99
N PRO L 6 -10.27 -25.99 -36.45
CA PRO L 6 -8.88 -25.56 -36.65
C PRO L 6 -7.83 -26.44 -35.93
N GLN L 7 -7.32 -27.45 -36.64
CA GLN L 7 -6.47 -28.47 -36.01
C GLN L 7 -5.02 -28.02 -35.85
N ASN L 8 -4.46 -28.32 -34.68
CA ASN L 8 -3.27 -27.62 -34.18
C ASN L 8 -2.20 -28.61 -33.74
N TYR L 9 -1.00 -28.50 -34.32
CA TYR L 9 0.13 -29.37 -33.98
C TYR L 9 1.33 -28.55 -33.58
N LEU L 10 2.13 -29.12 -32.69
CA LEU L 10 3.35 -28.45 -32.27
C LEU L 10 4.35 -28.48 -33.41
N PHE L 11 5.07 -27.39 -33.59
CA PHE L 11 6.11 -27.28 -34.59
C PHE L 11 7.36 -26.71 -33.93
N GLY L 12 8.52 -27.18 -34.38
CA GLY L 12 9.78 -26.61 -33.96
C GLY L 12 10.89 -27.06 -34.87
N CYS L 13 11.97 -26.26 -34.89
CA CYS L 13 13.19 -26.64 -35.61
C CYS L 13 14.36 -25.92 -34.99
N GLU L 14 15.56 -26.33 -35.38
CA GLU L 14 16.77 -25.73 -34.88
C GLU L 14 17.55 -25.26 -36.10
N LEU L 15 18.01 -24.01 -36.06
CA LEU L 15 18.74 -23.42 -37.16
C LEU L 15 20.19 -23.17 -36.80
N LYS L 16 21.07 -23.45 -37.75
CA LYS L 16 22.50 -23.15 -37.66
C LYS L 16 22.97 -22.51 -38.96
N ALA L 17 24.22 -22.02 -38.93
CA ALA L 17 24.81 -21.39 -40.11
C ALA L 17 24.80 -22.31 -41.33
N ASP L 18 24.86 -23.62 -41.10
CA ASP L 18 24.83 -24.63 -42.14
C ASP L 18 23.50 -25.38 -42.21
N LYS L 19 22.47 -24.92 -41.52
CA LYS L 19 21.24 -25.69 -41.37
C LYS L 19 20.03 -24.78 -41.63
N ASP L 20 19.38 -25.00 -42.78
CA ASP L 20 18.11 -24.38 -43.10
C ASP L 20 16.97 -25.18 -42.47
N TYR L 21 15.74 -24.73 -42.70
CA TYR L 21 14.57 -25.58 -42.50
C TYR L 21 13.55 -25.21 -43.57
N HIS L 22 13.21 -26.17 -44.41
CA HIS L 22 12.21 -25.98 -45.45
C HIS L 22 10.89 -26.58 -44.95
N PHE L 23 9.85 -25.75 -44.90
CA PHE L 23 8.52 -26.21 -44.51
C PHE L 23 7.69 -26.44 -45.77
N LYS L 24 7.17 -27.65 -45.90
CA LYS L 24 6.37 -28.08 -47.05
C LYS L 24 5.10 -28.72 -46.46
N VAL L 25 3.87 -28.60 -46.98
CA VAL L 25 3.27 -28.49 -48.34
C VAL L 25 3.09 -29.91 -48.89
N ASP L 26 3.11 -30.93 -48.03
CA ASP L 26 2.86 -32.26 -48.57
C ASP L 26 1.43 -32.33 -49.11
N ASN L 27 1.24 -33.22 -50.10
CA ASN L 27 0.15 -33.17 -51.08
C ASN L 27 -1.13 -32.57 -50.50
N ASP L 28 -1.97 -33.40 -49.88
CA ASP L 28 -3.16 -32.99 -49.13
C ASP L 28 -4.12 -32.13 -49.95
N GLU L 29 -5.24 -31.75 -49.34
CA GLU L 29 -6.11 -30.73 -49.91
C GLU L 29 -6.64 -29.80 -48.84
N ASN L 30 -6.34 -30.04 -47.57
CA ASN L 30 -6.58 -29.08 -46.51
C ASN L 30 -5.63 -27.88 -46.66
N GLU L 31 -5.94 -26.81 -45.94
CA GLU L 31 -5.06 -25.65 -45.90
C GLU L 31 -4.15 -25.73 -44.69
N HIS L 32 -2.87 -25.40 -44.92
CA HIS L 32 -1.85 -25.45 -43.87
C HIS L 32 -1.35 -24.06 -43.58
N GLN L 33 -1.05 -23.81 -42.33
CA GLN L 33 -0.39 -22.60 -41.91
C GLN L 33 0.72 -22.93 -40.92
N LEU L 34 1.82 -22.23 -41.06
CA LEU L 34 2.87 -22.23 -40.05
C LEU L 34 2.68 -21.00 -39.19
N SER L 35 2.46 -21.19 -37.90
CA SER L 35 2.30 -20.06 -36.97
C SER L 35 3.50 -19.99 -36.04
N LEU L 36 4.38 -19.04 -36.28
CA LEU L 36 5.61 -18.93 -35.48
C LEU L 36 5.35 -18.21 -34.17
N ARG L 37 5.91 -18.76 -33.09
CA ARG L 37 5.69 -18.23 -31.75
C ARG L 37 6.95 -17.61 -31.18
N THR L 38 7.99 -18.40 -30.89
CA THR L 38 9.20 -17.82 -30.31
C THR L 38 10.42 -18.19 -31.11
N VAL L 39 11.38 -17.28 -31.08
CA VAL L 39 12.72 -17.47 -31.59
C VAL L 39 13.65 -17.30 -30.40
N SER L 40 14.46 -18.31 -30.11
CA SER L 40 15.34 -18.20 -28.95
C SER L 40 16.67 -18.87 -29.21
N LEU L 41 17.71 -18.28 -28.62
CA LEU L 41 19.08 -18.74 -28.78
C LEU L 41 19.30 -19.99 -27.94
N GLY L 42 19.94 -21.00 -28.55
CA GLY L 42 20.25 -22.21 -27.82
C GLY L 42 21.40 -22.01 -26.88
N ALA L 43 21.57 -22.97 -25.97
CA ALA L 43 22.54 -22.84 -24.91
C ALA L 43 23.96 -22.65 -25.44
N GLY L 44 24.30 -23.32 -26.54
CA GLY L 44 25.67 -23.23 -27.01
C GLY L 44 25.96 -22.07 -27.95
N ALA L 45 24.99 -21.20 -28.22
CA ALA L 45 25.22 -20.10 -29.13
C ALA L 45 26.19 -19.12 -28.48
N LYS L 46 27.07 -18.52 -29.29
CA LYS L 46 27.97 -17.52 -28.73
C LYS L 46 27.33 -16.14 -28.80
N ASP L 47 27.97 -15.16 -28.16
CA ASP L 47 27.32 -13.86 -27.92
C ASP L 47 27.44 -12.93 -29.12
N GLU L 48 27.15 -13.46 -30.29
CA GLU L 48 27.13 -12.69 -31.54
C GLU L 48 25.69 -12.37 -31.94
N LEU L 49 25.55 -11.40 -32.84
CA LEU L 49 24.26 -11.07 -33.41
C LEU L 49 23.76 -12.24 -34.27
N HIS L 50 22.53 -12.67 -34.02
CA HIS L 50 21.86 -13.67 -34.83
C HIS L 50 20.63 -13.01 -35.46
N ILE L 51 20.48 -13.23 -36.76
CA ILE L 51 19.35 -12.67 -37.51
C ILE L 51 18.66 -13.84 -38.19
N VAL L 52 17.37 -13.99 -37.90
CA VAL L 52 16.59 -15.08 -38.45
C VAL L 52 15.77 -14.56 -39.62
N GLU L 53 15.78 -15.30 -40.72
CA GLU L 53 15.11 -14.91 -41.94
C GLU L 53 14.16 -16.01 -42.39
N ALA L 54 13.05 -15.59 -43.00
CA ALA L 54 12.06 -16.49 -43.57
C ALA L 54 11.86 -16.16 -45.04
N GLU L 55 11.63 -17.19 -45.85
CA GLU L 55 11.40 -17.00 -47.27
C GLU L 55 10.11 -17.66 -47.68
N ALA L 56 9.22 -16.89 -48.30
CA ALA L 56 7.94 -17.40 -48.75
C ALA L 56 7.37 -16.47 -49.81
N MET L 57 6.21 -16.84 -50.33
CA MET L 57 5.56 -16.10 -51.39
C MET L 57 4.94 -14.81 -50.85
N ASN L 58 5.20 -13.72 -51.54
CA ASN L 58 4.46 -12.49 -51.34
C ASN L 58 3.20 -12.50 -52.19
N TYR L 59 2.49 -11.36 -52.19
CA TYR L 59 1.16 -11.29 -52.79
C TYR L 59 1.22 -11.41 -54.31
N GLU L 60 2.10 -10.64 -54.96
CA GLU L 60 2.13 -10.63 -56.41
C GLU L 60 2.82 -11.86 -56.98
N GLY L 61 3.04 -12.87 -56.15
CA GLY L 61 3.36 -14.20 -56.64
C GLY L 61 4.81 -14.61 -56.51
N SER L 62 5.70 -13.69 -56.08
CA SER L 62 7.12 -13.95 -56.05
C SER L 62 7.61 -14.27 -54.64
N PRO L 63 8.67 -15.07 -54.50
CA PRO L 63 9.22 -15.33 -53.16
C PRO L 63 10.07 -14.18 -52.66
N ILE L 64 9.91 -13.84 -51.37
CA ILE L 64 10.67 -12.75 -50.77
C ILE L 64 11.31 -13.21 -49.47
N LYS L 65 12.41 -12.53 -49.12
CA LYS L 65 13.15 -12.79 -47.89
C LYS L 65 12.76 -11.77 -46.84
N VAL L 66 12.65 -12.23 -45.60
CA VAL L 66 12.06 -11.42 -44.55
C VAL L 66 12.78 -11.71 -43.24
N THR L 67 13.11 -10.67 -42.48
CA THR L 67 13.73 -10.82 -41.17
C THR L 67 12.68 -10.99 -40.09
N LEU L 68 12.75 -12.10 -39.36
CA LEU L 68 11.85 -12.34 -38.25
C LEU L 68 12.37 -11.73 -36.95
N ALA L 69 13.67 -11.87 -36.66
CA ALA L 69 14.16 -11.45 -35.35
C ALA L 69 15.67 -11.24 -35.40
N THR L 70 16.13 -10.32 -34.55
CA THR L 70 17.54 -10.11 -34.26
C THR L 70 17.75 -10.36 -32.76
N LEU L 71 18.64 -11.30 -32.44
CA LEU L 71 18.85 -11.73 -31.06
C LEU L 71 20.33 -11.64 -30.73
N LYS L 72 20.61 -11.42 -29.45
CA LYS L 72 21.97 -11.43 -28.93
C LYS L 72 21.86 -11.94 -27.50
N MET L 73 22.71 -12.90 -27.16
CA MET L 73 22.53 -13.63 -25.91
C MET L 73 22.54 -12.68 -24.70
N SER L 74 23.44 -11.71 -24.69
CA SER L 74 23.56 -10.84 -23.51
C SER L 74 22.60 -9.65 -23.54
N VAL L 75 21.73 -9.54 -24.56
CA VAL L 75 20.82 -8.42 -24.70
C VAL L 75 19.38 -8.90 -24.78
N GLN L 76 19.11 -9.88 -25.64
CA GLN L 76 17.75 -10.38 -25.88
C GLN L 76 17.82 -11.79 -26.45
N PRO L 77 17.85 -12.83 -25.61
CA PRO L 77 18.00 -14.21 -26.13
C PRO L 77 16.73 -14.79 -26.74
N THR L 78 15.55 -14.23 -26.42
CA THR L 78 14.27 -14.73 -26.88
C THR L 78 13.43 -13.59 -27.41
N VAL L 79 12.78 -13.83 -28.54
CA VAL L 79 11.80 -12.93 -29.13
C VAL L 79 10.51 -13.73 -29.35
N SER L 80 9.39 -13.17 -28.91
CA SER L 80 8.10 -13.83 -29.04
C SER L 80 7.32 -13.18 -30.17
N LEU L 81 6.91 -13.97 -31.16
CA LEU L 81 6.24 -13.42 -32.33
C LEU L 81 4.73 -13.44 -32.22
N GLY L 82 4.18 -14.16 -31.26
CA GLY L 82 2.76 -14.09 -31.00
C GLY L 82 1.88 -14.71 -32.05
N GLY L 83 2.39 -15.68 -32.80
CA GLY L 83 1.58 -16.32 -33.81
C GLY L 83 1.70 -15.67 -35.17
N PHE L 84 2.93 -15.60 -35.68
CA PHE L 84 3.22 -15.09 -37.02
C PHE L 84 2.92 -16.21 -38.01
N GLU L 85 1.77 -16.13 -38.67
CA GLU L 85 1.40 -17.15 -39.64
C GLU L 85 1.88 -16.88 -41.06
N ILE L 86 2.40 -17.94 -41.65
CA ILE L 86 2.98 -17.95 -42.98
C ILE L 86 2.42 -19.15 -43.72
N THR L 87 2.00 -18.93 -44.95
CA THR L 87 1.51 -20.00 -45.79
C THR L 87 2.70 -20.71 -46.44
N PRO L 88 2.82 -22.03 -46.33
CA PRO L 88 3.88 -22.84 -46.94
C PRO L 88 3.77 -22.77 -48.46
N PRO L 89 4.87 -23.02 -49.18
CA PRO L 89 6.22 -23.33 -48.68
C PRO L 89 6.92 -22.13 -48.07
N VAL L 90 7.68 -22.40 -47.02
CA VAL L 90 8.49 -21.38 -46.36
C VAL L 90 9.82 -21.98 -45.95
N VAL L 91 10.89 -21.21 -46.13
CA VAL L 91 12.21 -21.59 -45.64
C VAL L 91 12.62 -20.64 -44.52
N LEU L 92 13.15 -21.22 -43.44
CA LEU L 92 13.70 -20.47 -42.31
C LEU L 92 15.20 -20.67 -42.29
N ARG L 93 15.96 -19.59 -42.09
CA ARG L 93 17.41 -19.74 -42.12
C ARG L 93 18.05 -18.66 -41.27
N LEU L 94 19.32 -18.89 -40.93
CA LEU L 94 20.15 -17.89 -40.27
C LEU L 94 20.81 -17.01 -41.31
N LYS L 95 20.49 -15.73 -41.31
CA LYS L 95 21.15 -14.78 -42.20
C LYS L 95 22.51 -14.39 -41.66
N CYS L 96 22.71 -14.47 -40.35
CA CYS L 96 24.04 -14.37 -39.75
C CYS L 96 23.98 -14.90 -38.33
N GLY L 97 25.14 -15.15 -37.77
CA GLY L 97 25.22 -15.92 -36.55
C GLY L 97 25.34 -17.40 -36.86
N SER L 98 26.05 -18.10 -35.97
CA SER L 98 26.30 -19.52 -36.16
C SER L 98 25.30 -20.40 -35.43
N GLY L 99 24.51 -19.84 -34.51
CA GLY L 99 23.52 -20.61 -33.81
C GLY L 99 24.14 -21.44 -32.71
N PRO L 100 23.39 -22.42 -32.17
CA PRO L 100 22.03 -22.81 -32.58
C PRO L 100 20.93 -21.80 -32.24
N VAL L 101 19.96 -21.67 -33.13
CA VAL L 101 18.75 -20.89 -32.88
C VAL L 101 17.57 -21.83 -32.99
N HIS L 102 16.70 -21.79 -31.99
CA HIS L 102 15.50 -22.62 -32.00
C HIS L 102 14.30 -21.77 -32.37
N ILE L 103 13.37 -22.37 -33.09
CA ILE L 103 12.10 -21.74 -33.44
C ILE L 103 11.00 -22.67 -32.96
N SER L 104 9.95 -22.10 -32.38
CA SER L 104 8.80 -22.87 -31.93
C SER L 104 7.54 -22.25 -32.51
N GLY L 105 6.51 -23.06 -32.65
CA GLY L 105 5.26 -22.57 -33.18
C GLY L 105 4.23 -23.67 -33.32
N GLN L 106 3.24 -23.38 -34.16
CA GLN L 106 2.12 -24.28 -34.39
C GLN L 106 2.03 -24.62 -35.87
N HIS L 107 1.71 -25.87 -36.16
CA HIS L 107 1.35 -26.28 -37.51
C HIS L 107 -0.17 -26.41 -37.51
N LEU L 108 -0.84 -25.53 -38.25
CA LEU L 108 -2.30 -25.50 -38.26
C LEU L 108 -2.83 -26.07 -39.56
N VAL L 109 -3.83 -26.96 -39.46
CA VAL L 109 -4.43 -27.57 -40.64
C VAL L 109 -5.95 -27.44 -40.54
N ALA L 110 -6.56 -27.03 -41.64
CA ALA L 110 -8.00 -26.91 -41.77
C ALA L 110 -8.54 -28.03 -42.66
N PRO M 6 -15.66 -21.69 -25.72
CA PRO M 6 -14.34 -22.06 -25.17
C PRO M 6 -14.20 -21.75 -23.67
N GLN M 7 -14.48 -22.74 -22.80
CA GLN M 7 -14.33 -22.53 -21.36
C GLN M 7 -12.88 -22.33 -20.98
N ASN M 8 -12.65 -21.54 -19.94
CA ASN M 8 -11.31 -21.07 -19.62
C ASN M 8 -11.03 -21.20 -18.13
N TYR M 9 -10.00 -21.98 -17.79
CA TYR M 9 -9.57 -22.18 -16.41
C TYR M 9 -8.11 -21.78 -16.28
N LEU M 10 -7.73 -21.37 -15.07
CA LEU M 10 -6.35 -21.05 -14.78
C LEU M 10 -5.49 -22.31 -14.85
N PHE M 11 -4.29 -22.14 -15.41
CA PHE M 11 -3.30 -23.19 -15.45
C PHE M 11 -1.93 -22.65 -15.03
N GLY M 12 -1.19 -23.45 -14.29
CA GLY M 12 0.16 -23.08 -13.93
C GLY M 12 0.90 -24.29 -13.42
N CYS M 13 2.23 -24.23 -13.50
CA CYS M 13 3.09 -25.26 -12.94
C CYS M 13 4.45 -24.65 -12.64
N GLU M 14 5.26 -25.40 -11.90
CA GLU M 14 6.61 -24.96 -11.55
C GLU M 14 7.58 -26.05 -11.99
N LEU M 15 8.66 -25.64 -12.66
CA LEU M 15 9.65 -26.57 -13.17
C LEU M 15 10.95 -26.42 -12.41
N LYS M 16 11.60 -27.56 -12.14
CA LYS M 16 12.93 -27.59 -11.54
C LYS M 16 13.85 -28.47 -12.36
N ALA M 17 15.11 -28.53 -11.90
CA ALA M 17 16.16 -29.27 -12.61
C ALA M 17 15.76 -30.70 -12.93
N ASP M 18 14.94 -31.34 -12.09
CA ASP M 18 14.51 -32.69 -12.40
C ASP M 18 13.06 -32.90 -12.00
N LYS M 19 12.22 -31.89 -12.18
CA LYS M 19 10.77 -32.04 -12.03
C LYS M 19 10.15 -31.57 -13.34
N ASP M 20 9.94 -32.52 -14.26
CA ASP M 20 9.10 -32.34 -15.45
C ASP M 20 7.73 -31.82 -15.05
N TYR M 21 6.87 -31.56 -16.03
CA TYR M 21 5.43 -31.46 -15.75
C TYR M 21 4.70 -32.02 -16.96
N HIS M 22 3.75 -32.92 -16.70
CA HIS M 22 2.95 -33.54 -17.74
C HIS M 22 1.51 -33.03 -17.63
N PHE M 23 0.97 -32.53 -18.73
CA PHE M 23 -0.40 -32.08 -18.77
C PHE M 23 -1.27 -33.25 -19.24
N LYS M 24 -2.17 -33.71 -18.36
CA LYS M 24 -2.81 -35.01 -18.43
C LYS M 24 -3.19 -35.48 -19.89
N VAL M 25 -4.34 -35.16 -20.53
CA VAL M 25 -5.58 -34.65 -19.95
C VAL M 25 -6.50 -35.87 -19.73
N ASP M 26 -6.71 -36.13 -18.45
CA ASP M 26 -7.45 -37.25 -17.89
C ASP M 26 -8.61 -37.74 -18.75
N ASN M 27 -9.23 -36.82 -19.49
CA ASN M 27 -10.37 -36.98 -20.42
C ASN M 27 -11.54 -37.91 -19.96
N ASP M 28 -12.83 -37.60 -20.22
CA ASP M 28 -13.45 -36.54 -21.06
C ASP M 28 -13.46 -36.90 -22.56
N GLU M 29 -14.42 -36.29 -23.27
CA GLU M 29 -14.53 -36.37 -24.72
C GLU M 29 -14.40 -35.02 -25.41
N ASN M 30 -14.69 -33.93 -24.70
CA ASN M 30 -14.50 -32.58 -25.20
C ASN M 30 -13.02 -32.31 -25.48
N GLU M 31 -12.76 -31.35 -26.35
CA GLU M 31 -11.38 -31.04 -26.75
C GLU M 31 -10.74 -30.03 -25.80
N HIS M 32 -9.50 -30.33 -25.41
CA HIS M 32 -8.73 -29.52 -24.48
C HIS M 32 -7.58 -28.86 -25.24
N GLN M 33 -7.24 -27.64 -24.82
CA GLN M 33 -6.04 -26.98 -25.28
C GLN M 33 -5.39 -26.28 -24.10
N LEU M 34 -4.05 -26.31 -24.08
CA LEU M 34 -3.24 -25.50 -23.19
C LEU M 34 -2.86 -24.24 -23.93
N SER M 35 -3.19 -23.09 -23.38
CA SER M 35 -2.79 -21.81 -23.95
C SER M 35 -1.74 -21.25 -23.01
N LEU M 36 -0.48 -21.37 -23.40
CA LEU M 36 0.61 -20.90 -22.55
C LEU M 36 0.79 -19.40 -22.71
N ARG M 37 1.01 -18.73 -21.58
CA ARG M 37 1.06 -17.28 -21.54
C ARG M 37 2.44 -16.71 -21.17
N THR M 38 2.92 -16.95 -19.96
CA THR M 38 4.22 -16.44 -19.55
C THR M 38 5.08 -17.55 -18.97
N VAL M 39 6.38 -17.37 -19.17
CA VAL M 39 7.43 -18.14 -18.53
C VAL M 39 8.26 -17.13 -17.74
N SER M 40 8.47 -17.40 -16.47
CA SER M 40 9.23 -16.45 -15.67
C SER M 40 10.05 -17.22 -14.64
N LEU M 41 11.18 -16.63 -14.28
CA LEU M 41 12.08 -17.22 -13.31
C LEU M 41 11.57 -16.99 -11.90
N GLY M 42 11.64 -18.04 -11.07
CA GLY M 42 11.29 -17.93 -9.67
C GLY M 42 12.33 -17.19 -8.89
N ALA M 43 11.93 -16.75 -7.69
CA ALA M 43 12.78 -15.87 -6.89
C ALA M 43 14.12 -16.51 -6.57
N GLY M 44 14.13 -17.83 -6.30
CA GLY M 44 15.36 -18.47 -5.94
C GLY M 44 16.23 -18.93 -7.09
N ALA M 45 15.85 -18.66 -8.34
CA ALA M 45 16.66 -19.14 -9.46
C ALA M 45 18.00 -18.40 -9.53
N LYS M 46 19.04 -19.16 -9.86
CA LYS M 46 20.35 -18.56 -10.07
C LYS M 46 20.37 -17.76 -11.38
N ASP M 47 21.43 -16.97 -11.56
CA ASP M 47 21.61 -16.19 -12.79
C ASP M 47 22.28 -17.00 -13.88
N GLU M 48 21.84 -18.22 -14.10
CA GLU M 48 22.31 -19.03 -15.21
C GLU M 48 21.27 -19.01 -16.33
N LEU M 49 21.69 -19.46 -17.50
CA LEU M 49 20.77 -19.64 -18.61
C LEU M 49 19.74 -20.71 -18.29
N HIS M 50 18.47 -20.39 -18.47
CA HIS M 50 17.41 -21.38 -18.36
C HIS M 50 16.75 -21.52 -19.72
N ILE M 51 16.54 -22.76 -20.15
CA ILE M 51 15.84 -23.03 -21.40
C ILE M 51 14.67 -23.95 -21.08
N VAL M 52 13.47 -23.51 -21.43
CA VAL M 52 12.25 -24.27 -21.17
C VAL M 52 11.82 -24.92 -22.48
N GLU M 53 11.47 -26.21 -22.41
CA GLU M 53 11.06 -26.90 -23.62
C GLU M 53 9.72 -27.60 -23.41
N ALA M 54 8.99 -27.75 -24.51
CA ALA M 54 7.72 -28.45 -24.54
C ALA M 54 7.84 -29.60 -25.53
N GLU M 55 7.19 -30.70 -25.20
CA GLU M 55 7.18 -31.88 -26.05
C GLU M 55 5.74 -32.33 -26.26
N ALA M 56 5.34 -32.48 -27.51
CA ALA M 56 4.01 -32.91 -27.89
C ALA M 56 4.09 -33.44 -29.32
N MET M 57 2.95 -33.89 -29.83
CA MET M 57 2.95 -34.49 -31.15
C MET M 57 2.87 -33.43 -32.24
N ASN M 58 3.59 -33.66 -33.33
CA ASN M 58 3.54 -32.83 -34.52
C ASN M 58 2.58 -33.43 -35.54
N TYR M 59 2.49 -32.80 -36.71
CA TYR M 59 1.54 -33.24 -37.72
C TYR M 59 1.81 -34.68 -38.14
N GLU M 60 3.09 -35.01 -38.36
CA GLU M 60 3.46 -36.31 -38.90
C GLU M 60 3.18 -37.45 -37.94
N GLY M 61 2.85 -37.18 -36.68
CA GLY M 61 2.48 -38.20 -35.73
C GLY M 61 3.52 -38.49 -34.66
N SER M 62 4.66 -37.95 -34.75
CA SER M 62 5.72 -38.25 -33.81
C SER M 62 5.88 -37.11 -32.81
N PRO M 63 6.36 -37.41 -31.60
CA PRO M 63 6.62 -36.34 -30.62
C PRO M 63 7.88 -35.55 -30.94
N ILE M 64 7.80 -34.24 -30.71
CA ILE M 64 8.92 -33.33 -30.92
C ILE M 64 9.16 -32.56 -29.64
N LYS M 65 10.42 -32.28 -29.33
CA LYS M 65 10.80 -31.35 -28.28
C LYS M 65 11.10 -30.02 -28.94
N VAL M 66 10.51 -28.95 -28.42
CA VAL M 66 10.70 -27.61 -28.95
C VAL M 66 10.96 -26.66 -27.78
N THR M 67 11.82 -25.67 -28.01
CA THR M 67 12.15 -24.65 -27.03
C THR M 67 11.10 -23.54 -27.03
N LEU M 68 10.54 -23.30 -25.85
CA LEU M 68 9.59 -22.21 -25.65
C LEU M 68 10.29 -20.90 -25.33
N ALA M 69 11.31 -20.96 -24.48
CA ALA M 69 11.92 -19.72 -24.00
C ALA M 69 13.34 -19.99 -23.51
N THR M 70 14.18 -18.98 -23.70
CA THR M 70 15.50 -18.87 -23.10
C THR M 70 15.45 -17.67 -22.17
N LEU M 71 15.71 -17.89 -20.90
CA LEU M 71 15.57 -16.87 -19.86
C LEU M 71 16.87 -16.74 -19.09
N LYS M 72 17.11 -15.53 -18.58
CA LYS M 72 18.27 -15.25 -17.76
C LYS M 72 17.86 -14.12 -16.82
N MET M 73 18.17 -14.27 -15.53
CA MET M 73 17.56 -13.39 -14.54
C MET M 73 17.97 -11.94 -14.77
N SER M 74 19.25 -11.72 -15.05
CA SER M 74 19.77 -10.36 -15.18
C SER M 74 19.63 -9.82 -16.60
N VAL M 75 19.00 -10.55 -17.52
CA VAL M 75 18.83 -10.10 -18.90
C VAL M 75 17.37 -10.06 -19.29
N GLN M 76 16.63 -11.14 -19.04
CA GLN M 76 15.24 -11.31 -19.44
C GLN M 76 14.58 -12.32 -18.49
N PRO M 77 14.01 -11.86 -17.37
CA PRO M 77 13.47 -12.81 -16.38
C PRO M 77 12.13 -13.42 -16.78
N THR M 78 11.38 -12.79 -17.68
CA THR M 78 10.05 -13.23 -18.07
C THR M 78 9.90 -13.16 -19.58
N VAL M 79 9.26 -14.17 -20.14
CA VAL M 79 8.87 -14.17 -21.55
C VAL M 79 7.37 -14.39 -21.64
N SER M 80 6.73 -13.59 -22.48
CA SER M 80 5.29 -13.71 -22.70
C SER M 80 5.05 -14.35 -24.06
N LEU M 81 4.30 -15.45 -24.07
CA LEU M 81 4.08 -16.19 -25.31
C LEU M 81 2.79 -15.82 -26.03
N GLY M 82 1.88 -15.10 -25.38
CA GLY M 82 0.71 -14.58 -26.06
C GLY M 82 -0.35 -15.61 -26.45
N GLY M 83 -0.43 -16.72 -25.72
CA GLY M 83 -1.41 -17.75 -26.03
C GLY M 83 -0.89 -18.80 -26.98
N PHE M 84 0.20 -19.45 -26.61
CA PHE M 84 0.76 -20.56 -27.38
C PHE M 84 -0.09 -21.79 -27.05
N GLU M 85 -0.92 -22.20 -27.99
CA GLU M 85 -1.86 -23.28 -27.74
C GLU M 85 -1.26 -24.62 -28.13
N ILE M 86 -1.32 -25.58 -27.21
CA ILE M 86 -0.74 -26.89 -27.41
C ILE M 86 -1.77 -27.93 -27.01
N THR M 87 -1.98 -28.92 -27.86
CA THR M 87 -2.93 -29.99 -27.61
C THR M 87 -2.29 -31.03 -26.71
N PRO M 88 -2.93 -31.43 -25.61
CA PRO M 88 -2.41 -32.54 -24.80
C PRO M 88 -2.37 -33.86 -25.54
N PRO M 89 -1.51 -34.79 -25.12
CA PRO M 89 -0.57 -34.66 -24.01
C PRO M 89 0.60 -33.75 -24.37
N VAL M 90 1.08 -33.00 -23.39
CA VAL M 90 2.26 -32.16 -23.55
C VAL M 90 3.10 -32.30 -22.28
N VAL M 91 4.42 -32.40 -22.45
CA VAL M 91 5.35 -32.41 -21.34
C VAL M 91 6.13 -31.09 -21.37
N LEU M 92 6.30 -30.47 -20.21
CA LEU M 92 7.11 -29.26 -20.07
C LEU M 92 8.30 -29.55 -19.17
N ARG M 93 9.48 -29.07 -19.56
CA ARG M 93 10.66 -29.35 -18.76
C ARG M 93 11.74 -28.30 -18.95
N LEU M 94 12.68 -28.28 -18.01
CA LEU M 94 13.87 -27.46 -18.13
C LEU M 94 14.89 -28.21 -18.97
N LYS M 95 15.21 -27.67 -20.14
CA LYS M 95 16.26 -28.29 -20.94
C LYS M 95 17.62 -27.94 -20.39
N CYS M 96 17.73 -26.80 -19.70
CA CYS M 96 18.90 -26.50 -18.88
C CYS M 96 18.55 -25.37 -17.91
N GLY M 97 19.40 -25.21 -16.90
CA GLY M 97 19.08 -24.40 -15.74
C GLY M 97 18.43 -25.22 -14.63
N SER M 98 18.60 -24.75 -13.40
CA SER M 98 18.12 -25.47 -12.23
C SER M 98 16.75 -25.03 -11.75
N GLY M 99 16.29 -23.86 -12.17
CA GLY M 99 15.00 -23.34 -11.74
C GLY M 99 15.03 -22.74 -10.34
N PRO M 100 13.84 -22.51 -9.75
CA PRO M 100 12.52 -22.81 -10.32
C PRO M 100 12.15 -21.91 -11.47
N VAL M 101 11.42 -22.48 -12.44
CA VAL M 101 10.83 -21.75 -13.55
C VAL M 101 9.32 -21.97 -13.51
N HIS M 102 8.56 -20.88 -13.58
CA HIS M 102 7.11 -20.91 -13.50
C HIS M 102 6.49 -20.77 -14.88
N ILE M 103 5.40 -21.46 -15.10
CA ILE M 103 4.64 -21.35 -16.34
C ILE M 103 3.20 -21.07 -15.97
N SER M 104 2.60 -20.12 -16.67
CA SER M 104 1.22 -19.75 -16.44
C SER M 104 0.50 -19.75 -17.78
N GLY M 105 -0.79 -20.01 -17.73
CA GLY M 105 -1.58 -20.02 -18.94
C GLY M 105 -3.00 -20.42 -18.66
N GLN M 106 -3.67 -20.84 -19.73
CA GLN M 106 -5.08 -21.17 -19.67
C GLN M 106 -5.30 -22.62 -20.05
N HIS M 107 -6.20 -23.27 -19.34
CA HIS M 107 -6.69 -24.58 -19.70
C HIS M 107 -8.06 -24.34 -20.33
N LEU M 108 -8.17 -24.57 -21.64
CA LEU M 108 -9.40 -24.34 -22.38
C LEU M 108 -10.10 -25.65 -22.70
N VAL M 109 -11.43 -25.65 -22.55
CA VAL M 109 -12.26 -26.82 -22.83
C VAL M 109 -13.41 -26.42 -23.73
N ALA M 110 -13.64 -27.21 -24.78
CA ALA M 110 -14.75 -27.02 -25.71
C ALA M 110 -15.54 -28.32 -25.80
N VAL M 111 -16.77 -28.33 -25.29
CA VAL M 111 -17.59 -29.55 -25.34
C VAL M 111 -18.10 -29.81 -26.76
N ARG N 5 -20.31 -6.62 -28.77
CA ARG N 5 -20.07 -7.44 -27.59
C ARG N 5 -18.86 -8.37 -27.79
N PRO N 6 -18.16 -8.72 -26.69
CA PRO N 6 -18.46 -8.34 -25.30
C PRO N 6 -18.17 -6.87 -25.00
N GLN N 7 -18.99 -6.25 -24.14
CA GLN N 7 -18.66 -4.93 -23.61
C GLN N 7 -17.33 -4.98 -22.86
N ASN N 8 -16.59 -3.88 -22.93
CA ASN N 8 -15.21 -3.86 -22.47
C ASN N 8 -14.99 -2.63 -21.60
N TYR N 9 -14.53 -2.82 -20.37
CA TYR N 9 -14.27 -1.74 -19.44
C TYR N 9 -12.83 -1.79 -18.97
N LEU N 10 -12.27 -0.62 -18.67
CA LEU N 10 -10.91 -0.55 -18.16
C LEU N 10 -10.82 -1.16 -16.79
N PHE N 11 -9.74 -1.90 -16.57
CA PHE N 11 -9.43 -2.48 -15.28
C PHE N 11 -8.01 -2.13 -14.88
N GLY N 12 -7.83 -1.91 -13.59
CA GLY N 12 -6.50 -1.72 -13.05
C GLY N 12 -6.52 -1.87 -11.56
N CYS N 13 -5.35 -2.18 -11.03
CA CYS N 13 -5.15 -2.20 -9.59
C CYS N 13 -3.68 -1.96 -9.34
N GLU N 14 -3.35 -1.69 -8.08
CA GLU N 14 -1.99 -1.47 -7.65
C GLU N 14 -1.72 -2.48 -6.56
N LEU N 15 -0.66 -3.25 -6.68
CA LEU N 15 -0.34 -4.26 -5.68
C LEU N 15 0.89 -3.86 -4.89
N LYS N 16 0.82 -4.11 -3.58
CA LYS N 16 1.93 -3.98 -2.65
C LYS N 16 2.07 -5.21 -1.77
N ALA N 17 3.17 -5.17 -0.99
CA ALA N 17 3.65 -6.21 -0.09
C ALA N 17 2.62 -7.27 0.27
N ASP N 18 1.95 -7.07 1.40
CA ASP N 18 1.06 -8.07 1.98
C ASP N 18 -0.41 -7.71 1.82
N LYS N 19 -0.75 -7.06 0.71
CA LYS N 19 -2.12 -6.67 0.42
C LYS N 19 -2.59 -7.47 -0.80
N ASP N 20 -3.79 -8.03 -0.71
CA ASP N 20 -4.32 -8.89 -1.75
C ASP N 20 -5.46 -8.17 -2.47
N TYR N 21 -5.33 -8.02 -3.78
CA TYR N 21 -6.43 -7.49 -4.58
C TYR N 21 -7.39 -8.62 -4.95
N HIS N 22 -8.68 -8.41 -4.69
CA HIS N 22 -9.72 -9.39 -5.00
C HIS N 22 -10.61 -8.87 -6.11
N PHE N 23 -10.64 -9.58 -7.22
CA PHE N 23 -11.60 -9.29 -8.29
C PHE N 23 -12.77 -10.26 -8.16
N LYS N 24 -13.97 -9.72 -7.92
CA LYS N 24 -15.14 -10.53 -7.57
C LYS N 24 -16.22 -10.51 -8.63
N VAL N 25 -16.84 -9.36 -8.88
CA VAL N 25 -17.90 -9.12 -9.89
C VAL N 25 -19.05 -10.14 -9.89
N ASP N 26 -18.74 -11.43 -9.69
CA ASP N 26 -19.61 -12.61 -9.66
C ASP N 26 -21.14 -12.45 -9.64
N ASN N 27 -21.67 -11.26 -9.95
CA ASN N 27 -23.08 -10.97 -9.72
C ASN N 27 -24.00 -11.61 -10.75
N ASP N 28 -24.65 -10.76 -11.57
CA ASP N 28 -25.74 -11.15 -12.45
C ASP N 28 -25.35 -12.26 -13.43
N GLU N 29 -26.35 -12.80 -14.14
CA GLU N 29 -26.21 -14.00 -14.95
C GLU N 29 -25.26 -13.85 -16.16
N ASN N 30 -24.74 -12.67 -16.46
CA ASN N 30 -23.75 -12.56 -17.53
C ASN N 30 -22.42 -13.22 -17.16
N GLU N 31 -21.63 -13.48 -18.19
CA GLU N 31 -20.30 -14.05 -18.04
C GLU N 31 -19.27 -12.93 -18.08
N HIS N 32 -18.34 -12.97 -17.13
CA HIS N 32 -17.33 -11.94 -16.98
C HIS N 32 -15.96 -12.56 -17.16
N GLN N 33 -15.03 -11.80 -17.75
CA GLN N 33 -13.66 -12.24 -17.80
C GLN N 33 -12.77 -11.05 -17.48
N LEU N 34 -11.71 -11.31 -16.73
CA LEU N 34 -10.67 -10.34 -16.50
C LEU N 34 -9.55 -10.60 -17.51
N SER N 35 -9.24 -9.62 -18.36
CA SER N 35 -8.20 -9.80 -19.38
C SER N 35 -6.99 -8.93 -19.04
N LEU N 36 -5.95 -9.56 -18.49
CA LEU N 36 -4.80 -8.80 -18.01
C LEU N 36 -3.89 -8.44 -19.18
N ARG N 37 -3.40 -7.19 -19.17
CA ARG N 37 -2.58 -6.68 -20.26
C ARG N 37 -1.15 -6.41 -19.84
N THR N 38 -0.90 -5.47 -18.94
CA THR N 38 0.47 -5.18 -18.56
C THR N 38 0.62 -5.25 -17.05
N VAL N 39 1.83 -5.62 -16.66
CA VAL N 39 2.34 -5.53 -15.31
C VAL N 39 3.53 -4.57 -15.38
N SER N 40 3.53 -3.56 -14.52
CA SER N 40 4.59 -2.55 -14.55
C SER N 40 4.92 -2.05 -13.16
N LEU N 41 6.19 -1.74 -12.94
CA LEU N 41 6.65 -1.22 -11.67
C LEU N 41 6.33 0.27 -11.56
N GLY N 42 5.84 0.68 -10.39
CA GLY N 42 5.57 2.07 -10.13
C GLY N 42 6.84 2.85 -9.90
N ALA N 43 6.67 4.18 -9.89
CA ALA N 43 7.79 5.10 -9.81
C ALA N 43 8.62 4.89 -8.54
N GLY N 44 7.97 4.62 -7.40
CA GLY N 44 8.70 4.49 -6.15
C GLY N 44 9.24 3.10 -5.82
N ALA N 45 9.06 2.12 -6.70
CA ALA N 45 9.49 0.77 -6.42
C ALA N 45 11.01 0.68 -6.30
N LYS N 46 11.46 -0.12 -5.34
CA LYS N 46 12.87 -0.43 -5.25
C LYS N 46 13.29 -1.35 -6.40
N ASP N 47 14.59 -1.42 -6.63
CA ASP N 47 15.18 -2.23 -7.69
C ASP N 47 15.43 -3.67 -7.22
N GLU N 48 14.43 -4.24 -6.55
CA GLU N 48 14.42 -5.62 -6.07
C GLU N 48 13.62 -6.48 -7.03
N LEU N 49 13.73 -7.80 -6.87
CA LEU N 49 12.89 -8.72 -7.64
C LEU N 49 11.43 -8.59 -7.22
N HIS N 50 10.54 -8.43 -8.19
CA HIS N 50 9.11 -8.44 -7.95
C HIS N 50 8.48 -9.61 -8.69
N ILE N 51 7.67 -10.40 -7.99
CA ILE N 51 6.98 -11.52 -8.59
C ILE N 51 5.49 -11.39 -8.27
N VAL N 52 4.66 -11.33 -9.31
CA VAL N 52 3.22 -11.12 -9.20
C VAL N 52 2.55 -12.47 -9.40
N GLU N 53 1.57 -12.79 -8.54
CA GLU N 53 0.91 -14.08 -8.54
C GLU N 53 -0.60 -13.91 -8.69
N ALA N 54 -1.24 -14.85 -9.37
CA ALA N 54 -2.69 -14.83 -9.52
C ALA N 54 -3.29 -16.14 -8.99
N GLU N 55 -4.45 -16.04 -8.37
CA GLU N 55 -5.12 -17.24 -7.89
C GLU N 55 -6.57 -17.25 -8.34
N ALA N 56 -6.97 -18.36 -8.95
CA ALA N 56 -8.32 -18.61 -9.44
C ALA N 56 -8.49 -20.12 -9.57
N MET N 57 -9.59 -20.54 -10.18
CA MET N 57 -9.98 -21.93 -10.28
C MET N 57 -9.20 -22.62 -11.38
N ASN N 58 -8.64 -23.80 -11.10
CA ASN N 58 -8.13 -24.60 -12.21
C ASN N 58 -9.28 -25.47 -12.72
N TYR N 59 -8.99 -26.40 -13.63
CA TYR N 59 -10.07 -27.15 -14.25
C TYR N 59 -10.62 -28.21 -13.30
N GLU N 60 -9.76 -28.82 -12.49
CA GLU N 60 -10.25 -29.87 -11.60
C GLU N 60 -11.08 -29.32 -10.44
N GLY N 61 -11.14 -28.00 -10.25
CA GLY N 61 -12.05 -27.39 -9.29
C GLY N 61 -11.40 -26.73 -8.09
N SER N 62 -10.08 -26.85 -7.91
CA SER N 62 -9.41 -26.30 -6.72
C SER N 62 -8.62 -25.02 -7.02
N PRO N 63 -8.45 -24.13 -6.05
CA PRO N 63 -7.71 -22.88 -6.31
C PRO N 63 -6.22 -23.11 -6.45
N ILE N 64 -5.61 -22.42 -7.41
CA ILE N 64 -4.17 -22.54 -7.65
C ILE N 64 -3.50 -21.16 -7.70
N LYS N 65 -2.30 -21.10 -7.15
CA LYS N 65 -1.44 -19.94 -7.24
C LYS N 65 -0.57 -20.09 -8.48
N VAL N 66 -0.61 -19.11 -9.37
CA VAL N 66 0.22 -19.08 -10.59
C VAL N 66 0.96 -17.75 -10.67
N THR N 67 2.19 -17.79 -11.13
CA THR N 67 3.01 -16.61 -11.35
C THR N 67 2.71 -16.00 -12.70
N LEU N 68 2.36 -14.71 -12.70
CA LEU N 68 2.16 -13.99 -13.97
C LEU N 68 3.45 -13.39 -14.53
N ALA N 69 4.30 -12.82 -13.67
CA ALA N 69 5.43 -12.05 -14.16
C ALA N 69 6.49 -11.89 -13.08
N THR N 70 7.74 -11.81 -13.52
CA THR N 70 8.90 -11.48 -12.70
C THR N 70 9.51 -10.19 -13.24
N LEU N 71 9.60 -9.16 -12.38
CA LEU N 71 10.01 -7.84 -12.80
C LEU N 71 11.16 -7.32 -11.94
N LYS N 72 11.99 -6.48 -12.55
CA LYS N 72 13.05 -5.77 -11.86
C LYS N 72 13.28 -4.46 -12.61
N MET N 73 13.35 -3.35 -11.87
CA MET N 73 13.29 -2.03 -12.50
C MET N 73 14.40 -1.84 -13.53
N SER N 74 15.63 -2.24 -13.19
CA SER N 74 16.80 -2.01 -14.03
C SER N 74 17.00 -3.07 -15.11
N VAL N 75 16.07 -4.02 -15.25
CA VAL N 75 16.18 -5.09 -16.24
C VAL N 75 14.96 -5.12 -17.17
N GLN N 76 13.77 -5.15 -16.58
CA GLN N 76 12.51 -5.27 -17.30
C GLN N 76 11.41 -4.68 -16.44
N PRO N 77 11.17 -3.38 -16.52
CA PRO N 77 10.17 -2.77 -15.64
C PRO N 77 8.73 -3.08 -16.02
N THR N 78 8.47 -3.50 -17.26
CA THR N 78 7.12 -3.76 -17.76
C THR N 78 7.09 -5.10 -18.46
N VAL N 79 6.02 -5.84 -18.23
CA VAL N 79 5.71 -7.07 -18.96
C VAL N 79 4.31 -6.95 -19.55
N SER N 80 4.19 -7.30 -20.82
CA SER N 80 2.92 -7.32 -21.52
C SER N 80 2.42 -8.77 -21.63
N LEU N 81 1.20 -9.03 -21.16
CA LEU N 81 0.66 -10.39 -21.19
C LEU N 81 -0.19 -10.65 -22.42
N GLY N 82 -0.57 -9.61 -23.15
CA GLY N 82 -1.28 -9.77 -24.40
C GLY N 82 -2.70 -10.25 -24.24
N GLY N 83 -3.31 -9.98 -23.10
CA GLY N 83 -4.67 -10.42 -22.89
C GLY N 83 -4.77 -11.79 -22.26
N PHE N 84 -4.18 -11.97 -21.07
CA PHE N 84 -4.29 -13.20 -20.30
C PHE N 84 -5.66 -13.18 -19.61
N GLU N 85 -6.61 -13.96 -20.12
CA GLU N 85 -7.99 -13.85 -19.67
C GLU N 85 -8.23 -14.86 -18.55
N ILE N 86 -8.85 -14.40 -17.47
CA ILE N 86 -9.09 -15.22 -16.29
C ILE N 86 -10.54 -15.06 -15.85
N THR N 87 -11.15 -16.14 -15.53
CA THR N 87 -12.54 -16.13 -15.06
C THR N 87 -12.55 -15.81 -13.57
N PRO N 88 -13.30 -14.78 -13.11
CA PRO N 88 -13.45 -14.44 -11.69
C PRO N 88 -14.11 -15.56 -10.89
N PRO N 89 -13.88 -15.61 -9.58
CA PRO N 89 -13.04 -14.72 -8.75
C PRO N 89 -11.57 -14.94 -8.96
N VAL N 90 -10.83 -13.85 -8.81
CA VAL N 90 -9.38 -13.84 -8.94
C VAL N 90 -8.79 -13.05 -7.80
N VAL N 91 -7.70 -13.56 -7.23
CA VAL N 91 -6.90 -12.83 -6.27
C VAL N 91 -5.57 -12.54 -6.96
N LEU N 92 -5.11 -11.30 -6.87
CA LEU N 92 -3.79 -10.89 -7.36
C LEU N 92 -2.93 -10.46 -6.17
N ARG N 93 -1.68 -10.90 -6.14
CA ARG N 93 -0.83 -10.55 -5.01
C ARG N 93 0.63 -10.58 -5.44
N LEU N 94 1.45 -9.92 -4.62
CA LEU N 94 2.90 -9.94 -4.75
C LEU N 94 3.46 -11.15 -3.99
N LYS N 95 4.08 -12.08 -4.71
CA LYS N 95 4.72 -13.20 -4.03
C LYS N 95 6.06 -12.77 -3.44
N CYS N 96 6.70 -11.75 -3.99
CA CYS N 96 7.83 -11.09 -3.34
C CYS N 96 8.07 -9.74 -4.02
N GLY N 97 8.89 -8.93 -3.37
CA GLY N 97 8.96 -7.52 -3.72
C GLY N 97 7.98 -6.70 -2.92
N SER N 98 8.33 -5.43 -2.73
CA SER N 98 7.52 -4.55 -1.90
C SER N 98 6.54 -3.69 -2.70
N GLY N 99 6.72 -3.60 -4.02
CA GLY N 99 5.89 -2.78 -4.88
C GLY N 99 6.28 -1.31 -4.83
N PRO N 100 5.40 -0.42 -5.35
CA PRO N 100 4.11 -0.71 -6.01
C PRO N 100 4.28 -1.37 -7.41
N VAL N 101 3.39 -2.28 -7.71
CA VAL N 101 3.29 -2.95 -9.00
C VAL N 101 1.91 -2.65 -9.56
N HIS N 102 1.86 -2.18 -10.79
CA HIS N 102 0.59 -1.85 -11.41
C HIS N 102 0.21 -2.97 -12.36
N ILE N 103 -1.09 -3.24 -12.39
CA ILE N 103 -1.67 -4.21 -13.30
C ILE N 103 -2.75 -3.49 -14.06
N SER N 104 -2.78 -3.70 -15.36
CA SER N 104 -3.79 -3.08 -16.19
C SER N 104 -4.41 -4.17 -17.04
N GLY N 105 -5.65 -3.93 -17.43
CA GLY N 105 -6.31 -4.83 -18.31
C GLY N 105 -7.72 -4.38 -18.56
N GLN N 106 -8.50 -5.32 -19.06
CA GLN N 106 -9.89 -5.14 -19.46
C GLN N 106 -10.77 -6.02 -18.61
N HIS N 107 -11.90 -5.48 -18.21
CA HIS N 107 -12.98 -6.25 -17.63
C HIS N 107 -14.00 -6.44 -18.74
N LEU N 108 -14.18 -7.69 -19.17
CA LEU N 108 -15.07 -8.00 -20.28
C LEU N 108 -16.36 -8.64 -19.77
N VAL N 109 -17.49 -8.18 -20.29
CA VAL N 109 -18.80 -8.67 -19.89
C VAL N 109 -19.61 -8.95 -21.15
N ALA N 110 -20.29 -10.09 -21.18
CA ALA N 110 -21.13 -10.44 -22.31
C ALA N 110 -22.34 -11.24 -21.85
N VAL N 111 -23.54 -10.73 -22.09
CA VAL N 111 -23.77 -9.39 -22.65
C VAL N 111 -25.08 -8.84 -22.07
N ARG O 5 -15.31 -7.30 -38.19
CA ARG O 5 -15.77 -6.41 -39.26
C ARG O 5 -15.59 -4.86 -39.15
N PRO O 6 -14.96 -4.31 -38.10
CA PRO O 6 -14.86 -2.85 -38.02
C PRO O 6 -13.93 -2.27 -39.08
N GLN O 7 -14.22 -1.02 -39.44
CA GLN O 7 -13.23 -0.20 -40.12
C GLN O 7 -12.15 0.21 -39.12
N ASN O 8 -10.89 0.17 -39.55
CA ASN O 8 -9.79 0.53 -38.67
C ASN O 8 -8.93 1.60 -39.32
N TYR O 9 -8.65 2.64 -38.56
CA TYR O 9 -7.83 3.75 -38.98
C TYR O 9 -6.61 3.83 -38.10
N LEU O 10 -5.53 4.40 -38.65
CA LEU O 10 -4.32 4.53 -37.87
C LEU O 10 -4.54 5.54 -36.76
N PHE O 11 -4.00 5.24 -35.60
CA PHE O 11 -4.08 6.14 -34.46
C PHE O 11 -2.69 6.36 -33.88
N GLY O 12 -2.44 7.58 -33.42
CA GLY O 12 -1.21 7.85 -32.71
C GLY O 12 -1.28 9.14 -31.93
N CYS O 13 -0.41 9.26 -30.93
CA CYS O 13 -0.34 10.54 -30.24
C CYS O 13 1.02 10.69 -29.58
N GLU O 14 1.29 11.91 -29.13
CA GLU O 14 2.52 12.24 -28.44
C GLU O 14 2.19 12.85 -27.08
N LEU O 15 2.85 12.33 -26.04
CA LEU O 15 2.66 12.82 -24.69
C LEU O 15 3.95 13.52 -24.24
N LYS O 16 3.78 14.67 -23.57
CA LYS O 16 4.87 15.41 -22.94
C LYS O 16 4.44 15.73 -21.51
N ALA O 17 5.39 16.29 -20.74
CA ALA O 17 5.17 16.58 -19.32
C ALA O 17 3.92 17.43 -19.06
N ASP O 18 3.55 18.32 -20.00
CA ASP O 18 2.18 18.85 -19.99
C ASP O 18 1.70 18.91 -21.44
N LYS O 19 1.35 17.74 -21.94
CA LYS O 19 0.58 17.62 -23.16
C LYS O 19 0.00 16.21 -23.06
N ASP O 20 -1.29 16.13 -22.72
CA ASP O 20 -1.93 14.84 -22.63
C ASP O 20 -2.57 14.50 -23.96
N TYR O 21 -3.17 13.33 -24.05
CA TYR O 21 -4.04 13.03 -25.16
C TYR O 21 -5.41 12.64 -24.63
N HIS O 22 -6.46 13.05 -25.36
CA HIS O 22 -7.78 12.50 -25.08
C HIS O 22 -8.52 12.32 -26.39
N PHE O 23 -9.35 11.27 -26.41
CA PHE O 23 -10.24 11.00 -27.55
C PHE O 23 -11.22 12.14 -27.74
N LYS O 24 -11.31 12.66 -28.97
CA LYS O 24 -12.29 13.67 -29.33
C LYS O 24 -13.54 12.97 -29.84
N VAL O 25 -14.62 13.12 -29.13
CA VAL O 25 -15.87 12.51 -29.56
C VAL O 25 -16.55 13.44 -30.55
N ASP O 26 -17.32 12.86 -31.46
CA ASP O 26 -18.16 13.57 -32.41
C ASP O 26 -19.62 13.37 -32.04
N ASN O 27 -20.51 13.97 -32.83
CA ASN O 27 -21.93 13.66 -32.74
C ASN O 27 -22.29 12.40 -33.51
N ASP O 28 -21.30 11.74 -34.11
CA ASP O 28 -21.55 10.57 -34.93
C ASP O 28 -22.21 9.45 -34.14
N GLU O 29 -22.89 8.56 -34.86
CA GLU O 29 -23.65 7.48 -34.23
C GLU O 29 -22.81 6.22 -33.98
N ASN O 30 -21.73 6.02 -34.73
CA ASN O 30 -21.07 4.73 -34.70
C ASN O 30 -20.32 4.55 -33.38
N GLU O 31 -19.93 3.32 -33.09
CA GLU O 31 -19.17 3.03 -31.89
C GLU O 31 -17.67 3.02 -32.21
N HIS O 32 -16.88 3.43 -31.23
CA HIS O 32 -15.45 3.67 -31.40
C HIS O 32 -14.66 2.90 -30.36
N GLN O 33 -13.50 2.39 -30.78
CA GLN O 33 -12.55 1.74 -29.91
C GLN O 33 -11.14 2.17 -30.28
N LEU O 34 -10.31 2.40 -29.28
CA LEU O 34 -8.89 2.60 -29.47
C LEU O 34 -8.20 1.28 -29.14
N SER O 35 -7.41 0.78 -30.07
CA SER O 35 -6.66 -0.45 -29.81
C SER O 35 -5.20 -0.03 -29.75
N LEU O 36 -4.66 0.06 -28.54
CA LEU O 36 -3.29 0.55 -28.38
C LEU O 36 -2.28 -0.54 -28.67
N ARG O 37 -1.22 -0.18 -29.40
CA ARG O 37 -0.23 -1.14 -29.84
C ARG O 37 1.12 -0.90 -29.18
N THR O 38 1.79 0.20 -29.47
CA THR O 38 3.10 0.40 -28.87
C THR O 38 3.16 1.72 -28.12
N VAL O 39 3.98 1.70 -27.08
CA VAL O 39 4.44 2.88 -26.37
C VAL O 39 5.95 2.97 -26.56
N SER O 40 6.43 4.09 -27.08
CA SER O 40 7.87 4.23 -27.32
C SER O 40 8.34 5.63 -27.00
N LEU O 41 9.59 5.71 -26.53
CA LEU O 41 10.21 6.99 -26.19
C LEU O 41 10.70 7.70 -27.44
N GLY O 42 10.47 9.00 -27.50
CA GLY O 42 10.98 9.79 -28.61
C GLY O 42 12.47 10.03 -28.49
N ALA O 43 13.04 10.49 -29.61
CA ALA O 43 14.49 10.68 -29.70
C ALA O 43 14.99 11.68 -28.67
N GLY O 44 14.20 12.72 -28.38
CA GLY O 44 14.61 13.74 -27.44
C GLY O 44 14.31 13.47 -25.98
N ALA O 45 13.76 12.32 -25.64
CA ALA O 45 13.49 12.01 -24.25
C ALA O 45 14.79 11.82 -23.46
N LYS O 46 14.75 12.23 -22.19
CA LYS O 46 15.82 11.99 -21.23
C LYS O 46 15.74 10.55 -20.72
N ASP O 47 16.79 10.12 -20.03
CA ASP O 47 16.89 8.74 -19.54
C ASP O 47 16.31 8.61 -18.15
N GLU O 48 15.14 9.19 -17.96
CA GLU O 48 14.40 9.12 -16.72
C GLU O 48 13.31 8.07 -16.85
N LEU O 49 12.76 7.67 -15.71
CA LEU O 49 11.59 6.81 -15.69
C LEU O 49 10.38 7.54 -16.29
N HIS O 50 9.76 6.93 -17.28
CA HIS O 50 8.51 7.43 -17.82
C HIS O 50 7.42 6.41 -17.53
N ILE O 51 6.29 6.89 -17.00
CA ILE O 51 5.13 6.04 -16.72
C ILE O 51 3.94 6.63 -17.45
N VAL O 52 3.30 5.84 -18.29
CA VAL O 52 2.16 6.26 -19.09
C VAL O 52 0.89 5.78 -18.37
N GLU O 53 -0.09 6.67 -18.24
CA GLU O 53 -1.32 6.38 -17.51
C GLU O 53 -2.51 6.58 -18.43
N ALA O 54 -3.55 5.76 -18.22
CA ALA O 54 -4.81 5.84 -18.96
C ALA O 54 -5.95 6.02 -17.99
N GLU O 55 -6.95 6.79 -18.39
CA GLU O 55 -8.12 6.99 -17.55
C GLU O 55 -9.37 6.80 -18.39
N ALA O 56 -10.26 5.92 -17.92
CA ALA O 56 -11.54 5.64 -18.57
C ALA O 56 -12.46 5.01 -17.53
N MET O 57 -13.72 4.80 -17.92
CA MET O 57 -14.68 4.26 -16.97
C MET O 57 -14.42 2.79 -16.67
N ASN O 58 -14.59 2.43 -15.40
CA ASN O 58 -14.53 1.02 -15.03
C ASN O 58 -15.95 0.43 -15.13
N TYR O 59 -16.08 -0.86 -14.84
CA TYR O 59 -17.38 -1.52 -14.95
C TYR O 59 -18.43 -0.88 -14.06
N GLU O 60 -18.04 -0.42 -12.87
CA GLU O 60 -18.99 0.06 -11.87
C GLU O 60 -19.40 1.50 -12.09
N GLY O 61 -18.83 2.20 -13.07
CA GLY O 61 -19.34 3.49 -13.48
C GLY O 61 -18.46 4.69 -13.14
N SER O 62 -17.37 4.51 -12.41
CA SER O 62 -16.54 5.66 -12.13
C SER O 62 -15.22 5.58 -12.91
N PRO O 63 -14.61 6.72 -13.26
CA PRO O 63 -13.33 6.66 -13.99
C PRO O 63 -12.19 6.26 -13.08
N ILE O 64 -11.29 5.45 -13.63
CA ILE O 64 -10.12 4.99 -12.90
C ILE O 64 -8.87 5.28 -13.74
N LYS O 65 -7.80 5.64 -13.06
CA LYS O 65 -6.50 5.79 -13.69
C LYS O 65 -5.80 4.44 -13.63
N VAL O 66 -5.20 4.02 -14.74
CA VAL O 66 -4.53 2.74 -14.87
C VAL O 66 -3.18 2.97 -15.55
N THR O 67 -2.14 2.29 -15.07
CA THR O 67 -0.82 2.39 -15.70
C THR O 67 -0.69 1.42 -16.88
N LEU O 68 -0.37 1.96 -18.05
CA LEU O 68 -0.13 1.14 -19.23
C LEU O 68 1.31 0.63 -19.29
N ALA O 69 2.29 1.48 -18.98
CA ALA O 69 3.66 1.10 -19.25
C ALA O 69 4.65 1.94 -18.46
N THR O 70 5.74 1.30 -18.06
CA THR O 70 6.88 1.96 -17.45
C THR O 70 8.05 1.80 -18.42
N LEU O 71 8.63 2.92 -18.84
CA LEU O 71 9.67 2.95 -19.86
C LEU O 71 10.90 3.71 -19.39
N LYS O 72 12.06 3.30 -19.90
CA LYS O 72 13.32 3.98 -19.65
C LYS O 72 14.24 3.74 -20.84
N MET O 73 14.86 4.83 -21.35
CA MET O 73 15.55 4.78 -22.64
C MET O 73 16.64 3.71 -22.68
N SER O 74 17.44 3.60 -21.61
CA SER O 74 18.57 2.70 -21.54
C SER O 74 18.22 1.27 -21.09
N VAL O 75 16.94 0.98 -20.85
CA VAL O 75 16.52 -0.34 -20.40
C VAL O 75 15.53 -0.96 -21.37
N GLN O 76 14.47 -0.23 -21.69
CA GLN O 76 13.33 -0.67 -22.47
C GLN O 76 12.69 0.58 -23.08
N PRO O 77 13.14 1.01 -24.26
CA PRO O 77 12.57 2.21 -24.87
C PRO O 77 11.19 2.00 -25.48
N THR O 78 10.77 0.76 -25.74
CA THR O 78 9.50 0.46 -26.37
C THR O 78 8.81 -0.68 -25.63
N VAL O 79 7.50 -0.55 -25.43
CA VAL O 79 6.65 -1.62 -24.90
C VAL O 79 5.55 -1.88 -25.90
N SER O 80 5.30 -3.15 -26.19
CA SER O 80 4.23 -3.52 -27.11
C SER O 80 3.06 -4.09 -26.31
N LEU O 81 1.87 -3.50 -26.49
CA LEU O 81 0.67 -3.86 -25.73
C LEU O 81 -0.23 -4.89 -26.40
N GLY O 82 -0.01 -5.16 -27.69
CA GLY O 82 -0.73 -6.22 -28.38
C GLY O 82 -2.18 -5.94 -28.70
N GLY O 83 -2.56 -4.66 -28.81
CA GLY O 83 -3.95 -4.36 -29.13
C GLY O 83 -4.78 -4.28 -27.86
N PHE O 84 -4.38 -3.38 -26.96
CA PHE O 84 -5.10 -3.11 -25.73
C PHE O 84 -6.28 -2.20 -26.04
N GLU O 85 -7.48 -2.74 -26.08
CA GLU O 85 -8.63 -1.92 -26.45
C GLU O 85 -9.33 -1.23 -25.28
N ILE O 86 -9.67 0.03 -25.52
CA ILE O 86 -10.32 0.92 -24.58
C ILE O 86 -11.43 1.66 -25.29
N THR O 87 -12.61 1.71 -24.66
CA THR O 87 -13.73 2.49 -25.18
C THR O 87 -13.62 3.93 -24.70
N PRO O 88 -13.66 4.92 -25.61
CA PRO O 88 -13.69 6.32 -25.18
C PRO O 88 -14.95 6.64 -24.39
N PRO O 89 -14.93 7.72 -23.57
CA PRO O 89 -13.79 8.64 -23.43
C PRO O 89 -12.59 8.05 -22.71
N VAL O 90 -11.40 8.38 -23.19
CA VAL O 90 -10.15 7.92 -22.59
C VAL O 90 -9.15 9.07 -22.62
N VAL O 91 -8.42 9.26 -21.52
CA VAL O 91 -7.32 10.21 -21.45
C VAL O 91 -6.03 9.43 -21.25
N LEU O 92 -5.00 9.78 -22.02
CA LEU O 92 -3.66 9.24 -21.84
C LEU O 92 -2.74 10.36 -21.39
N ARG O 93 -1.89 10.06 -20.40
CA ARG O 93 -0.99 11.08 -19.87
C ARG O 93 0.25 10.43 -19.28
N LEU O 94 1.27 11.26 -19.09
CA LEU O 94 2.50 10.89 -18.40
C LEU O 94 2.30 11.08 -16.91
N LYS O 95 2.34 9.97 -16.14
CA LYS O 95 2.30 10.08 -14.69
C LYS O 95 3.64 10.54 -14.12
N CYS O 96 4.73 10.27 -14.83
CA CYS O 96 6.00 10.91 -14.53
C CYS O 96 6.89 10.76 -15.75
N GLY O 97 7.98 11.53 -15.77
CA GLY O 97 8.79 11.71 -16.96
C GLY O 97 8.28 12.84 -17.83
N SER O 98 9.21 13.43 -18.59
CA SER O 98 8.88 14.61 -19.40
C SER O 98 8.57 14.29 -20.86
N GLY O 99 8.93 13.10 -21.34
CA GLY O 99 8.69 12.76 -22.72
C GLY O 99 9.66 13.46 -23.66
N PRO O 100 9.35 13.46 -24.96
CA PRO O 100 8.13 12.91 -25.58
C PRO O 100 8.03 11.39 -25.57
N VAL O 101 6.79 10.92 -25.41
CA VAL O 101 6.44 9.52 -25.48
C VAL O 101 5.43 9.36 -26.60
N HIS O 102 5.64 8.39 -27.48
CA HIS O 102 4.71 8.15 -28.57
C HIS O 102 3.85 6.93 -28.27
N ILE O 103 2.58 7.03 -28.66
CA ILE O 103 1.62 5.95 -28.57
C ILE O 103 1.05 5.74 -29.96
N SER O 104 0.95 4.50 -30.36
CA SER O 104 0.37 4.15 -31.65
C SER O 104 -0.63 3.03 -31.43
N GLY O 105 -1.58 2.96 -32.35
CA GLY O 105 -2.56 1.89 -32.28
C GLY O 105 -3.57 2.05 -33.38
N GLN O 106 -4.72 1.43 -33.20
CA GLN O 106 -5.76 1.43 -34.20
C GLN O 106 -6.97 2.12 -33.63
N HIS O 107 -7.63 2.89 -34.50
CA HIS O 107 -8.93 3.47 -34.22
C HIS O 107 -9.96 2.65 -34.99
N LEU O 108 -10.79 1.92 -34.26
CA LEU O 108 -11.78 1.05 -34.86
C LEU O 108 -13.16 1.68 -34.80
N VAL O 109 -13.89 1.59 -35.91
CA VAL O 109 -15.24 2.14 -35.98
C VAL O 109 -16.15 1.05 -36.51
N ALA O 110 -17.22 0.79 -35.79
CA ALA O 110 -18.20 -0.21 -36.17
C ALA O 110 -19.44 0.50 -36.69
N VAL O 111 -20.00 -0.01 -37.78
CA VAL O 111 -21.26 0.51 -38.27
C VAL O 111 -22.19 -0.67 -38.49
N PRO P 6 -56.88 -15.34 -0.56
CA PRO P 6 -55.59 -15.23 -1.26
C PRO P 6 -54.62 -16.34 -0.85
N GLN P 7 -54.26 -17.25 -1.77
CA GLN P 7 -53.21 -18.20 -1.47
C GLN P 7 -51.84 -17.50 -1.52
N ASN P 8 -50.95 -17.89 -0.62
CA ASN P 8 -49.71 -17.14 -0.41
C ASN P 8 -48.50 -18.05 -0.51
N TYR P 9 -47.51 -17.62 -1.27
CA TYR P 9 -46.25 -18.33 -1.46
C TYR P 9 -45.09 -17.45 -1.00
N LEU P 10 -43.99 -18.11 -0.62
CA LEU P 10 -42.79 -17.37 -0.24
C LEU P 10 -42.21 -16.63 -1.44
N PHE P 11 -41.75 -15.41 -1.18
CA PHE P 11 -41.06 -14.61 -2.18
C PHE P 11 -39.75 -14.08 -1.60
N GLY P 12 -38.73 -14.01 -2.45
CA GLY P 12 -37.47 -13.39 -2.03
C GLY P 12 -36.58 -13.06 -3.21
N CYS P 13 -35.67 -12.13 -2.99
CA CYS P 13 -34.66 -11.85 -3.99
C CYS P 13 -33.46 -11.20 -3.33
N GLU P 14 -32.36 -11.15 -4.10
CA GLU P 14 -31.11 -10.54 -3.67
C GLU P 14 -30.76 -9.45 -4.67
N LEU P 15 -30.43 -8.28 -4.16
CA LEU P 15 -30.09 -7.12 -4.98
C LEU P 15 -28.62 -6.80 -4.77
N LYS P 16 -27.93 -6.46 -5.87
CA LYS P 16 -26.58 -5.94 -5.83
C LYS P 16 -26.53 -4.69 -6.69
N ALA P 17 -25.39 -3.98 -6.63
CA ALA P 17 -25.28 -2.74 -7.37
C ALA P 17 -25.63 -2.92 -8.84
N ASP P 18 -25.28 -4.08 -9.42
CA ASP P 18 -25.59 -4.38 -10.81
C ASP P 18 -26.52 -5.58 -10.92
N LYS P 19 -27.53 -5.64 -10.05
CA LYS P 19 -28.41 -6.80 -10.03
C LYS P 19 -29.73 -6.34 -9.42
N ASP P 20 -30.69 -6.01 -10.28
CA ASP P 20 -32.01 -5.65 -9.82
C ASP P 20 -32.90 -6.90 -9.90
N TYR P 21 -34.20 -6.73 -9.73
CA TYR P 21 -35.13 -7.85 -9.79
C TYR P 21 -36.41 -7.33 -10.43
N HIS P 22 -36.95 -8.05 -11.41
CA HIS P 22 -38.19 -7.66 -12.09
C HIS P 22 -39.26 -8.69 -11.75
N PHE P 23 -40.26 -8.29 -10.97
CA PHE P 23 -41.39 -9.15 -10.62
C PHE P 23 -42.43 -8.98 -11.73
N LYS P 24 -42.74 -10.07 -12.42
CA LYS P 24 -43.35 -9.94 -13.73
C LYS P 24 -44.74 -10.55 -13.81
N VAL P 25 -45.60 -9.83 -14.54
CA VAL P 25 -46.83 -10.24 -15.21
C VAL P 25 -47.36 -11.65 -14.90
N ASP P 26 -47.06 -12.62 -15.78
CA ASP P 26 -47.69 -13.94 -15.90
C ASP P 26 -49.04 -13.84 -16.59
N ASN P 27 -49.23 -14.58 -17.68
CA ASN P 27 -50.50 -14.56 -18.40
C ASN P 27 -51.44 -15.67 -17.94
N ASP P 28 -51.46 -15.97 -16.64
CA ASP P 28 -52.72 -16.31 -16.02
C ASP P 28 -53.45 -14.98 -15.80
N GLU P 29 -54.67 -15.01 -15.28
CA GLU P 29 -55.26 -13.75 -14.87
C GLU P 29 -56.08 -13.91 -13.60
N ASN P 30 -55.53 -14.64 -12.62
CA ASN P 30 -55.77 -14.33 -11.22
C ASN P 30 -55.17 -12.96 -10.93
N GLU P 31 -55.42 -12.45 -9.72
CA GLU P 31 -54.88 -11.16 -9.31
C GLU P 31 -53.66 -11.40 -8.42
N HIS P 32 -52.50 -10.92 -8.86
CA HIS P 32 -51.26 -11.12 -8.12
C HIS P 32 -50.88 -9.88 -7.33
N GLN P 33 -50.34 -10.09 -6.13
CA GLN P 33 -49.73 -9.01 -5.39
C GLN P 33 -48.44 -9.49 -4.77
N LEU P 34 -47.46 -8.61 -4.76
CA LEU P 34 -46.21 -8.80 -4.04
C LEU P 34 -46.36 -8.08 -2.70
N SER P 35 -46.20 -8.81 -1.61
CA SER P 35 -46.30 -8.22 -0.27
C SER P 35 -44.92 -8.26 0.37
N LEU P 36 -44.26 -7.10 0.42
CA LEU P 36 -42.88 -7.07 0.90
C LEU P 36 -42.80 -7.06 2.43
N ARG P 37 -41.88 -7.86 2.97
CA ARG P 37 -41.81 -8.02 4.42
C ARG P 37 -40.50 -7.43 4.99
N THR P 38 -39.34 -7.96 4.62
CA THR P 38 -38.12 -7.45 5.20
C THR P 38 -37.10 -7.12 4.12
N VAL P 39 -36.28 -6.14 4.45
CA VAL P 39 -35.09 -5.79 3.70
C VAL P 39 -33.93 -5.97 4.65
N SER P 40 -32.93 -6.74 4.23
CA SER P 40 -31.83 -7.04 5.13
C SER P 40 -30.51 -6.99 4.39
N LEU P 41 -29.49 -6.51 5.10
CA LEU P 41 -28.14 -6.50 4.56
C LEU P 41 -27.55 -7.90 4.68
N GLY P 42 -26.95 -8.36 3.59
CA GLY P 42 -26.27 -9.63 3.58
C GLY P 42 -24.91 -9.58 4.25
N ALA P 43 -24.37 -10.77 4.51
CA ALA P 43 -23.12 -10.89 5.27
C ALA P 43 -21.96 -10.18 4.58
N GLY P 44 -21.91 -10.19 3.27
CA GLY P 44 -20.73 -9.57 2.70
C GLY P 44 -20.82 -8.08 2.47
N ALA P 45 -21.94 -7.46 2.84
CA ALA P 45 -22.17 -6.06 2.55
C ALA P 45 -21.19 -5.17 3.31
N LYS P 46 -20.67 -4.14 2.64
CA LYS P 46 -19.85 -3.14 3.29
C LYS P 46 -20.70 -2.28 4.24
N ASP P 47 -20.02 -1.42 5.00
CA ASP P 47 -20.75 -0.56 5.92
C ASP P 47 -21.05 0.78 5.29
N GLU P 48 -21.51 0.77 4.04
CA GLU P 48 -21.93 1.99 3.37
C GLU P 48 -23.46 2.08 3.43
N LEU P 49 -23.97 3.25 3.12
CA LEU P 49 -25.41 3.43 3.02
C LEU P 49 -25.96 2.62 1.85
N HIS P 50 -26.99 1.85 2.11
CA HIS P 50 -27.73 1.16 1.06
C HIS P 50 -29.11 1.76 0.97
N ILE P 51 -29.53 2.09 -0.25
CA ILE P 51 -30.87 2.61 -0.48
C ILE P 51 -31.54 1.69 -1.49
N VAL P 52 -32.67 1.12 -1.10
CA VAL P 52 -33.41 0.20 -1.96
C VAL P 52 -34.62 0.94 -2.51
N GLU P 53 -34.84 0.82 -3.80
CA GLU P 53 -35.97 1.51 -4.40
C GLU P 53 -36.80 0.53 -5.21
N ALA P 54 -38.08 0.85 -5.31
CA ALA P 54 -39.02 0.09 -6.12
C ALA P 54 -39.63 1.02 -7.14
N GLU P 55 -39.87 0.50 -8.34
CA GLU P 55 -40.54 1.27 -9.37
C GLU P 55 -41.72 0.48 -9.93
N ALA P 56 -42.87 1.12 -9.96
CA ALA P 56 -44.10 0.52 -10.47
C ALA P 56 -45.00 1.64 -10.92
N MET P 57 -46.18 1.28 -11.41
CA MET P 57 -47.11 2.28 -11.91
C MET P 57 -47.73 3.05 -10.76
N ASN P 58 -47.94 4.35 -10.97
CA ASN P 58 -48.76 5.13 -10.06
C ASN P 58 -50.19 5.17 -10.58
N TYR P 59 -51.08 5.71 -9.76
CA TYR P 59 -52.51 5.76 -10.10
C TYR P 59 -52.75 6.52 -11.40
N GLU P 60 -51.86 7.44 -11.75
CA GLU P 60 -52.06 8.28 -12.92
C GLU P 60 -51.50 7.64 -14.19
N GLY P 61 -51.02 6.39 -14.11
CA GLY P 61 -50.53 5.71 -15.29
C GLY P 61 -49.05 5.83 -15.52
N SER P 62 -48.33 6.59 -14.71
CA SER P 62 -46.92 6.78 -15.00
C SER P 62 -46.03 5.96 -14.08
N PRO P 63 -44.83 5.59 -14.54
CA PRO P 63 -43.89 4.88 -13.66
C PRO P 63 -43.24 5.84 -12.66
N ILE P 64 -43.13 5.40 -11.42
CA ILE P 64 -42.49 6.21 -10.39
C ILE P 64 -41.50 5.34 -9.62
N LYS P 65 -40.40 5.95 -9.20
CA LYS P 65 -39.41 5.31 -8.34
C LYS P 65 -39.67 5.73 -6.90
N VAL P 66 -39.65 4.76 -5.99
CA VAL P 66 -39.90 5.02 -4.59
C VAL P 66 -38.83 4.32 -3.75
N THR P 67 -38.34 5.02 -2.75
CA THR P 67 -37.39 4.46 -1.80
C THR P 67 -38.13 3.66 -0.73
N LEU P 68 -37.81 2.35 -0.63
CA LEU P 68 -38.39 1.48 0.39
C LEU P 68 -37.67 1.57 1.73
N ALA P 69 -36.34 1.58 1.72
CA ALA P 69 -35.59 1.52 2.96
C ALA P 69 -34.19 2.09 2.74
N THR P 70 -33.66 2.69 3.80
CA THR P 70 -32.29 3.12 3.92
C THR P 70 -31.63 2.29 5.01
N LEU P 71 -30.54 1.59 4.65
CA LEU P 71 -29.88 0.62 5.52
C LEU P 71 -28.40 0.92 5.64
N LYS P 72 -27.84 0.57 6.80
CA LYS P 72 -26.41 0.63 7.04
C LYS P 72 -26.09 -0.42 8.08
N MET P 73 -25.07 -1.24 7.81
CA MET P 73 -24.84 -2.44 8.59
C MET P 73 -24.62 -2.14 10.07
N SER P 74 -23.88 -1.08 10.41
CA SER P 74 -23.58 -0.76 11.80
C SER P 74 -24.64 0.09 12.48
N VAL P 75 -25.75 0.42 11.83
CA VAL P 75 -26.78 1.24 12.43
C VAL P 75 -28.15 0.54 12.46
N GLN P 76 -28.55 0.01 11.32
CA GLN P 76 -29.86 -0.62 11.10
C GLN P 76 -29.72 -1.60 9.94
N PRO P 77 -29.37 -2.87 10.22
CA PRO P 77 -29.17 -3.84 9.13
C PRO P 77 -30.47 -4.38 8.55
N THR P 78 -31.60 -4.27 9.28
CA THR P 78 -32.87 -4.83 8.84
C THR P 78 -33.97 -3.79 9.00
N VAL P 79 -34.84 -3.70 8.00
CA VAL P 79 -36.06 -2.92 8.07
C VAL P 79 -37.22 -3.87 7.80
N SER P 80 -38.23 -3.82 8.63
CA SER P 80 -39.45 -4.61 8.41
C SER P 80 -40.52 -3.66 7.91
N LEU P 81 -41.13 -4.03 6.78
CA LEU P 81 -42.12 -3.19 6.09
C LEU P 81 -43.55 -3.57 6.45
N GLY P 82 -43.75 -4.70 7.10
CA GLY P 82 -45.06 -5.07 7.60
C GLY P 82 -46.09 -5.42 6.54
N GLY P 83 -45.65 -5.87 5.36
CA GLY P 83 -46.59 -6.22 4.32
C GLY P 83 -46.94 -5.08 3.39
N PHE P 84 -45.91 -4.52 2.76
CA PHE P 84 -46.05 -3.47 1.76
C PHE P 84 -46.47 -4.13 0.45
N GLU P 85 -47.73 -3.97 0.09
CA GLU P 85 -48.32 -4.69 -1.03
C GLU P 85 -48.17 -3.88 -2.31
N ILE P 86 -47.65 -4.53 -3.37
CA ILE P 86 -47.40 -3.86 -4.64
C ILE P 86 -47.94 -4.73 -5.78
N THR P 87 -48.62 -4.08 -6.72
CA THR P 87 -49.15 -4.74 -7.91
C THR P 87 -48.07 -4.82 -8.98
N PRO P 88 -47.83 -6.00 -9.56
CA PRO P 88 -46.88 -6.15 -10.67
C PRO P 88 -47.38 -5.42 -11.92
N PRO P 89 -46.47 -5.05 -12.82
CA PRO P 89 -45.01 -5.23 -12.78
C PRO P 89 -44.31 -4.27 -11.80
N VAL P 90 -43.27 -4.74 -11.15
CA VAL P 90 -42.48 -3.93 -10.23
C VAL P 90 -41.01 -4.30 -10.41
N VAL P 91 -40.14 -3.28 -10.39
CA VAL P 91 -38.71 -3.48 -10.41
C VAL P 91 -38.17 -3.08 -9.04
N LEU P 92 -37.30 -3.91 -8.48
CA LEU P 92 -36.62 -3.59 -7.23
C LEU P 92 -35.13 -3.43 -7.51
N ARG P 93 -34.52 -2.37 -6.97
CA ARG P 93 -33.11 -2.15 -7.25
C ARG P 93 -32.48 -1.38 -6.11
N LEU P 94 -31.15 -1.43 -6.09
CA LEU P 94 -30.33 -0.63 -5.19
C LEU P 94 -30.08 0.72 -5.85
N LYS P 95 -30.57 1.79 -5.20
CA LYS P 95 -30.29 3.13 -5.68
C LYS P 95 -28.85 3.54 -5.33
N CYS P 96 -28.32 2.99 -4.24
CA CYS P 96 -26.90 3.13 -3.94
C CYS P 96 -26.51 2.09 -2.90
N GLY P 97 -25.20 1.89 -2.76
CA GLY P 97 -24.64 0.74 -2.06
C GLY P 97 -24.41 -0.43 -3.00
N SER P 98 -23.46 -1.29 -2.64
CA SER P 98 -23.13 -2.42 -3.51
C SER P 98 -23.88 -3.72 -3.18
N GLY P 99 -24.49 -3.81 -2.00
CA GLY P 99 -25.14 -5.03 -1.57
C GLY P 99 -24.15 -6.09 -1.08
N PRO P 100 -24.60 -7.34 -0.91
CA PRO P 100 -25.96 -7.86 -1.17
C PRO P 100 -27.01 -7.33 -0.20
N VAL P 101 -28.20 -7.04 -0.71
CA VAL P 101 -29.37 -6.68 0.09
C VAL P 101 -30.46 -7.68 -0.21
N HIS P 102 -31.05 -8.27 0.83
CA HIS P 102 -32.10 -9.26 0.63
C HIS P 102 -33.47 -8.67 0.92
N ILE P 103 -34.43 -9.09 0.11
CA ILE P 103 -35.83 -8.70 0.23
C ILE P 103 -36.63 -9.97 0.42
N SER P 104 -37.55 -9.95 1.37
CA SER P 104 -38.38 -11.11 1.63
C SER P 104 -39.83 -10.68 1.61
N GLY P 105 -40.70 -11.61 1.28
CA GLY P 105 -42.11 -11.31 1.32
C GLY P 105 -42.92 -12.51 0.86
N GLN P 106 -44.15 -12.21 0.52
CA GLN P 106 -45.06 -13.25 0.04
C GLN P 106 -45.53 -12.87 -1.34
N HIS P 107 -45.69 -13.87 -2.17
CA HIS P 107 -46.33 -13.73 -3.46
C HIS P 107 -47.77 -14.22 -3.28
N LEU P 108 -48.72 -13.30 -3.37
CA LEU P 108 -50.12 -13.59 -3.13
C LEU P 108 -50.89 -13.67 -4.43
N VAL P 109 -51.79 -14.64 -4.51
CA VAL P 109 -52.59 -14.88 -5.68
C VAL P 109 -54.05 -14.91 -5.25
N ALA P 110 -54.85 -14.16 -5.97
CA ALA P 110 -56.25 -13.98 -5.68
C ALA P 110 -57.03 -14.84 -6.64
N VAL P 111 -57.78 -15.79 -6.10
CA VAL P 111 -58.52 -16.75 -6.90
C VAL P 111 -59.70 -16.09 -7.62
N PRO Q 6 -59.21 -1.17 -2.50
CA PRO Q 6 -58.79 -2.47 -3.04
C PRO Q 6 -57.78 -2.28 -4.14
N GLN Q 7 -58.05 -1.31 -4.99
CA GLN Q 7 -57.14 -0.97 -6.07
C GLN Q 7 -55.95 -0.25 -5.47
N ASN Q 8 -54.75 -0.74 -5.75
CA ASN Q 8 -53.56 -0.33 -5.01
C ASN Q 8 -52.47 0.13 -5.98
N TYR Q 9 -52.03 1.38 -5.85
CA TYR Q 9 -51.00 1.93 -6.70
C TYR Q 9 -49.82 2.39 -5.87
N LEU Q 10 -48.63 2.29 -6.45
CA LEU Q 10 -47.45 2.73 -5.74
C LEU Q 10 -47.43 4.25 -5.60
N PHE Q 11 -47.04 4.71 -4.43
CA PHE Q 11 -46.92 6.14 -4.13
C PHE Q 11 -45.56 6.43 -3.52
N GLY Q 12 -44.99 7.58 -3.89
CA GLY Q 12 -43.78 8.03 -3.24
C GLY Q 12 -43.58 9.50 -3.51
N CYS Q 13 -42.78 10.13 -2.64
CA CYS Q 13 -42.41 11.51 -2.85
C CYS Q 13 -41.11 11.76 -2.11
N GLU Q 14 -40.51 12.91 -2.39
CA GLU Q 14 -39.29 13.31 -1.73
C GLU Q 14 -39.50 14.68 -1.11
N LEU Q 15 -39.09 14.82 0.15
CA LEU Q 15 -39.25 16.07 0.86
C LEU Q 15 -37.89 16.68 1.11
N LYS Q 16 -37.83 18.00 0.95
CA LYS Q 16 -36.68 18.80 1.37
C LYS Q 16 -37.23 19.99 2.14
N ALA Q 17 -36.33 20.73 2.78
CA ALA Q 17 -36.71 21.96 3.48
C ALA Q 17 -37.36 22.98 2.55
N ASP Q 18 -37.15 22.86 1.24
CA ASP Q 18 -37.72 23.80 0.27
C ASP Q 18 -38.66 23.11 -0.71
N LYS Q 19 -39.15 21.92 -0.38
CA LYS Q 19 -40.04 21.21 -1.28
C LYS Q 19 -40.89 20.28 -0.44
N ASP Q 20 -42.16 20.60 -0.30
CA ASP Q 20 -43.09 19.72 0.39
C ASP Q 20 -43.89 18.92 -0.64
N TYR Q 21 -44.84 18.16 -0.17
CA TYR Q 21 -45.70 17.42 -1.07
C TYR Q 21 -47.16 17.63 -0.67
N HIS Q 22 -48.01 17.85 -1.66
CA HIS Q 22 -49.43 18.02 -1.47
C HIS Q 22 -50.13 16.85 -2.14
N PHE Q 23 -50.86 16.06 -1.35
CA PHE Q 23 -51.63 14.96 -1.91
C PHE Q 23 -53.09 15.41 -2.04
N LYS Q 24 -53.61 15.40 -3.27
CA LYS Q 24 -54.95 15.88 -3.63
C LYS Q 24 -55.27 15.01 -4.85
N VAL Q 25 -56.48 14.52 -5.14
CA VAL Q 25 -57.80 14.36 -4.49
C VAL Q 25 -58.77 14.77 -5.61
N ASP Q 26 -58.27 14.86 -6.84
CA ASP Q 26 -59.01 15.45 -7.94
C ASP Q 26 -60.43 14.90 -8.02
N ASN Q 27 -61.37 15.76 -8.42
CA ASN Q 27 -62.81 15.65 -8.30
C ASN Q 27 -63.46 14.27 -8.51
N ASP Q 28 -62.74 13.19 -8.23
CA ASP Q 28 -63.18 11.85 -8.61
C ASP Q 28 -64.45 11.44 -7.88
N GLU Q 29 -65.09 10.40 -8.43
CA GLU Q 29 -66.20 9.74 -7.76
C GLU Q 29 -65.70 8.72 -6.73
N ASN Q 30 -64.48 8.22 -6.92
CA ASN Q 30 -63.93 7.18 -6.08
C ASN Q 30 -63.48 7.75 -4.74
N GLU Q 31 -63.35 6.85 -3.76
CA GLU Q 31 -62.73 7.18 -2.48
C GLU Q 31 -61.25 6.87 -2.57
N HIS Q 32 -60.42 7.82 -2.17
CA HIS Q 32 -58.97 7.67 -2.23
C HIS Q 32 -58.40 7.70 -0.83
N GLN Q 33 -57.39 6.87 -0.59
CA GLN Q 33 -56.68 6.92 0.68
C GLN Q 33 -55.20 6.84 0.39
N LEU Q 34 -54.42 7.60 1.14
CA LEU Q 34 -52.97 7.49 1.10
C LEU Q 34 -52.53 6.65 2.29
N SER Q 35 -51.89 5.52 2.02
CA SER Q 35 -51.44 4.62 3.08
C SER Q 35 -49.92 4.68 3.15
N LEU Q 36 -49.39 5.36 4.16
CA LEU Q 36 -47.95 5.57 4.26
C LEU Q 36 -47.26 4.36 4.88
N ARG Q 37 -46.12 4.00 4.31
CA ARG Q 37 -45.35 2.83 4.71
C ARG Q 37 -44.01 3.17 5.35
N THR Q 38 -43.07 3.76 4.62
CA THR Q 38 -41.75 4.05 5.18
C THR Q 38 -41.38 5.51 4.98
N VAL Q 39 -40.59 6.01 5.92
CA VAL Q 39 -39.93 7.29 5.82
C VAL Q 39 -38.43 6.99 5.89
N SER Q 40 -37.67 7.51 4.92
CA SER Q 40 -36.26 7.16 4.85
C SER Q 40 -35.41 8.35 4.47
N LEU Q 41 -34.21 8.41 5.04
CA LEU Q 41 -33.28 9.45 4.68
C LEU Q 41 -32.62 9.15 3.35
N GLY Q 42 -32.51 10.19 2.50
CA GLY Q 42 -31.81 10.06 1.25
C GLY Q 42 -30.29 10.08 1.43
N ALA Q 43 -29.59 9.70 0.37
CA ALA Q 43 -28.12 9.61 0.44
C ALA Q 43 -27.49 10.95 0.82
N GLY Q 44 -28.07 12.07 0.38
CA GLY Q 44 -27.48 13.36 0.65
C GLY Q 44 -27.87 14.02 1.95
N ALA Q 45 -28.66 13.38 2.80
CA ALA Q 45 -29.04 14.02 4.04
C ALA Q 45 -27.83 14.19 4.95
N LYS Q 46 -27.72 15.38 5.56
CA LYS Q 46 -26.77 15.56 6.65
C LYS Q 46 -27.24 14.81 7.89
N ASP Q 47 -26.37 14.73 8.89
CA ASP Q 47 -26.67 13.97 10.12
C ASP Q 47 -27.33 14.88 11.17
N GLU Q 48 -28.32 15.63 10.71
CA GLU Q 48 -29.18 16.47 11.52
C GLU Q 48 -30.47 15.72 11.83
N LEU Q 49 -31.18 16.22 12.85
CA LEU Q 49 -32.49 15.70 13.17
C LEU Q 49 -33.45 16.04 12.05
N HIS Q 50 -34.18 15.05 11.56
CA HIS Q 50 -35.23 15.30 10.59
C HIS Q 50 -36.56 14.93 11.22
N ILE Q 51 -37.52 15.82 11.12
CA ILE Q 51 -38.84 15.56 11.63
C ILE Q 51 -39.82 15.78 10.49
N VAL Q 52 -40.58 14.74 10.17
CA VAL Q 52 -41.55 14.76 9.08
C VAL Q 52 -42.92 14.95 9.69
N GLU Q 53 -43.70 15.88 9.12
CA GLU Q 53 -45.04 16.13 9.62
C GLU Q 53 -46.08 16.02 8.52
N ALA Q 54 -47.29 15.64 8.90
CA ALA Q 54 -48.42 15.53 7.99
C ALA Q 54 -49.50 16.50 8.43
N GLU Q 55 -50.21 17.04 7.46
CA GLU Q 55 -51.30 17.96 7.76
C GLU Q 55 -52.56 17.53 7.03
N ALA Q 56 -53.64 17.36 7.78
CA ALA Q 56 -54.93 16.96 7.22
C ALA Q 56 -56.01 17.31 8.23
N MET Q 57 -57.27 17.10 7.86
CA MET Q 57 -58.39 17.43 8.73
C MET Q 57 -58.55 16.44 9.87
N ASN Q 58 -58.78 16.97 11.07
CA ASN Q 58 -59.17 16.11 12.19
C ASN Q 58 -60.67 15.86 12.11
N TYR Q 59 -61.17 15.05 13.04
CA TYR Q 59 -62.60 14.74 13.15
C TYR Q 59 -63.46 16.00 13.30
N GLU Q 60 -62.91 17.05 13.92
CA GLU Q 60 -63.70 18.23 14.25
C GLU Q 60 -63.81 19.20 13.07
N GLY Q 61 -63.12 18.94 11.97
CA GLY Q 61 -63.17 19.82 10.82
C GLY Q 61 -62.00 20.78 10.71
N SER Q 62 -61.13 20.82 11.65
CA SER Q 62 -60.05 21.78 11.54
C SER Q 62 -58.75 21.10 11.11
N PRO Q 63 -57.86 21.84 10.44
CA PRO Q 63 -56.56 21.24 10.03
C PRO Q 63 -55.63 21.05 11.22
N ILE Q 64 -54.96 19.90 11.25
CA ILE Q 64 -53.96 19.64 12.28
C ILE Q 64 -52.67 19.13 11.64
N LYS Q 65 -51.56 19.51 12.26
CA LYS Q 65 -50.24 19.05 11.87
C LYS Q 65 -49.82 17.97 12.86
N VAL Q 66 -49.41 16.83 12.35
CA VAL Q 66 -48.98 15.71 13.18
C VAL Q 66 -47.58 15.31 12.76
N THR Q 67 -46.76 14.93 13.74
CA THR Q 67 -45.45 14.39 13.46
C THR Q 67 -45.57 12.92 13.10
N LEU Q 68 -45.07 12.55 11.92
CA LEU Q 68 -45.03 11.15 11.49
C LEU Q 68 -43.80 10.44 12.04
N ALA Q 69 -42.64 11.11 12.01
CA ALA Q 69 -41.39 10.42 12.33
C ALA Q 69 -40.32 11.45 12.66
N THR Q 70 -39.40 11.02 13.53
CA THR Q 70 -38.15 11.71 13.80
C THR Q 70 -37.01 10.80 13.39
N LEU Q 71 -36.15 11.28 12.49
CA LEU Q 71 -35.08 10.46 11.91
C LEU Q 71 -33.74 11.16 12.05
N LYS Q 72 -32.69 10.36 12.12
CA LYS Q 72 -31.31 10.84 12.16
C LYS Q 72 -30.43 9.77 11.55
N MET Q 73 -29.59 10.17 10.61
CA MET Q 73 -28.88 9.23 9.75
C MET Q 73 -28.06 8.24 10.56
N SER Q 74 -27.36 8.70 11.61
CA SER Q 74 -26.49 7.82 12.39
C SER Q 74 -27.21 7.10 13.53
N VAL Q 75 -28.53 7.30 13.70
CA VAL Q 75 -29.29 6.65 14.76
C VAL Q 75 -30.40 5.78 14.19
N GLN Q 76 -31.19 6.35 13.28
CA GLN Q 76 -32.35 5.67 12.73
C GLN Q 76 -32.69 6.27 11.37
N PRO Q 77 -32.12 5.75 10.28
CA PRO Q 77 -32.41 6.33 8.96
C PRO Q 77 -33.78 5.98 8.37
N THR Q 78 -34.43 4.92 8.84
CA THR Q 78 -35.72 4.51 8.28
C THR Q 78 -36.69 4.25 9.41
N VAL Q 79 -37.94 4.69 9.21
CA VAL Q 79 -39.03 4.38 10.11
C VAL Q 79 -40.12 3.74 9.25
N SER Q 80 -40.65 2.61 9.72
CA SER Q 80 -41.74 1.94 9.05
C SER Q 80 -43.02 2.24 9.80
N LEU Q 81 -44.02 2.76 9.09
CA LEU Q 81 -45.28 3.20 9.68
C LEU Q 81 -46.37 2.14 9.63
N GLY Q 82 -46.17 1.07 8.86
CA GLY Q 82 -47.09 -0.06 8.86
C GLY Q 82 -48.42 0.20 8.20
N GLY Q 83 -48.50 1.15 7.27
CA GLY Q 83 -49.75 1.40 6.60
C GLY Q 83 -50.63 2.41 7.32
N PHE Q 84 -50.07 3.60 7.53
CA PHE Q 84 -50.75 4.75 8.14
C PHE Q 84 -51.63 5.38 7.06
N GLU Q 85 -52.93 5.17 7.15
CA GLU Q 85 -53.86 5.60 6.11
C GLU Q 85 -54.39 6.99 6.41
N ILE Q 86 -54.33 7.87 5.42
CA ILE Q 86 -54.76 9.26 5.57
C ILE Q 86 -55.67 9.62 4.41
N THR Q 87 -56.76 10.28 4.72
CA THR Q 87 -57.69 10.73 3.70
C THR Q 87 -57.20 12.06 3.11
N PRO Q 88 -57.06 12.16 1.78
CA PRO Q 88 -56.67 13.43 1.16
C PRO Q 88 -57.75 14.48 1.39
N PRO Q 89 -57.41 15.77 1.33
CA PRO Q 89 -56.07 16.34 1.07
C PRO Q 89 -55.12 16.23 2.25
N VAL Q 90 -53.85 15.99 1.97
CA VAL Q 90 -52.83 15.90 3.00
C VAL Q 90 -51.58 16.61 2.47
N VAL Q 91 -50.93 17.34 3.36
CA VAL Q 91 -49.64 17.95 3.07
C VAL Q 91 -48.59 17.22 3.89
N LEU Q 92 -47.49 16.87 3.24
CA LEU Q 92 -46.32 16.27 3.88
C LEU Q 92 -45.18 17.27 3.80
N ARG Q 93 -44.49 17.47 4.92
CA ARG Q 93 -43.41 18.44 4.93
C ARG Q 93 -42.41 18.08 6.01
N LEU Q 94 -41.21 18.63 5.86
CA LEU Q 94 -40.17 18.54 6.88
C LEU Q 94 -40.39 19.66 7.89
N LYS Q 95 -40.65 19.28 9.14
CA LYS Q 95 -40.76 20.30 10.18
C LYS Q 95 -39.35 20.79 10.57
N CYS Q 96 -38.34 19.94 10.45
CA CYS Q 96 -36.96 20.39 10.53
C CYS Q 96 -36.08 19.33 9.92
N GLY Q 97 -34.84 19.70 9.68
CA GLY Q 97 -33.93 18.98 8.80
C GLY Q 97 -34.07 19.47 7.37
N SER Q 98 -32.97 19.34 6.62
CA SER Q 98 -32.97 19.82 5.24
C SER Q 98 -33.28 18.72 4.22
N GLY Q 99 -33.21 17.46 4.62
CA GLY Q 99 -33.48 16.37 3.69
C GLY Q 99 -32.32 16.09 2.76
N PRO Q 100 -32.60 15.36 1.66
CA PRO Q 100 -33.92 14.79 1.30
C PRO Q 100 -34.42 13.64 2.17
N VAL Q 101 -35.74 13.63 2.31
CA VAL Q 101 -36.45 12.57 3.00
C VAL Q 101 -37.40 11.94 2.00
N HIS Q 102 -37.38 10.63 1.92
CA HIS Q 102 -38.25 9.88 1.02
C HIS Q 102 -39.40 9.26 1.79
N ILE Q 103 -40.57 9.33 1.18
CA ILE Q 103 -41.76 8.73 1.75
C ILE Q 103 -42.30 7.75 0.72
N SER Q 104 -42.70 6.60 1.21
CA SER Q 104 -43.25 5.56 0.35
C SER Q 104 -44.57 5.08 0.95
N GLY Q 105 -45.41 4.57 0.08
CA GLY Q 105 -46.67 4.02 0.53
C GLY Q 105 -47.50 3.56 -0.63
N GLN Q 106 -48.80 3.45 -0.37
CA GLN Q 106 -49.79 3.00 -1.33
C GLN Q 106 -50.83 4.09 -1.55
N HIS Q 107 -51.22 4.24 -2.80
CA HIS Q 107 -52.38 5.06 -3.14
C HIS Q 107 -53.51 4.08 -3.39
N LEU Q 108 -54.50 4.09 -2.49
CA LEU Q 108 -55.60 3.15 -2.57
C LEU Q 108 -56.81 3.83 -3.17
N VAL Q 109 -57.44 3.17 -4.12
CA VAL Q 109 -58.62 3.71 -4.77
C VAL Q 109 -59.72 2.65 -4.69
N ALA Q 110 -60.88 3.06 -4.23
CA ALA Q 110 -62.03 2.20 -4.14
C ALA Q 110 -62.90 2.64 -5.30
N VAL Q 111 -62.83 1.90 -6.40
CA VAL Q 111 -63.58 2.23 -7.60
C VAL Q 111 -65.00 1.71 -7.48
N ARG R 5 -66.72 -0.13 7.46
CA ARG R 5 -66.44 1.14 6.78
C ARG R 5 -66.37 2.31 7.76
N PRO R 6 -65.28 2.40 8.52
CA PRO R 6 -65.10 3.57 9.40
C PRO R 6 -64.48 4.75 8.67
N GLN R 7 -65.11 5.92 8.77
CA GLN R 7 -64.43 7.14 8.38
C GLN R 7 -63.18 7.33 9.23
N ASN R 8 -62.19 7.97 8.64
CA ASN R 8 -60.84 7.98 9.19
C ASN R 8 -60.30 9.40 9.15
N TYR R 9 -59.91 9.91 10.31
CA TYR R 9 -59.39 11.26 10.40
C TYR R 9 -58.03 11.24 11.06
N LEU R 10 -57.21 12.23 10.72
CA LEU R 10 -55.90 12.35 11.33
C LEU R 10 -56.02 12.71 12.80
N PHE R 11 -55.16 12.12 13.60
CA PHE R 11 -55.07 12.45 15.02
C PHE R 11 -53.62 12.74 15.36
N GLY R 12 -53.43 13.69 16.27
CA GLY R 12 -52.10 13.97 16.80
C GLY R 12 -52.18 14.78 18.07
N CYS R 13 -51.13 14.71 18.86
CA CYS R 13 -51.02 15.58 20.02
C CYS R 13 -49.56 15.66 20.41
N GLU R 14 -49.27 16.60 21.31
CA GLU R 14 -47.93 16.84 21.83
C GLU R 14 -47.98 16.72 23.35
N LEU R 15 -47.07 15.95 23.92
CA LEU R 15 -46.98 15.75 25.35
C LEU R 15 -45.73 16.39 25.91
N LYS R 16 -45.89 17.08 27.04
CA LYS R 16 -44.79 17.65 27.79
C LYS R 16 -45.00 17.25 29.23
N ALA R 17 -44.00 17.49 30.08
CA ALA R 17 -44.15 17.12 31.49
C ALA R 17 -45.41 17.74 32.08
N ASP R 18 -45.70 18.98 31.69
CA ASP R 18 -46.84 19.74 32.22
C ASP R 18 -48.18 19.30 31.65
N LYS R 19 -48.22 18.55 30.55
CA LYS R 19 -49.41 18.53 29.72
C LYS R 19 -49.79 17.12 29.29
N ASP R 20 -50.80 16.56 29.98
CA ASP R 20 -51.52 15.36 29.57
C ASP R 20 -52.18 15.59 28.21
N TYR R 21 -52.80 14.56 27.67
CA TYR R 21 -53.78 14.73 26.60
C TYR R 21 -54.99 13.85 26.89
N HIS R 22 -56.18 14.43 26.80
CA HIS R 22 -57.43 13.73 27.15
C HIS R 22 -58.28 13.54 25.90
N PHE R 23 -58.31 12.31 25.41
CA PHE R 23 -59.17 11.95 24.27
C PHE R 23 -60.50 11.53 24.84
N LYS R 24 -61.48 12.43 24.84
CA LYS R 24 -62.75 12.21 25.53
C LYS R 24 -63.83 11.70 24.57
N VAL R 25 -64.70 10.85 25.09
CA VAL R 25 -65.81 10.28 24.32
C VAL R 25 -66.77 11.40 23.95
N ASP R 26 -66.94 11.62 22.64
CA ASP R 26 -67.91 12.61 22.19
C ASP R 26 -69.32 12.14 22.43
N ASN R 27 -70.26 13.07 22.34
CA ASN R 27 -71.67 12.75 22.47
C ASN R 27 -72.08 11.76 21.39
N ASP R 28 -72.53 12.29 20.25
CA ASP R 28 -73.14 11.59 19.11
C ASP R 28 -73.69 10.20 19.41
N GLU R 29 -73.84 9.40 18.36
CA GLU R 29 -74.30 8.03 18.50
C GLU R 29 -73.26 7.06 17.96
N ASN R 30 -72.10 7.58 17.59
CA ASN R 30 -71.11 6.81 16.87
C ASN R 30 -70.09 6.23 17.83
N GLU R 31 -69.57 5.07 17.43
CA GLU R 31 -68.40 4.44 18.00
C GLU R 31 -67.14 5.15 17.51
N HIS R 32 -66.15 5.26 18.39
CA HIS R 32 -64.92 5.95 18.10
C HIS R 32 -63.77 5.07 18.53
N GLN R 33 -62.69 5.11 17.78
CA GLN R 33 -61.47 4.45 18.21
C GLN R 33 -60.32 5.37 17.90
N LEU R 34 -59.37 5.38 18.81
CA LEU R 34 -58.09 6.02 18.61
C LEU R 34 -57.12 4.93 18.18
N SER R 35 -56.54 5.08 17.01
CA SER R 35 -55.56 4.11 16.51
C SER R 35 -54.20 4.77 16.52
N LEU R 36 -53.35 4.46 17.50
CA LEU R 36 -52.05 5.12 17.61
C LEU R 36 -51.04 4.50 16.66
N ARG R 37 -50.28 5.37 16.01
CA ARG R 37 -49.33 4.94 15.01
C ARG R 37 -47.88 5.24 15.41
N THR R 38 -47.50 6.50 15.61
CA THR R 38 -46.11 6.79 15.97
C THR R 38 -46.02 7.62 17.23
N VAL R 39 -44.93 7.39 17.96
CA VAL R 39 -44.47 8.24 19.05
C VAL R 39 -43.08 8.73 18.67
N SER R 40 -42.86 10.05 18.69
CA SER R 40 -41.59 10.63 18.26
C SER R 40 -41.18 11.78 19.16
N LEU R 41 -39.88 11.91 19.36
CA LEU R 41 -39.33 13.03 20.10
C LEU R 41 -39.32 14.28 19.23
N GLY R 42 -39.63 15.40 19.85
CA GLY R 42 -39.52 16.70 19.20
C GLY R 42 -38.09 17.19 19.11
N ALA R 43 -37.91 18.24 18.31
CA ALA R 43 -36.60 18.81 18.06
C ALA R 43 -35.94 19.31 19.34
N GLY R 44 -36.74 19.85 20.26
CA GLY R 44 -36.16 20.39 21.48
C GLY R 44 -36.02 19.44 22.65
N ALA R 45 -36.37 18.16 22.51
CA ALA R 45 -36.28 17.23 23.62
C ALA R 45 -34.82 16.95 23.97
N LYS R 46 -34.51 16.97 25.27
CA LYS R 46 -33.18 16.62 25.75
C LYS R 46 -32.95 15.10 25.62
N ASP R 47 -31.70 14.66 25.77
CA ASP R 47 -31.34 13.26 25.53
C ASP R 47 -31.55 12.39 26.77
N GLU R 48 -32.67 12.56 27.44
CA GLU R 48 -33.02 11.75 28.60
C GLU R 48 -34.05 10.69 28.19
N LEU R 49 -34.24 9.71 29.07
CA LEU R 49 -35.29 8.71 28.85
C LEU R 49 -36.68 9.35 28.89
N HIS R 50 -37.50 9.06 27.87
CA HIS R 50 -38.89 9.49 27.81
C HIS R 50 -39.78 8.26 27.82
N ILE R 51 -40.81 8.26 28.67
CA ILE R 51 -41.76 7.15 28.75
C ILE R 51 -43.16 7.69 28.57
N VAL R 52 -43.88 7.16 27.58
CA VAL R 52 -45.22 7.59 27.25
C VAL R 52 -46.19 6.54 27.76
N GLU R 53 -47.23 6.98 28.47
CA GLU R 53 -48.18 6.02 29.01
C GLU R 53 -49.59 6.41 28.60
N ALA R 54 -50.45 5.41 28.48
CA ALA R 54 -51.84 5.60 28.15
C ALA R 54 -52.69 5.04 29.28
N GLU R 55 -53.80 5.69 29.59
CA GLU R 55 -54.67 5.18 30.64
C GLU R 55 -56.09 5.10 30.11
N ALA R 56 -56.70 3.93 30.27
CA ALA R 56 -58.05 3.67 29.81
C ALA R 56 -58.59 2.46 30.58
N MET R 57 -59.84 2.11 30.29
CA MET R 57 -60.51 1.01 30.99
C MET R 57 -59.92 -0.34 30.58
N ASN R 58 -59.73 -1.24 31.55
CA ASN R 58 -59.47 -2.63 31.19
C ASN R 58 -60.80 -3.37 31.08
N TYR R 59 -60.71 -4.68 30.82
CA TYR R 59 -61.92 -5.49 30.64
C TYR R 59 -62.73 -5.59 31.92
N GLU R 60 -62.08 -5.50 33.08
CA GLU R 60 -62.74 -5.58 34.37
C GLU R 60 -63.28 -4.24 34.85
N GLY R 61 -63.29 -3.22 34.00
CA GLY R 61 -63.92 -1.97 34.33
C GLY R 61 -63.08 -0.99 35.11
N SER R 62 -61.89 -1.37 35.57
CA SER R 62 -61.07 -0.45 36.35
C SER R 62 -59.96 0.15 35.49
N PRO R 63 -59.52 1.38 35.79
CA PRO R 63 -58.51 2.03 34.95
C PRO R 63 -57.11 1.44 35.10
N ILE R 64 -56.42 1.33 33.96
CA ILE R 64 -55.05 0.83 33.95
C ILE R 64 -54.17 1.81 33.20
N LYS R 65 -52.98 2.05 33.74
CA LYS R 65 -51.94 2.78 33.04
C LYS R 65 -51.04 1.77 32.34
N VAL R 66 -50.75 2.01 31.07
CA VAL R 66 -49.94 1.14 30.25
C VAL R 66 -48.83 1.94 29.59
N THR R 67 -47.63 1.37 29.53
CA THR R 67 -46.53 2.03 28.84
C THR R 67 -46.59 1.76 27.34
N LEU R 68 -46.67 2.82 26.56
CA LEU R 68 -46.65 2.63 25.11
C LEU R 68 -45.24 2.54 24.56
N ALA R 69 -44.35 3.39 25.04
CA ALA R 69 -43.03 3.49 24.43
C ALA R 69 -42.03 4.08 25.39
N THR R 70 -40.79 3.63 25.22
CA THR R 70 -39.62 4.19 25.85
C THR R 70 -38.71 4.73 24.75
N LEU R 71 -38.39 6.02 24.82
CA LEU R 71 -37.68 6.72 23.78
C LEU R 71 -36.46 7.42 24.36
N LYS R 72 -35.43 7.53 23.55
CA LYS R 72 -34.24 8.30 23.89
C LYS R 72 -33.67 8.84 22.60
N MET R 73 -33.37 10.14 22.60
CA MET R 73 -33.07 10.85 21.37
C MET R 73 -31.89 10.22 20.63
N SER R 74 -30.82 9.88 21.33
CA SER R 74 -29.62 9.34 20.68
C SER R 74 -29.66 7.83 20.48
N VAL R 75 -30.76 7.15 20.81
CA VAL R 75 -30.85 5.70 20.64
C VAL R 75 -32.03 5.32 19.76
N GLN R 76 -33.21 5.86 20.04
CA GLN R 76 -34.46 5.49 19.40
C GLN R 76 -35.42 6.67 19.51
N PRO R 77 -35.40 7.59 18.56
CA PRO R 77 -36.24 8.78 18.67
C PRO R 77 -37.71 8.53 18.35
N THR R 78 -38.03 7.47 17.59
CA THR R 78 -39.37 7.18 17.11
C THR R 78 -39.72 5.72 17.33
N VAL R 79 -40.96 5.48 17.76
CA VAL R 79 -41.51 4.14 17.87
C VAL R 79 -42.80 4.08 17.08
N SER R 80 -42.95 3.03 16.28
CA SER R 80 -44.16 2.78 15.50
C SER R 80 -44.98 1.69 16.19
N LEU R 81 -46.27 1.98 16.43
CA LEU R 81 -47.15 1.05 17.14
C LEU R 81 -48.03 0.23 16.21
N GLY R 82 -48.16 0.62 14.94
CA GLY R 82 -48.89 -0.17 13.97
C GLY R 82 -50.39 -0.17 14.10
N GLY R 83 -50.98 0.87 14.70
CA GLY R 83 -52.41 0.86 14.81
C GLY R 83 -52.85 0.19 16.10
N PHE R 84 -52.37 0.74 17.20
CA PHE R 84 -52.73 0.34 18.55
C PHE R 84 -54.06 1.04 18.82
N GLU R 85 -55.14 0.26 18.77
CA GLU R 85 -56.49 0.79 18.85
C GLU R 85 -56.93 0.85 20.31
N ILE R 86 -57.46 2.00 20.73
CA ILE R 86 -57.92 2.22 22.09
C ILE R 86 -59.28 2.90 22.04
N THR R 87 -60.20 2.43 22.89
CA THR R 87 -61.55 2.97 23.05
C THR R 87 -61.54 4.15 24.02
N PRO R 88 -62.08 5.31 23.62
CA PRO R 88 -62.18 6.45 24.55
C PRO R 88 -63.10 6.12 25.71
N PRO R 89 -62.90 6.77 26.87
CA PRO R 89 -61.86 7.77 27.20
C PRO R 89 -60.45 7.23 27.40
N VAL R 90 -59.45 7.99 26.96
CA VAL R 90 -58.05 7.64 27.16
C VAL R 90 -57.28 8.91 27.50
N VAL R 91 -56.36 8.80 28.44
CA VAL R 91 -55.42 9.87 28.73
C VAL R 91 -54.04 9.41 28.28
N LEU R 92 -53.31 10.32 27.63
CA LEU R 92 -51.93 10.12 27.22
C LEU R 92 -51.05 11.09 28.01
N ARG R 93 -49.93 10.60 28.53
CA ARG R 93 -49.04 11.46 29.33
C ARG R 93 -47.60 10.94 29.32
N LEU R 94 -46.70 11.83 29.69
CA LEU R 94 -45.29 11.50 29.88
C LEU R 94 -45.10 10.92 31.28
N LYS R 95 -44.68 9.67 31.37
CA LYS R 95 -44.38 9.11 32.69
C LYS R 95 -43.02 9.60 33.20
N CYS R 96 -42.12 9.94 32.29
CA CYS R 96 -40.90 10.64 32.67
C CYS R 96 -40.28 11.21 31.41
N GLY R 97 -39.35 12.14 31.60
CA GLY R 97 -38.89 12.98 30.51
C GLY R 97 -39.75 14.22 30.38
N SER R 98 -39.15 15.29 29.86
CA SER R 98 -39.86 16.56 29.75
C SER R 98 -40.47 16.79 28.39
N GLY R 99 -40.09 16.04 27.37
CA GLY R 99 -40.64 16.25 26.06
C GLY R 99 -40.01 17.46 25.39
N PRO R 100 -40.64 17.97 24.32
CA PRO R 100 -41.91 17.50 23.74
C PRO R 100 -41.82 16.12 23.08
N VAL R 101 -42.88 15.35 23.27
CA VAL R 101 -43.06 14.05 22.63
C VAL R 101 -44.30 14.14 21.78
N HIS R 102 -44.20 13.70 20.53
CA HIS R 102 -45.34 13.74 19.62
C HIS R 102 -45.95 12.36 19.45
N ILE R 103 -47.26 12.34 19.37
CA ILE R 103 -48.04 11.14 19.13
C ILE R 103 -48.91 11.41 17.91
N SER R 104 -48.97 10.45 17.01
CA SER R 104 -49.80 10.57 15.83
C SER R 104 -50.61 9.29 15.66
N GLY R 105 -51.73 9.42 14.98
CA GLY R 105 -52.54 8.27 14.70
C GLY R 105 -53.80 8.65 13.97
N GLN R 106 -54.75 7.74 14.02
CA GLN R 106 -56.03 7.87 13.34
C GLN R 106 -57.15 7.89 14.35
N HIS R 107 -58.10 8.76 14.12
CA HIS R 107 -59.35 8.78 14.83
C HIS R 107 -60.35 8.13 13.89
N LEU R 108 -60.90 6.98 14.30
CA LEU R 108 -61.83 6.24 13.47
C LEU R 108 -63.25 6.34 14.03
N VAL R 109 -64.19 6.65 13.14
CA VAL R 109 -65.63 6.73 13.41
C VAL R 109 -66.34 6.02 12.27
N ALA R 110 -67.24 5.11 12.58
CA ALA R 110 -67.98 4.48 11.48
C ALA R 110 -69.42 4.99 11.42
N ARG S 5 -65.09 -7.37 14.49
CA ARG S 5 -65.89 -6.73 15.54
C ARG S 5 -65.61 -7.07 17.03
N PRO S 6 -64.38 -7.42 17.43
CA PRO S 6 -64.15 -7.63 18.87
C PRO S 6 -64.30 -6.34 19.65
N GLN S 7 -64.79 -6.45 20.88
CA GLN S 7 -64.55 -5.36 21.81
C GLN S 7 -63.09 -5.43 22.25
N ASN S 8 -62.49 -4.26 22.42
CA ASN S 8 -61.09 -4.20 22.77
C ASN S 8 -60.91 -3.30 23.98
N TYR S 9 -60.18 -3.80 24.97
CA TYR S 9 -59.85 -3.10 26.20
C TYR S 9 -58.34 -2.99 26.31
N LEU S 10 -57.89 -1.96 27.02
CA LEU S 10 -56.46 -1.78 27.23
C LEU S 10 -55.91 -2.88 28.13
N PHE S 11 -54.72 -3.33 27.82
CA PHE S 11 -54.05 -4.30 28.65
C PHE S 11 -52.62 -3.83 28.92
N GLY S 12 -52.13 -4.10 30.13
CA GLY S 12 -50.73 -3.85 30.41
C GLY S 12 -50.29 -4.59 31.64
N CYS S 13 -48.99 -4.85 31.72
CA CYS S 13 -48.40 -5.45 32.91
C CYS S 13 -46.94 -5.05 33.02
N GLU S 14 -46.38 -5.31 34.19
CA GLU S 14 -44.98 -5.04 34.45
C GLU S 14 -44.33 -6.34 34.89
N LEU S 15 -43.17 -6.64 34.33
CA LEU S 15 -42.41 -7.83 34.70
C LEU S 15 -41.14 -7.41 35.43
N LYS S 16 -40.79 -8.16 36.46
CA LYS S 16 -39.52 -8.02 37.15
C LYS S 16 -38.92 -9.42 37.26
N ALA S 17 -37.65 -9.47 37.69
CA ALA S 17 -36.97 -10.75 37.88
C ALA S 17 -37.76 -11.67 38.80
N ASP S 18 -38.58 -11.09 39.68
CA ASP S 18 -39.33 -11.82 40.69
C ASP S 18 -40.83 -11.78 40.45
N LYS S 19 -41.25 -11.49 39.22
CA LYS S 19 -42.65 -11.13 38.98
C LYS S 19 -43.07 -11.64 37.60
N ASP S 20 -43.69 -12.81 37.58
CA ASP S 20 -44.47 -13.24 36.43
C ASP S 20 -45.70 -12.34 36.27
N TYR S 21 -46.38 -12.50 35.15
CA TYR S 21 -47.72 -12.00 35.02
C TYR S 21 -48.53 -13.11 34.36
N HIS S 22 -49.67 -13.44 34.93
CA HIS S 22 -50.52 -14.52 34.45
C HIS S 22 -51.77 -13.91 33.87
N PHE S 23 -51.95 -14.04 32.56
CA PHE S 23 -53.18 -13.60 31.89
C PHE S 23 -54.13 -14.79 31.93
N LYS S 24 -55.11 -14.72 32.82
CA LYS S 24 -55.97 -15.87 33.05
C LYS S 24 -57.11 -15.89 32.06
N VAL S 25 -58.26 -15.30 32.41
CA VAL S 25 -59.51 -15.49 31.64
C VAL S 25 -59.90 -16.98 31.75
N ASP S 26 -61.09 -17.28 32.24
CA ASP S 26 -62.17 -16.35 32.49
C ASP S 26 -63.11 -16.99 33.50
N ASN S 27 -64.35 -16.51 33.47
CA ASN S 27 -65.52 -17.30 33.82
C ASN S 27 -66.69 -16.83 32.95
N ASP S 28 -66.55 -17.01 31.64
CA ASP S 28 -67.59 -16.77 30.64
C ASP S 28 -67.23 -17.59 29.40
N GLU S 29 -67.95 -17.40 28.30
CA GLU S 29 -67.53 -17.94 27.00
C GLU S 29 -68.46 -17.50 25.89
N ASN S 30 -68.11 -16.54 25.01
CA ASN S 30 -67.00 -15.55 25.04
C ASN S 30 -65.57 -15.99 24.73
N GLU S 31 -65.07 -15.44 23.63
CA GLU S 31 -63.74 -15.70 23.10
C GLU S 31 -62.82 -14.55 23.48
N HIS S 32 -61.68 -14.88 24.09
CA HIS S 32 -60.74 -13.88 24.55
C HIS S 32 -59.41 -14.05 23.84
N GLN S 33 -58.78 -12.93 23.52
CA GLN S 33 -57.43 -12.93 22.99
C GLN S 33 -56.62 -11.82 23.63
N LEU S 34 -55.35 -12.12 23.87
CA LEU S 34 -54.36 -11.13 24.28
C LEU S 34 -53.62 -10.71 23.03
N SER S 35 -53.63 -9.43 22.71
CA SER S 35 -52.92 -8.95 21.53
C SER S 35 -51.77 -8.05 21.98
N LEU S 36 -50.55 -8.57 21.93
CA LEU S 36 -49.42 -7.83 22.45
C LEU S 36 -48.95 -6.77 21.47
N ARG S 37 -48.65 -5.58 21.97
CA ARG S 37 -48.20 -4.49 21.12
C ARG S 37 -46.76 -4.09 21.36
N THR S 38 -46.43 -3.55 22.54
CA THR S 38 -45.08 -3.09 22.79
C THR S 38 -44.50 -3.75 24.03
N VAL S 39 -43.21 -3.95 23.96
CA VAL S 39 -42.40 -4.33 25.10
C VAL S 39 -41.35 -3.24 25.25
N SER S 40 -41.28 -2.62 26.43
CA SER S 40 -40.32 -1.54 26.66
C SER S 40 -39.77 -1.58 28.07
N LEU S 41 -38.53 -1.15 28.21
CA LEU S 41 -37.85 -1.10 29.49
C LEU S 41 -38.33 0.09 30.34
N GLY S 42 -38.52 -0.15 31.64
CA GLY S 42 -38.86 0.92 32.55
C GLY S 42 -37.65 1.77 32.89
N ALA S 43 -37.94 2.94 33.47
CA ALA S 43 -36.92 3.95 33.71
C ALA S 43 -35.81 3.41 34.61
N GLY S 44 -36.15 2.59 35.60
CA GLY S 44 -35.12 2.14 36.48
C GLY S 44 -34.38 0.90 36.05
N ALA S 45 -34.66 0.37 34.87
CA ALA S 45 -33.98 -0.83 34.42
C ALA S 45 -32.51 -0.55 34.16
N LYS S 46 -31.64 -1.44 34.65
CA LYS S 46 -30.22 -1.32 34.34
C LYS S 46 -29.98 -1.72 32.89
N ASP S 47 -28.76 -1.45 32.42
CA ASP S 47 -28.38 -1.66 31.02
C ASP S 47 -27.88 -3.08 30.75
N GLU S 48 -28.55 -4.12 31.25
CA GLU S 48 -28.21 -5.50 30.94
C GLU S 48 -29.18 -6.00 29.88
N LEU S 49 -28.87 -7.17 29.34
CA LEU S 49 -29.79 -7.81 28.41
C LEU S 49 -31.08 -8.23 29.12
N HIS S 50 -32.22 -7.86 28.57
CA HIS S 50 -33.53 -8.30 29.04
C HIS S 50 -34.18 -9.19 28.00
N ILE S 51 -34.66 -10.35 28.44
CA ILE S 51 -35.36 -11.26 27.55
C ILE S 51 -36.74 -11.56 28.11
N VAL S 52 -37.75 -11.29 27.32
CA VAL S 52 -39.14 -11.47 27.72
C VAL S 52 -39.65 -12.74 27.08
N GLU S 53 -40.27 -13.57 27.89
CA GLU S 53 -40.73 -14.87 27.41
C GLU S 53 -42.23 -15.04 27.66
N ALA S 54 -42.87 -15.76 26.75
CA ALA S 54 -44.28 -16.08 26.86
C ALA S 54 -44.47 -17.58 26.87
N GLU S 55 -45.43 -18.04 27.67
CA GLU S 55 -45.77 -19.43 27.77
C GLU S 55 -47.27 -19.56 27.61
N ALA S 56 -47.68 -20.44 26.70
CA ALA S 56 -49.06 -20.74 26.39
C ALA S 56 -49.01 -22.14 25.75
N MET S 57 -50.08 -22.46 24.99
CA MET S 57 -50.22 -23.81 24.47
C MET S 57 -49.89 -23.86 22.99
N ASN S 58 -49.14 -24.88 22.59
CA ASN S 58 -48.89 -25.08 21.16
C ASN S 58 -50.02 -25.89 20.54
N TYR S 59 -49.91 -26.13 19.23
CA TYR S 59 -50.98 -26.79 18.49
C TYR S 59 -51.17 -28.24 18.92
N GLU S 60 -50.18 -28.87 19.54
CA GLU S 60 -50.37 -30.25 19.92
C GLU S 60 -50.86 -30.43 21.37
N GLY S 61 -51.10 -29.35 22.11
CA GLY S 61 -51.69 -29.45 23.42
C GLY S 61 -50.75 -29.19 24.58
N SER S 62 -49.46 -29.03 24.32
CA SER S 62 -48.49 -28.90 25.39
C SER S 62 -48.10 -27.43 25.59
N PRO S 63 -47.72 -27.04 26.81
CA PRO S 63 -47.22 -25.67 27.01
C PRO S 63 -45.82 -25.53 26.42
N ILE S 64 -45.59 -24.40 25.75
CA ILE S 64 -44.28 -24.10 25.20
C ILE S 64 -43.86 -22.71 25.63
N LYS S 65 -42.56 -22.56 25.90
CA LYS S 65 -41.96 -21.28 26.22
C LYS S 65 -41.37 -20.65 24.95
N VAL S 66 -41.60 -19.36 24.80
CA VAL S 66 -41.36 -18.64 23.58
C VAL S 66 -40.74 -17.30 23.93
N THR S 67 -39.73 -16.89 23.19
CA THR S 67 -39.12 -15.59 23.38
C THR S 67 -39.84 -14.55 22.54
N LEU S 68 -40.34 -13.50 23.21
CA LEU S 68 -40.98 -12.40 22.49
C LEU S 68 -39.97 -11.37 22.03
N ALA S 69 -39.02 -11.01 22.90
CA ALA S 69 -38.15 -9.88 22.60
C ALA S 69 -36.90 -9.93 23.45
N THR S 70 -35.82 -9.41 22.88
CA THR S 70 -34.57 -9.16 23.59
C THR S 70 -34.33 -7.67 23.57
N LEU S 71 -34.21 -7.06 24.74
CA LEU S 71 -34.07 -5.61 24.81
C LEU S 71 -32.86 -5.23 25.63
N LYS S 72 -32.33 -4.04 25.32
CA LYS S 72 -31.23 -3.46 26.09
C LYS S 72 -31.36 -1.94 26.02
N MET S 73 -31.20 -1.30 27.18
CA MET S 73 -31.53 0.12 27.29
C MET S 73 -30.74 0.99 26.32
N SER S 74 -29.44 0.74 26.17
CA SER S 74 -28.59 1.57 25.33
C SER S 74 -28.55 1.14 23.86
N VAL S 75 -29.35 0.17 23.47
CA VAL S 75 -29.39 -0.33 22.09
C VAL S 75 -30.78 -0.29 21.52
N GLN S 76 -31.76 -0.83 22.22
CA GLN S 76 -33.11 -0.96 21.74
C GLN S 76 -34.03 -1.02 22.94
N PRO S 77 -34.47 0.12 23.48
CA PRO S 77 -35.30 0.07 24.70
C PRO S 77 -36.75 -0.37 24.45
N THR S 78 -37.27 -0.32 23.22
CA THR S 78 -38.66 -0.68 22.92
C THR S 78 -38.71 -1.59 21.69
N VAL S 79 -39.57 -2.61 21.73
CA VAL S 79 -39.86 -3.47 20.60
C VAL S 79 -41.36 -3.44 20.37
N SER S 80 -41.77 -3.28 19.13
CA SER S 80 -43.18 -3.24 18.80
C SER S 80 -43.53 -4.55 18.13
N LEU S 81 -44.52 -5.28 18.67
CA LEU S 81 -44.87 -6.59 18.16
C LEU S 81 -46.01 -6.55 17.16
N GLY S 82 -46.71 -5.43 17.05
CA GLY S 82 -47.72 -5.24 16.02
C GLY S 82 -48.99 -6.06 16.17
N GLY S 83 -49.36 -6.45 17.39
CA GLY S 83 -50.57 -7.23 17.53
C GLY S 83 -50.32 -8.73 17.40
N PHE S 84 -49.46 -9.21 18.28
CA PHE S 84 -49.19 -10.63 18.44
C PHE S 84 -50.32 -11.20 19.31
N GLU S 85 -51.24 -11.96 18.71
CA GLU S 85 -52.38 -12.48 19.46
C GLU S 85 -52.07 -13.87 20.02
N ILE S 86 -52.43 -14.08 21.29
CA ILE S 86 -52.21 -15.32 22.01
C ILE S 86 -53.47 -15.69 22.78
N THR S 87 -53.85 -16.97 22.71
CA THR S 87 -55.04 -17.46 23.40
C THR S 87 -54.70 -17.76 24.86
N PRO S 88 -55.45 -17.22 25.83
CA PRO S 88 -55.21 -17.52 27.25
C PRO S 88 -55.47 -19.00 27.56
N PRO S 89 -54.88 -19.53 28.63
CA PRO S 89 -54.00 -18.85 29.60
C PRO S 89 -52.61 -18.55 29.02
N VAL S 90 -52.03 -17.41 29.42
CA VAL S 90 -50.70 -16.99 28.99
C VAL S 90 -49.93 -16.51 30.21
N VAL S 91 -48.67 -16.92 30.29
CA VAL S 91 -47.74 -16.46 31.31
C VAL S 91 -46.67 -15.63 30.61
N LEU S 92 -46.37 -14.44 31.14
CA LEU S 92 -45.29 -13.59 30.66
C LEU S 92 -44.28 -13.43 31.77
N ARG S 93 -42.99 -13.57 31.46
CA ARG S 93 -41.96 -13.49 32.48
C ARG S 93 -40.65 -12.99 31.88
N LEU S 94 -39.75 -12.55 32.77
CA LEU S 94 -38.38 -12.24 32.38
C LEU S 94 -37.58 -13.53 32.44
N LYS S 95 -37.08 -13.96 31.30
CA LYS S 95 -36.19 -15.10 31.28
C LYS S 95 -34.79 -14.69 31.70
N CYS S 96 -34.42 -13.43 31.53
CA CYS S 96 -33.21 -12.88 32.12
C CYS S 96 -33.31 -11.36 32.13
N GLY S 97 -32.46 -10.74 32.92
CA GLY S 97 -32.64 -9.32 33.23
C GLY S 97 -33.53 -9.11 34.44
N SER S 98 -33.31 -7.98 35.13
CA SER S 98 -34.02 -7.70 36.37
C SER S 98 -35.28 -6.86 36.18
N GLY S 99 -35.44 -6.19 35.04
CA GLY S 99 -36.58 -5.34 34.80
C GLY S 99 -36.47 -4.02 35.55
N PRO S 100 -37.57 -3.25 35.65
CA PRO S 100 -38.91 -3.54 35.12
C PRO S 100 -39.00 -3.50 33.61
N VAL S 101 -39.80 -4.38 33.05
CA VAL S 101 -40.13 -4.38 31.64
C VAL S 101 -41.64 -4.25 31.54
N HIS S 102 -42.10 -3.32 30.71
CA HIS S 102 -43.51 -3.05 30.52
C HIS S 102 -44.01 -3.71 29.25
N ILE S 103 -45.23 -4.20 29.33
CA ILE S 103 -45.91 -4.80 28.19
C ILE S 103 -47.24 -4.09 28.04
N SER S 104 -47.57 -3.75 26.82
CA SER S 104 -48.84 -3.11 26.51
C SER S 104 -49.49 -3.89 25.40
N GLY S 105 -50.80 -3.83 25.36
CA GLY S 105 -51.53 -4.48 24.30
C GLY S 105 -53.00 -4.32 24.51
N GLN S 106 -53.76 -5.17 23.82
CA GLN S 106 -55.21 -5.15 23.86
C GLN S 106 -55.71 -6.48 24.39
N HIS S 107 -56.77 -6.42 25.18
CA HIS S 107 -57.53 -7.59 25.54
C HIS S 107 -58.76 -7.59 24.63
N LEU S 108 -58.84 -8.58 23.73
CA LEU S 108 -59.95 -8.68 22.79
C LEU S 108 -60.97 -9.71 23.27
N VAL S 109 -62.24 -9.32 23.18
CA VAL S 109 -63.37 -10.15 23.58
C VAL S 109 -64.37 -10.17 22.43
N ALA S 110 -64.75 -11.37 22.00
CA ALA S 110 -65.74 -11.58 20.96
C ALA S 110 -67.00 -12.04 21.66
N VAL S 111 -67.98 -11.15 21.78
CA VAL S 111 -69.15 -11.36 22.62
C VAL S 111 -70.28 -12.02 21.84
N ARG T 5 -57.42 -17.37 9.88
CA ARG T 5 -58.82 -17.46 10.54
C ARG T 5 -58.63 -18.18 11.87
N PRO T 6 -59.66 -18.15 12.62
CA PRO T 6 -59.76 -18.89 13.89
C PRO T 6 -58.77 -20.02 14.26
N GLN T 7 -58.46 -20.11 15.57
CA GLN T 7 -57.53 -21.07 16.13
C GLN T 7 -56.13 -20.63 15.81
N ASN T 8 -55.50 -20.03 16.80
CA ASN T 8 -54.10 -19.68 16.75
C ASN T 8 -53.47 -20.24 18.01
N TYR T 9 -52.31 -20.86 17.84
CA TYR T 9 -51.55 -21.45 18.92
C TYR T 9 -50.19 -20.78 18.97
N LEU T 10 -49.59 -20.76 20.14
CA LEU T 10 -48.25 -20.20 20.22
C LEU T 10 -47.29 -21.08 19.42
N PHE T 11 -46.37 -20.44 18.72
CA PHE T 11 -45.31 -21.15 18.04
C PHE T 11 -43.98 -20.52 18.44
N GLY T 12 -42.97 -21.37 18.62
CA GLY T 12 -41.64 -20.87 18.87
C GLY T 12 -40.60 -21.94 18.60
N CYS T 13 -39.38 -21.49 18.34
CA CYS T 13 -38.27 -22.43 18.19
C CYS T 13 -36.96 -21.70 18.45
N GLU T 14 -35.91 -22.50 18.58
CA GLU T 14 -34.56 -22.00 18.80
C GLU T 14 -33.69 -22.51 17.66
N LEU T 15 -32.94 -21.60 17.03
CA LEU T 15 -32.01 -21.94 15.98
C LEU T 15 -30.59 -21.76 16.51
N LYS T 16 -29.71 -22.69 16.15
CA LYS T 16 -28.29 -22.62 16.44
C LYS T 16 -27.53 -22.97 15.18
N ALA T 17 -26.21 -22.80 15.22
CA ALA T 17 -25.40 -23.15 14.05
C ALA T 17 -25.67 -24.60 13.62
N ASP T 18 -25.93 -25.50 14.57
CA ASP T 18 -26.15 -26.91 14.24
C ASP T 18 -27.59 -27.37 14.48
N LYS T 19 -28.56 -26.47 14.45
CA LYS T 19 -29.94 -26.84 14.73
C LYS T 19 -30.86 -26.00 13.85
N ASP T 20 -31.44 -26.63 12.84
CA ASP T 20 -32.50 -26.02 12.06
C ASP T 20 -33.82 -26.25 12.79
N TYR T 21 -34.91 -25.67 12.30
CA TYR T 21 -36.23 -26.10 12.73
C TYR T 21 -37.08 -26.44 11.52
N HIS T 22 -37.75 -27.59 11.56
CA HIS T 22 -38.56 -28.06 10.45
C HIS T 22 -40.03 -28.03 10.87
N PHE T 23 -40.78 -27.10 10.29
CA PHE T 23 -42.23 -27.01 10.46
C PHE T 23 -42.97 -27.49 9.19
N LYS T 24 -43.94 -28.42 9.22
CA LYS T 24 -44.39 -29.40 10.22
C LYS T 24 -45.68 -29.91 9.57
N VAL T 25 -46.75 -30.02 10.36
CA VAL T 25 -48.12 -30.14 9.84
C VAL T 25 -48.37 -31.50 9.20
N ASP T 26 -49.04 -32.38 9.93
CA ASP T 26 -49.31 -33.74 9.51
C ASP T 26 -50.42 -33.72 8.45
N ASN T 27 -50.85 -34.91 8.06
CA ASN T 27 -51.85 -35.07 7.00
C ASN T 27 -53.20 -34.49 7.37
N ASP T 28 -53.21 -33.48 8.25
CA ASP T 28 -54.43 -32.81 8.68
C ASP T 28 -55.23 -32.32 7.47
N GLU T 29 -56.54 -32.18 7.66
CA GLU T 29 -57.42 -31.73 6.58
C GLU T 29 -57.58 -30.22 6.57
N ASN T 30 -57.58 -29.57 7.76
CA ASN T 30 -57.63 -28.12 7.82
C ASN T 30 -56.40 -27.51 7.16
N GLU T 31 -56.46 -26.20 6.93
CA GLU T 31 -55.37 -25.47 6.31
C GLU T 31 -54.54 -24.80 7.39
N HIS T 32 -53.22 -25.01 7.33
CA HIS T 32 -52.29 -24.48 8.32
C HIS T 32 -51.51 -23.30 7.75
N GLN T 33 -51.20 -22.34 8.60
CA GLN T 33 -50.26 -21.28 8.27
C GLN T 33 -49.36 -21.01 9.46
N LEU T 34 -48.09 -20.77 9.17
CA LEU T 34 -47.12 -20.31 10.16
C LEU T 34 -46.99 -18.79 10.01
N SER T 35 -47.27 -18.06 11.09
CA SER T 35 -47.19 -16.60 11.06
C SER T 35 -46.05 -16.14 11.96
N LEU T 36 -44.94 -15.73 11.35
CA LEU T 36 -43.77 -15.36 12.13
C LEU T 36 -43.89 -13.94 12.67
N ARG T 37 -43.52 -13.77 13.95
CA ARG T 37 -43.65 -12.48 14.62
C ARG T 37 -42.31 -11.87 14.92
N THR T 38 -41.49 -12.47 15.79
CA THR T 38 -40.19 -11.90 16.13
C THR T 38 -39.08 -12.91 15.94
N VAL T 39 -37.91 -12.37 15.63
CA VAL T 39 -36.64 -13.06 15.65
C VAL T 39 -35.76 -12.30 16.64
N SER T 40 -35.22 -12.99 17.63
CA SER T 40 -34.40 -12.28 18.62
C SER T 40 -33.22 -13.12 19.06
N LEU T 41 -32.13 -12.44 19.40
CA LEU T 41 -30.93 -13.12 19.85
C LEU T 41 -31.07 -13.58 21.28
N GLY T 42 -30.62 -14.80 21.55
CA GLY T 42 -30.59 -15.32 22.90
C GLY T 42 -29.47 -14.70 23.73
N ALA T 43 -29.55 -14.93 25.05
CA ALA T 43 -28.59 -14.35 25.99
C ALA T 43 -27.15 -14.75 25.68
N GLY T 44 -26.94 -15.98 25.22
CA GLY T 44 -25.61 -16.45 24.95
C GLY T 44 -25.05 -16.18 23.57
N ALA T 45 -25.76 -15.45 22.71
CA ALA T 45 -25.24 -15.19 21.37
C ALA T 45 -24.03 -14.28 21.45
N LYS T 46 -22.99 -14.58 20.68
CA LYS T 46 -21.89 -13.64 20.59
C LYS T 46 -22.34 -12.45 19.72
N ASP T 47 -21.46 -11.46 19.58
CA ASP T 47 -21.80 -10.25 18.83
C ASP T 47 -21.38 -10.33 17.36
N GLU T 48 -21.64 -11.44 16.68
CA GLU T 48 -21.37 -11.55 15.26
C GLU T 48 -22.67 -11.35 14.50
N LEU T 49 -22.56 -11.18 13.19
CA LEU T 49 -23.75 -11.07 12.36
C LEU T 49 -24.53 -12.40 12.34
N HIS T 50 -25.84 -12.34 12.59
CA HIS T 50 -26.71 -13.49 12.46
C HIS T 50 -27.71 -13.24 11.35
N ILE T 51 -27.85 -14.21 10.45
CA ILE T 51 -28.79 -14.09 9.35
C ILE T 51 -29.71 -15.29 9.40
N VAL T 52 -31.01 -15.02 9.49
CA VAL T 52 -32.03 -16.04 9.62
C VAL T 52 -32.68 -16.21 8.27
N GLU T 53 -32.81 -17.46 7.83
CA GLU T 53 -33.31 -17.79 6.52
C GLU T 53 -34.49 -18.74 6.60
N ALA T 54 -35.40 -18.62 5.64
CA ALA T 54 -36.56 -19.50 5.53
C ALA T 54 -36.57 -20.18 4.17
N GLU T 55 -37.00 -21.42 4.14
CA GLU T 55 -37.10 -22.18 2.91
C GLU T 55 -38.51 -22.73 2.80
N ALA T 56 -39.16 -22.46 1.67
CA ALA T 56 -40.51 -22.93 1.38
C ALA T 56 -40.71 -22.84 -0.13
N MET T 57 -41.93 -23.10 -0.58
CA MET T 57 -42.23 -23.16 -2.00
C MET T 57 -42.60 -21.78 -2.52
N ASN T 58 -42.22 -21.51 -3.77
CA ASN T 58 -42.62 -20.28 -4.42
C ASN T 58 -43.87 -20.51 -5.27
N TYR T 59 -44.32 -19.44 -5.93
CA TYR T 59 -45.53 -19.50 -6.75
C TYR T 59 -45.41 -20.53 -7.87
N GLU T 60 -44.22 -20.72 -8.43
CA GLU T 60 -44.04 -21.64 -9.54
C GLU T 60 -43.81 -23.10 -9.10
N GLY T 61 -43.78 -23.40 -7.81
CA GLY T 61 -43.76 -24.77 -7.34
C GLY T 61 -42.43 -25.29 -6.84
N SER T 62 -41.35 -24.53 -6.97
CA SER T 62 -40.02 -24.99 -6.59
C SER T 62 -39.60 -24.37 -5.26
N PRO T 63 -38.68 -25.01 -4.53
CA PRO T 63 -38.24 -24.44 -3.25
C PRO T 63 -37.40 -23.18 -3.41
N ILE T 64 -37.65 -22.22 -2.52
CA ILE T 64 -36.95 -20.95 -2.50
C ILE T 64 -36.40 -20.73 -1.09
N LYS T 65 -35.17 -20.24 -1.00
CA LYS T 65 -34.56 -19.84 0.26
C LYS T 65 -34.62 -18.32 0.36
N VAL T 66 -34.98 -17.83 1.54
CA VAL T 66 -35.26 -16.41 1.72
C VAL T 66 -34.67 -15.94 3.03
N THR T 67 -34.10 -14.74 3.05
CA THR T 67 -33.59 -14.12 4.27
C THR T 67 -34.71 -13.39 4.99
N LEU T 68 -34.97 -13.76 6.26
CA LEU T 68 -35.94 -13.10 7.11
C LEU T 68 -35.40 -11.90 7.88
N ALA T 69 -34.18 -12.01 8.42
CA ALA T 69 -33.67 -10.98 9.32
C ALA T 69 -32.16 -11.08 9.39
N THR T 70 -31.53 -9.92 9.58
CA THR T 70 -30.11 -9.81 9.92
C THR T 70 -30.01 -9.14 11.27
N LEU T 71 -29.37 -9.81 12.22
CA LEU T 71 -29.34 -9.32 13.59
C LEU T 71 -27.92 -9.30 14.11
N LYS T 72 -27.68 -8.42 15.06
CA LYS T 72 -26.40 -8.32 15.73
C LYS T 72 -26.65 -7.75 17.12
N MET T 73 -26.04 -8.37 18.14
CA MET T 73 -26.42 -8.09 19.51
C MET T 73 -26.27 -6.62 19.88
N SER T 74 -25.18 -5.99 19.44
CA SER T 74 -24.92 -4.61 19.84
C SER T 74 -25.58 -3.56 18.93
N VAL T 75 -26.35 -3.95 17.91
CA VAL T 75 -26.93 -2.99 16.99
C VAL T 75 -28.44 -3.17 16.94
N GLN T 76 -28.91 -4.41 16.76
CA GLN T 76 -30.32 -4.76 16.59
C GLN T 76 -30.54 -6.22 17.03
N PRO T 77 -30.81 -6.45 18.32
CA PRO T 77 -30.99 -7.83 18.79
C PRO T 77 -32.33 -8.45 18.43
N THR T 78 -33.36 -7.64 18.11
CA THR T 78 -34.70 -8.14 17.86
C THR T 78 -35.23 -7.53 16.59
N VAL T 79 -35.92 -8.34 15.80
CA VAL T 79 -36.64 -7.88 14.62
C VAL T 79 -38.09 -8.33 14.70
N SER T 80 -39.01 -7.42 14.44
CA SER T 80 -40.42 -7.77 14.42
C SER T 80 -40.86 -7.88 12.98
N LEU T 81 -41.46 -9.02 12.64
CA LEU T 81 -41.89 -9.28 11.28
C LEU T 81 -43.36 -8.98 11.04
N GLY T 82 -44.13 -8.77 12.11
CA GLY T 82 -45.51 -8.33 11.96
C GLY T 82 -46.45 -9.36 11.39
N GLY T 83 -46.18 -10.65 11.57
CA GLY T 83 -47.11 -11.63 11.03
C GLY T 83 -46.76 -12.00 9.60
N PHE T 84 -45.55 -12.56 9.41
CA PHE T 84 -45.10 -13.08 8.12
C PHE T 84 -45.56 -14.52 8.01
N GLU T 85 -46.57 -14.75 7.19
CA GLU T 85 -47.20 -16.06 7.11
C GLU T 85 -46.71 -16.87 5.92
N ILE T 86 -46.42 -18.12 6.21
CA ILE T 86 -45.84 -19.04 5.25
C ILE T 86 -46.63 -20.33 5.32
N THR T 87 -46.92 -20.88 4.18
CA THR T 87 -47.61 -22.16 4.15
C THR T 87 -46.60 -23.27 4.39
N PRO T 88 -46.83 -24.17 5.36
CA PRO T 88 -45.94 -25.33 5.61
C PRO T 88 -45.94 -26.28 4.42
N PRO T 89 -44.87 -27.07 4.23
CA PRO T 89 -43.65 -27.16 5.05
C PRO T 89 -42.71 -25.97 4.87
N VAL T 90 -42.07 -25.58 5.96
CA VAL T 90 -41.08 -24.51 5.96
C VAL T 90 -39.93 -24.95 6.85
N VAL T 91 -38.71 -24.66 6.41
CA VAL T 91 -37.50 -24.85 7.18
C VAL T 91 -37.00 -23.48 7.59
N LEU T 92 -36.61 -23.35 8.85
CA LEU T 92 -35.95 -22.17 9.35
C LEU T 92 -34.53 -22.53 9.75
N ARG T 93 -33.58 -21.69 9.37
CA ARG T 93 -32.20 -21.99 9.69
C ARG T 93 -31.38 -20.72 9.77
N LEU T 94 -30.25 -20.84 10.45
CA LEU T 94 -29.22 -19.81 10.50
C LEU T 94 -28.30 -19.96 9.29
N LYS T 95 -28.29 -18.94 8.45
CA LYS T 95 -27.40 -18.89 7.31
C LYS T 95 -26.00 -18.48 7.73
N CYS T 96 -25.88 -17.71 8.82
CA CYS T 96 -24.60 -17.49 9.47
C CYS T 96 -24.86 -16.94 10.88
N GLY T 97 -23.82 -17.00 11.70
CA GLY T 97 -23.94 -16.83 13.13
C GLY T 97 -24.19 -18.16 13.81
N SER T 98 -23.75 -18.26 15.08
CA SER T 98 -23.90 -19.49 15.85
C SER T 98 -25.14 -19.54 16.74
N GLY T 99 -25.82 -18.41 16.98
CA GLY T 99 -26.99 -18.38 17.83
C GLY T 99 -26.65 -18.43 19.32
N PRO T 100 -27.64 -18.75 20.15
CA PRO T 100 -29.03 -19.10 19.79
C PRO T 100 -29.86 -17.93 19.24
N VAL T 101 -30.73 -18.23 18.29
CA VAL T 101 -31.70 -17.27 17.79
C VAL T 101 -33.07 -17.84 18.08
N HIS T 102 -33.93 -17.04 18.71
CA HIS T 102 -35.27 -17.50 19.03
C HIS T 102 -36.24 -16.94 18.03
N ILE T 103 -37.21 -17.76 17.63
CA ILE T 103 -38.27 -17.32 16.73
C ILE T 103 -39.59 -17.58 17.42
N SER T 104 -40.48 -16.60 17.33
CA SER T 104 -41.80 -16.70 17.90
C SER T 104 -42.83 -16.34 16.85
N GLY T 105 -44.01 -16.92 17.00
CA GLY T 105 -45.08 -16.63 16.09
C GLY T 105 -46.32 -17.40 16.48
N GLN T 106 -47.24 -17.50 15.53
CA GLN T 106 -48.52 -18.14 15.73
C GLN T 106 -48.63 -19.31 14.77
N HIS T 107 -49.21 -20.40 15.24
CA HIS T 107 -49.59 -21.49 14.37
C HIS T 107 -51.09 -21.39 14.19
N LEU T 108 -51.52 -21.09 12.97
CA LEU T 108 -52.91 -20.86 12.64
C LEU T 108 -53.48 -22.07 11.93
N VAL T 109 -54.69 -22.51 12.33
CA VAL T 109 -55.35 -23.64 11.71
C VAL T 109 -56.78 -23.26 11.34
N ALA T 110 -57.18 -23.57 10.11
CA ALA T 110 -58.53 -23.30 9.60
C ALA T 110 -59.61 -23.75 10.57
CL CL U . 29.48 -1.80 -16.60
CL CL V . -17.22 5.61 20.62
CL CL W . 17.89 -5.54 -21.48
CL CL X . -29.32 1.40 16.61
#